data_1X5M
#
_entry.id   1X5M
#
_entity_poly.entity_id   1
_entity_poly.type   'polypeptide(L)'
_entity_poly.pdbx_seq_one_letter_code
;GSSGSSGVVAPITTGYTVKISNYGWDQSDKFVKIYITLTGVHQVPTENVQVHFTERSFDLLVKNLNGKSYSMIVNNLLKP
ISVEGSSKKVKTDTVLILCRKKVENTRWDYLTQVEKECKEKSGPSSG
;
_entity_poly.pdbx_strand_id   A
#
# COMPACT_ATOMS: atom_id res chain seq x y z
N GLY A 1 22.18 31.44 17.27
CA GLY A 1 21.47 30.28 17.77
C GLY A 1 22.45 29.15 18.11
N SER A 2 22.04 27.94 17.76
CA SER A 2 22.86 26.77 18.01
C SER A 2 22.99 26.54 19.52
N SER A 3 22.12 25.67 20.02
CA SER A 3 22.12 25.35 21.44
C SER A 3 21.17 24.18 21.72
N GLY A 4 21.71 23.15 22.37
CA GLY A 4 20.93 21.98 22.68
C GLY A 4 21.81 20.86 23.23
N SER A 5 21.18 19.91 23.91
CA SER A 5 21.90 18.79 24.48
C SER A 5 20.93 17.91 25.29
N SER A 6 21.08 16.61 25.09
CA SER A 6 20.23 15.65 25.79
C SER A 6 20.57 14.23 25.35
N GLY A 7 20.20 13.28 26.18
CA GLY A 7 20.46 11.87 25.90
C GLY A 7 19.74 10.96 26.90
N VAL A 8 18.77 10.23 26.37
CA VAL A 8 17.99 9.33 27.20
C VAL A 8 17.93 7.96 26.52
N VAL A 9 17.80 6.93 27.34
CA VAL A 9 17.73 5.57 26.84
C VAL A 9 16.31 5.29 26.33
N ALA A 10 16.24 4.49 25.27
CA ALA A 10 14.96 4.14 24.68
C ALA A 10 14.85 2.62 24.57
N PRO A 11 13.81 2.07 25.25
CA PRO A 11 13.59 0.63 25.22
C PRO A 11 13.00 0.19 23.88
N ILE A 12 12.71 -1.10 23.79
CA ILE A 12 12.15 -1.66 22.58
C ILE A 12 10.75 -1.08 22.36
N THR A 13 10.67 -0.18 21.39
CA THR A 13 9.41 0.45 21.06
C THR A 13 9.09 0.29 19.58
N THR A 14 8.02 -0.43 19.30
CA THR A 14 7.60 -0.67 17.94
C THR A 14 8.82 -0.89 17.04
N GLY A 15 8.64 -0.57 15.76
CA GLY A 15 9.71 -0.73 14.80
C GLY A 15 9.24 -1.50 13.57
N TYR A 16 9.09 -2.81 13.75
CA TYR A 16 8.64 -3.67 12.67
C TYR A 16 7.20 -3.36 12.28
N THR A 17 6.85 -3.73 11.07
CA THR A 17 5.50 -3.50 10.56
C THR A 17 4.97 -4.74 9.84
N VAL A 18 3.67 -4.93 9.93
CA VAL A 18 3.03 -6.08 9.29
C VAL A 18 2.94 -5.83 7.78
N LYS A 19 2.99 -6.92 7.04
CA LYS A 19 2.91 -6.83 5.58
C LYS A 19 1.50 -7.19 5.13
N ILE A 20 0.84 -6.21 4.52
CA ILE A 20 -0.52 -6.41 4.04
C ILE A 20 -0.48 -7.23 2.74
N SER A 21 -0.64 -8.53 2.91
CA SER A 21 -0.62 -9.44 1.77
C SER A 21 -1.98 -9.39 1.06
N ASN A 22 -3.02 -9.71 1.82
CA ASN A 22 -4.37 -9.71 1.27
C ASN A 22 -4.97 -8.31 1.40
N TYR A 23 -5.32 -7.75 0.24
CA TYR A 23 -5.90 -6.41 0.21
C TYR A 23 -6.87 -6.28 -0.96
N GLY A 24 -8.05 -5.77 -0.66
CA GLY A 24 -9.07 -5.57 -1.68
C GLY A 24 -8.82 -4.29 -2.47
N TRP A 25 -9.01 -4.39 -3.78
CA TRP A 25 -8.80 -3.26 -4.65
C TRP A 25 -9.85 -3.32 -5.77
N ASP A 26 -10.24 -2.15 -6.24
CA ASP A 26 -11.22 -2.06 -7.31
C ASP A 26 -10.88 -0.88 -8.22
N GLN A 27 -11.29 -1.01 -9.48
CA GLN A 27 -11.03 0.03 -10.46
C GLN A 27 -12.30 0.33 -11.26
N SER A 28 -12.46 1.60 -11.61
CA SER A 28 -13.62 2.03 -12.38
C SER A 28 -13.19 3.06 -13.43
N ASP A 29 -13.96 3.11 -14.50
CA ASP A 29 -13.68 4.03 -15.58
C ASP A 29 -13.83 5.47 -15.07
N LYS A 30 -12.81 5.92 -14.35
CA LYS A 30 -12.82 7.26 -13.80
C LYS A 30 -11.64 7.43 -12.84
N PHE A 31 -11.58 6.52 -11.87
CA PHE A 31 -10.51 6.55 -10.89
C PHE A 31 -10.30 5.16 -10.28
N VAL A 32 -9.20 5.04 -9.53
CA VAL A 32 -8.87 3.78 -8.89
C VAL A 32 -8.89 3.97 -7.37
N LYS A 33 -9.38 2.94 -6.69
CA LYS A 33 -9.46 2.99 -5.23
C LYS A 33 -9.22 1.58 -4.68
N ILE A 34 -8.54 1.53 -3.54
CA ILE A 34 -8.24 0.26 -2.91
C ILE A 34 -8.90 0.24 -1.52
N TYR A 35 -9.24 -0.96 -1.09
CA TYR A 35 -9.88 -1.15 0.21
C TYR A 35 -9.23 -2.31 0.97
N ILE A 36 -8.56 -1.96 2.05
CA ILE A 36 -7.89 -2.95 2.87
C ILE A 36 -8.61 -3.06 4.22
N THR A 37 -8.58 -4.25 4.78
CA THR A 37 -9.22 -4.49 6.07
C THR A 37 -8.22 -4.31 7.21
N LEU A 38 -8.35 -3.17 7.89
CA LEU A 38 -7.47 -2.86 8.99
C LEU A 38 -8.29 -2.31 10.16
N THR A 39 -8.51 -3.16 11.16
CA THR A 39 -9.27 -2.77 12.32
C THR A 39 -8.41 -1.94 13.27
N GLY A 40 -8.74 -0.65 13.33
CA GLY A 40 -8.01 0.27 14.18
C GLY A 40 -7.44 1.44 13.38
N VAL A 41 -7.30 1.21 12.08
CA VAL A 41 -6.78 2.23 11.20
C VAL A 41 -7.68 3.46 11.26
N HIS A 42 -8.91 3.24 11.68
CA HIS A 42 -9.87 4.32 11.80
C HIS A 42 -9.79 4.94 13.19
N GLN A 43 -8.85 4.43 13.97
CA GLN A 43 -8.66 4.93 15.32
C GLN A 43 -7.30 5.63 15.44
N VAL A 44 -6.37 5.19 14.60
CA VAL A 44 -5.04 5.77 14.60
C VAL A 44 -5.07 7.13 13.91
N PRO A 45 -4.11 8.00 14.31
CA PRO A 45 -4.02 9.34 13.74
C PRO A 45 -3.44 9.29 12.33
N THR A 46 -3.52 10.43 11.65
CA THR A 46 -3.01 10.53 10.29
C THR A 46 -1.48 10.57 10.31
N GLU A 47 -0.93 10.60 11.52
CA GLU A 47 0.52 10.64 11.68
C GLU A 47 1.10 9.23 11.63
N ASN A 48 0.27 8.27 11.97
CA ASN A 48 0.69 6.88 11.96
C ASN A 48 0.43 6.27 10.59
N VAL A 49 -0.31 7.02 9.78
CA VAL A 49 -0.64 6.58 8.44
C VAL A 49 0.10 7.45 7.42
N GLN A 50 1.15 6.88 6.84
CA GLN A 50 1.94 7.59 5.85
C GLN A 50 1.85 6.90 4.49
N VAL A 51 1.22 7.59 3.56
CA VAL A 51 1.06 7.05 2.22
C VAL A 51 1.50 8.10 1.19
N HIS A 52 2.21 7.62 0.17
CA HIS A 52 2.70 8.50 -0.87
C HIS A 52 2.29 7.95 -2.24
N PHE A 53 1.75 8.85 -3.06
CA PHE A 53 1.31 8.46 -4.39
C PHE A 53 2.34 8.88 -5.44
N THR A 54 2.41 8.06 -6.50
CA THR A 54 3.35 8.33 -7.58
C THR A 54 2.63 8.29 -8.92
N GLU A 55 3.42 8.21 -9.98
CA GLU A 55 2.88 8.16 -11.33
C GLU A 55 2.35 6.76 -11.64
N ARG A 56 3.08 5.76 -11.17
CA ARG A 56 2.70 4.38 -11.39
C ARG A 56 3.03 3.54 -10.15
N SER A 57 2.52 3.99 -9.01
CA SER A 57 2.75 3.28 -7.76
C SER A 57 2.16 4.09 -6.60
N PHE A 58 2.21 3.49 -5.42
CA PHE A 58 1.68 4.12 -4.23
C PHE A 58 2.05 3.34 -2.98
N ASP A 59 2.64 4.03 -2.02
CA ASP A 59 3.04 3.41 -0.77
C ASP A 59 2.08 3.84 0.34
N LEU A 60 1.83 2.91 1.27
CA LEU A 60 0.94 3.18 2.37
C LEU A 60 1.48 2.49 3.64
N LEU A 61 1.84 3.33 4.61
CA LEU A 61 2.38 2.82 5.86
C LEU A 61 1.33 3.02 6.97
N VAL A 62 1.37 2.10 7.92
CA VAL A 62 0.44 2.16 9.05
C VAL A 62 1.14 1.70 10.32
N LYS A 63 1.35 2.64 11.23
CA LYS A 63 2.00 2.33 12.49
C LYS A 63 0.98 2.37 13.62
N ASN A 64 1.36 1.79 14.75
CA ASN A 64 0.49 1.76 15.92
C ASN A 64 -0.94 1.46 15.45
N LEU A 65 -1.28 0.19 15.42
CA LEU A 65 -2.60 -0.24 15.01
C LEU A 65 -3.20 -1.14 16.09
N ASN A 66 -3.71 -2.28 15.64
CA ASN A 66 -4.32 -3.24 16.56
C ASN A 66 -3.21 -4.02 17.28
N GLY A 67 -2.56 -3.33 18.21
CA GLY A 67 -1.49 -3.95 18.98
C GLY A 67 -0.30 -4.29 18.07
N LYS A 68 -0.25 -3.62 16.93
CA LYS A 68 0.82 -3.86 15.98
C LYS A 68 0.74 -2.79 14.87
N SER A 69 1.67 -2.90 13.93
CA SER A 69 1.73 -1.97 12.82
C SER A 69 1.59 -2.73 11.50
N TYR A 70 1.08 -2.03 10.50
CA TYR A 70 0.89 -2.62 9.19
C TYR A 70 1.52 -1.74 8.10
N SER A 71 1.94 -2.38 7.02
CA SER A 71 2.55 -1.69 5.92
C SER A 71 2.01 -2.23 4.59
N MET A 72 1.85 -1.32 3.63
CA MET A 72 1.35 -1.70 2.32
C MET A 72 1.88 -0.76 1.24
N ILE A 73 2.60 -1.35 0.30
CA ILE A 73 3.18 -0.58 -0.79
C ILE A 73 2.95 -1.32 -2.11
N VAL A 74 2.73 -0.54 -3.16
CA VAL A 74 2.49 -1.11 -4.48
C VAL A 74 3.44 -0.46 -5.49
N ASN A 75 4.26 -1.31 -6.11
CA ASN A 75 5.21 -0.83 -7.09
C ASN A 75 4.86 -1.41 -8.46
N ASN A 76 4.72 -0.52 -9.43
CA ASN A 76 4.40 -0.93 -10.79
C ASN A 76 2.88 -1.10 -10.91
N LEU A 77 2.24 -0.06 -11.43
CA LEU A 77 0.80 -0.08 -11.60
C LEU A 77 0.47 -0.22 -13.10
N LEU A 78 -0.46 -1.11 -13.38
CA LEU A 78 -0.87 -1.36 -14.74
C LEU A 78 -0.93 -0.03 -15.50
N LYS A 79 -1.61 0.94 -14.90
CA LYS A 79 -1.75 2.25 -15.50
C LYS A 79 -1.23 3.32 -14.52
N PRO A 80 -0.88 4.50 -15.09
CA PRO A 80 -0.38 5.59 -14.27
C PRO A 80 -1.53 6.26 -13.50
N ILE A 81 -1.13 7.09 -12.54
CA ILE A 81 -2.11 7.80 -11.72
C ILE A 81 -1.57 9.19 -11.39
N SER A 82 -2.50 10.07 -11.03
CA SER A 82 -2.13 11.43 -10.69
C SER A 82 -1.87 11.55 -9.19
N VAL A 83 -0.65 11.97 -8.87
CA VAL A 83 -0.26 12.12 -7.48
C VAL A 83 -1.06 13.25 -6.84
N GLU A 84 -0.77 14.47 -7.30
CA GLU A 84 -1.46 15.64 -6.79
C GLU A 84 -2.96 15.35 -6.63
N GLY A 85 -3.50 14.64 -7.61
CA GLY A 85 -4.91 14.30 -7.59
C GLY A 85 -5.16 13.11 -6.66
N SER A 86 -4.18 12.23 -6.58
CA SER A 86 -4.28 11.05 -5.74
C SER A 86 -4.56 11.47 -4.30
N SER A 87 -5.41 10.69 -3.65
CA SER A 87 -5.77 10.95 -2.26
C SER A 87 -5.95 9.64 -1.50
N LYS A 88 -5.85 9.74 -0.18
CA LYS A 88 -5.99 8.58 0.67
C LYS A 88 -7.13 8.82 1.67
N LYS A 89 -7.87 7.76 1.95
CA LYS A 89 -8.98 7.84 2.87
C LYS A 89 -8.93 6.65 3.84
N VAL A 90 -9.68 6.76 4.92
CA VAL A 90 -9.73 5.71 5.91
C VAL A 90 -11.18 5.48 6.33
N LYS A 91 -11.60 4.22 6.22
CA LYS A 91 -12.96 3.85 6.58
C LYS A 91 -12.93 3.00 7.86
N THR A 92 -14.13 2.65 8.32
CA THR A 92 -14.25 1.84 9.52
C THR A 92 -13.46 0.53 9.36
N ASP A 93 -12.50 0.36 10.25
CA ASP A 93 -11.66 -0.83 10.21
C ASP A 93 -11.25 -1.13 8.77
N THR A 94 -11.06 -0.05 8.02
CA THR A 94 -10.66 -0.18 6.62
C THR A 94 -9.93 1.09 6.16
N VAL A 95 -8.94 0.88 5.30
CA VAL A 95 -8.17 1.99 4.78
C VAL A 95 -8.44 2.14 3.28
N LEU A 96 -8.74 3.37 2.88
CA LEU A 96 -9.03 3.65 1.49
C LEU A 96 -7.81 4.35 0.86
N ILE A 97 -7.60 4.04 -0.41
CA ILE A 97 -6.48 4.62 -1.14
C ILE A 97 -6.95 5.06 -2.53
N LEU A 98 -7.39 6.30 -2.60
CA LEU A 98 -7.87 6.86 -3.86
C LEU A 98 -6.68 7.19 -4.75
N CYS A 99 -6.66 6.57 -5.92
CA CYS A 99 -5.58 6.79 -6.87
C CYS A 99 -6.19 7.34 -8.16
N ARG A 100 -5.87 8.59 -8.44
CA ARG A 100 -6.37 9.25 -9.64
C ARG A 100 -5.98 8.46 -10.89
N LYS A 101 -6.84 8.52 -11.89
CA LYS A 101 -6.59 7.81 -13.13
C LYS A 101 -5.96 8.77 -14.13
N LYS A 102 -4.72 8.45 -14.50
CA LYS A 102 -3.98 9.27 -15.44
C LYS A 102 -4.75 9.35 -16.76
N VAL A 103 -5.56 8.32 -17.00
CA VAL A 103 -6.36 8.26 -18.21
C VAL A 103 -7.65 7.48 -17.93
N GLU A 104 -8.77 8.21 -17.97
CA GLU A 104 -10.06 7.61 -17.73
C GLU A 104 -10.41 6.63 -18.84
N ASN A 105 -11.52 5.94 -18.65
CA ASN A 105 -11.99 4.97 -19.63
C ASN A 105 -10.89 3.94 -19.88
N THR A 106 -10.50 3.26 -18.81
CA THR A 106 -9.47 2.26 -18.89
C THR A 106 -9.73 1.14 -17.88
N ARG A 107 -9.35 -0.07 -18.26
CA ARG A 107 -9.54 -1.22 -17.39
C ARG A 107 -8.20 -1.69 -16.82
N TRP A 108 -8.26 -2.21 -15.61
CA TRP A 108 -7.06 -2.68 -14.93
C TRP A 108 -7.20 -4.19 -14.74
N ASP A 109 -6.54 -4.93 -15.63
CA ASP A 109 -6.58 -6.38 -15.57
C ASP A 109 -5.87 -6.86 -14.30
N TYR A 110 -5.06 -5.97 -13.74
CA TYR A 110 -4.33 -6.28 -12.53
C TYR A 110 -3.82 -5.01 -11.85
N LEU A 111 -4.02 -4.95 -10.54
CA LEU A 111 -3.60 -3.80 -9.76
C LEU A 111 -2.21 -3.36 -10.24
N THR A 112 -1.34 -4.33 -10.39
CA THR A 112 0.02 -4.06 -10.83
C THR A 112 0.34 -4.86 -12.09
N GLN A 113 1.48 -4.55 -12.68
CA GLN A 113 1.92 -5.22 -13.90
C GLN A 113 2.46 -6.61 -13.55
N VAL A 114 3.20 -6.67 -12.45
CA VAL A 114 3.79 -7.92 -12.02
C VAL A 114 2.76 -9.05 -12.23
N GLU A 115 1.66 -8.94 -11.51
CA GLU A 115 0.60 -9.95 -11.61
C GLU A 115 0.31 -10.26 -13.07
N LYS A 116 0.08 -9.22 -13.84
CA LYS A 116 -0.21 -9.37 -15.26
C LYS A 116 0.88 -10.25 -15.90
N GLU A 117 2.06 -9.67 -16.00
CA GLU A 117 3.20 -10.39 -16.59
C GLU A 117 3.16 -11.86 -16.18
N CYS A 118 3.28 -12.08 -14.89
CA CYS A 118 3.26 -13.44 -14.35
C CYS A 118 2.03 -14.15 -14.91
N LYS A 119 0.87 -13.58 -14.61
CA LYS A 119 -0.38 -14.16 -15.06
C LYS A 119 -0.25 -14.57 -16.53
N GLU A 120 0.09 -13.58 -17.35
CA GLU A 120 0.26 -13.83 -18.78
C GLU A 120 1.72 -14.13 -19.10
N LYS A 121 2.08 -15.39 -18.93
CA LYS A 121 3.44 -15.83 -19.20
C LYS A 121 3.58 -16.18 -20.68
N SER A 122 2.86 -17.23 -21.07
CA SER A 122 2.90 -17.67 -22.46
C SER A 122 1.79 -16.98 -23.25
N GLY A 123 2.11 -15.79 -23.75
CA GLY A 123 1.16 -15.03 -24.54
C GLY A 123 1.87 -14.23 -25.64
N PRO A 124 1.08 -13.33 -26.28
CA PRO A 124 1.62 -12.50 -27.36
C PRO A 124 2.51 -11.39 -26.79
N SER A 125 3.60 -11.80 -26.16
CA SER A 125 4.53 -10.85 -25.58
C SER A 125 5.18 -10.01 -26.68
N SER A 126 5.85 -10.70 -27.58
CA SER A 126 6.52 -10.03 -28.69
C SER A 126 5.49 -9.54 -29.71
N GLY A 127 5.72 -8.33 -30.20
CA GLY A 127 4.83 -7.74 -31.18
C GLY A 127 3.47 -7.41 -30.55
N GLY A 1 19.93 28.54 40.35
CA GLY A 1 19.53 27.27 39.77
C GLY A 1 20.75 26.48 39.28
N SER A 2 20.78 25.20 39.67
CA SER A 2 21.88 24.34 39.28
C SER A 2 21.51 22.88 39.56
N SER A 3 21.06 22.21 38.51
CA SER A 3 20.67 20.82 38.62
C SER A 3 20.12 20.31 37.28
N GLY A 4 20.06 18.99 37.16
CA GLY A 4 19.57 18.38 35.94
C GLY A 4 20.50 17.26 35.46
N SER A 5 19.90 16.16 35.07
CA SER A 5 20.66 15.01 34.60
C SER A 5 19.73 13.85 34.27
N SER A 6 19.41 13.73 33.00
CA SER A 6 18.52 12.66 32.54
C SER A 6 18.50 12.62 31.01
N GLY A 7 18.18 11.45 30.49
CA GLY A 7 18.13 11.25 29.05
C GLY A 7 18.18 9.76 28.69
N VAL A 8 17.01 9.24 28.36
CA VAL A 8 16.90 7.83 28.00
C VAL A 8 16.11 7.70 26.69
N VAL A 9 16.66 6.91 25.78
CA VAL A 9 16.02 6.69 24.50
C VAL A 9 15.92 5.19 24.23
N ALA A 10 14.77 4.79 23.72
CA ALA A 10 14.52 3.39 23.40
C ALA A 10 13.96 3.28 21.99
N PRO A 11 14.87 2.92 21.04
CA PRO A 11 14.47 2.76 19.65
C PRO A 11 13.69 1.47 19.44
N ILE A 12 13.22 1.29 18.21
CA ILE A 12 12.46 0.10 17.86
C ILE A 12 13.36 -1.13 17.99
N THR A 13 12.95 -2.03 18.87
CA THR A 13 13.70 -3.26 19.10
C THR A 13 12.84 -4.47 18.79
N THR A 14 13.31 -5.26 17.82
CA THR A 14 12.59 -6.47 17.42
C THR A 14 11.17 -6.11 17.00
N GLY A 15 10.96 -4.84 16.71
CA GLY A 15 9.66 -4.36 16.30
C GLY A 15 9.64 -4.03 14.80
N TYR A 16 8.81 -4.76 14.07
CA TYR A 16 8.69 -4.55 12.64
C TYR A 16 7.23 -4.38 12.22
N THR A 17 7.04 -3.74 11.08
CA THR A 17 5.71 -3.50 10.57
C THR A 17 5.19 -4.74 9.82
N VAL A 18 3.90 -4.94 9.88
CA VAL A 18 3.27 -6.07 9.22
C VAL A 18 3.18 -5.80 7.72
N LYS A 19 3.21 -6.86 6.95
CA LYS A 19 3.14 -6.74 5.50
C LYS A 19 1.73 -7.15 5.03
N ILE A 20 1.03 -6.18 4.48
CA ILE A 20 -0.32 -6.42 4.00
C ILE A 20 -0.25 -7.25 2.72
N SER A 21 -0.68 -8.49 2.83
CA SER A 21 -0.68 -9.40 1.69
C SER A 21 -2.02 -9.32 0.96
N ASN A 22 -3.06 -9.76 1.65
CA ASN A 22 -4.40 -9.75 1.08
C ASN A 22 -4.99 -8.35 1.22
N TYR A 23 -5.32 -7.77 0.07
CA TYR A 23 -5.89 -6.44 0.03
C TYR A 23 -6.85 -6.29 -1.15
N GLY A 24 -8.02 -5.71 -0.85
CA GLY A 24 -9.03 -5.50 -1.87
C GLY A 24 -8.76 -4.21 -2.66
N TRP A 25 -8.92 -4.31 -3.96
CA TRP A 25 -8.70 -3.16 -4.83
C TRP A 25 -9.71 -3.23 -5.97
N ASP A 26 -10.17 -2.06 -6.38
CA ASP A 26 -11.14 -1.97 -7.45
C ASP A 26 -10.75 -0.83 -8.40
N GLN A 27 -11.42 -0.80 -9.54
CA GLN A 27 -11.14 0.23 -10.54
C GLN A 27 -12.43 0.59 -11.29
N SER A 28 -12.55 1.86 -11.64
CA SER A 28 -13.71 2.34 -12.36
C SER A 28 -13.28 3.36 -13.42
N ASP A 29 -14.08 3.43 -14.48
CA ASP A 29 -13.80 4.35 -15.57
C ASP A 29 -13.90 5.79 -15.05
N LYS A 30 -12.86 6.20 -14.34
CA LYS A 30 -12.82 7.55 -13.78
C LYS A 30 -11.62 7.67 -12.85
N PHE A 31 -11.56 6.76 -11.88
CA PHE A 31 -10.49 6.76 -10.91
C PHE A 31 -10.28 5.37 -10.33
N VAL A 32 -9.15 5.21 -9.65
CA VAL A 32 -8.82 3.93 -9.04
C VAL A 32 -8.80 4.10 -7.51
N LYS A 33 -9.30 3.08 -6.83
CA LYS A 33 -9.33 3.10 -5.38
C LYS A 33 -9.12 1.68 -4.84
N ILE A 34 -8.50 1.61 -3.67
CA ILE A 34 -8.23 0.33 -3.04
C ILE A 34 -8.89 0.28 -1.67
N TYR A 35 -9.27 -0.91 -1.27
CA TYR A 35 -9.92 -1.10 0.03
C TYR A 35 -9.30 -2.28 0.78
N ILE A 36 -8.49 -1.96 1.77
CA ILE A 36 -7.82 -2.97 2.56
C ILE A 36 -8.55 -3.12 3.90
N THR A 37 -8.55 -4.35 4.40
CA THR A 37 -9.21 -4.63 5.67
C THR A 37 -8.23 -4.51 6.83
N LEU A 38 -8.35 -3.41 7.56
CA LEU A 38 -7.48 -3.15 8.69
C LEU A 38 -8.30 -2.60 9.85
N THR A 39 -8.63 -3.49 10.77
CA THR A 39 -9.41 -3.10 11.94
C THR A 39 -8.55 -2.31 12.92
N GLY A 40 -8.86 -1.03 13.05
CA GLY A 40 -8.12 -0.17 13.96
C GLY A 40 -7.50 1.01 13.20
N VAL A 41 -7.30 0.80 11.92
CA VAL A 41 -6.71 1.84 11.08
C VAL A 41 -7.57 3.09 11.15
N HIS A 42 -8.81 2.91 11.58
CA HIS A 42 -9.75 4.01 11.70
C HIS A 42 -9.63 4.62 13.10
N GLN A 43 -8.81 3.99 13.92
CA GLN A 43 -8.60 4.46 15.29
C GLN A 43 -7.26 5.18 15.40
N VAL A 44 -6.37 4.87 14.47
CA VAL A 44 -5.05 5.49 14.46
C VAL A 44 -5.15 6.85 13.77
N PRO A 45 -4.23 7.76 14.19
CA PRO A 45 -4.19 9.10 13.62
C PRO A 45 -3.60 9.09 12.22
N THR A 46 -3.69 10.24 11.57
CA THR A 46 -3.16 10.37 10.21
C THR A 46 -1.63 10.45 10.25
N GLU A 47 -1.10 10.47 11.47
CA GLU A 47 0.35 10.54 11.64
C GLU A 47 0.97 9.14 11.51
N ASN A 48 0.14 8.13 11.74
CA ASN A 48 0.59 6.76 11.65
C ASN A 48 0.31 6.23 10.24
N VAL A 49 -0.64 6.87 9.58
CA VAL A 49 -1.03 6.48 8.24
C VAL A 49 -0.28 7.36 7.22
N GLN A 50 0.88 6.85 6.79
CA GLN A 50 1.69 7.58 5.83
C GLN A 50 1.63 6.89 4.47
N VAL A 51 0.97 7.57 3.53
CA VAL A 51 0.83 7.04 2.19
C VAL A 51 1.26 8.11 1.18
N HIS A 52 2.00 7.66 0.17
CA HIS A 52 2.47 8.57 -0.87
C HIS A 52 2.06 8.04 -2.24
N PHE A 53 1.57 8.95 -3.07
CA PHE A 53 1.14 8.59 -4.41
C PHE A 53 2.17 9.03 -5.45
N THR A 54 2.30 8.21 -6.48
CA THR A 54 3.24 8.49 -7.55
C THR A 54 2.54 8.43 -8.91
N GLU A 55 3.35 8.36 -9.96
CA GLU A 55 2.83 8.30 -11.31
C GLU A 55 2.31 6.89 -11.61
N ARG A 56 3.09 5.90 -11.17
CA ARG A 56 2.72 4.50 -11.38
C ARG A 56 3.06 3.67 -10.15
N SER A 57 2.54 4.12 -9.01
CA SER A 57 2.79 3.42 -7.76
C SER A 57 2.16 4.19 -6.61
N PHE A 58 2.19 3.57 -5.44
CA PHE A 58 1.63 4.19 -4.24
C PHE A 58 2.00 3.39 -2.99
N ASP A 59 2.55 4.10 -2.02
CA ASP A 59 2.95 3.48 -0.77
C ASP A 59 1.96 3.86 0.33
N LEU A 60 1.78 2.95 1.27
CA LEU A 60 0.86 3.19 2.38
C LEU A 60 1.41 2.52 3.64
N LEU A 61 1.77 3.35 4.61
CA LEU A 61 2.31 2.85 5.86
C LEU A 61 1.27 3.04 6.97
N VAL A 62 1.33 2.15 7.95
CA VAL A 62 0.39 2.21 9.06
C VAL A 62 1.11 1.75 10.33
N LYS A 63 1.42 2.71 11.19
CA LYS A 63 2.10 2.42 12.44
C LYS A 63 1.08 2.43 13.58
N ASN A 64 1.49 1.85 14.71
CA ASN A 64 0.64 1.79 15.88
C ASN A 64 -0.80 1.49 15.43
N LEU A 65 -1.10 0.20 15.38
CA LEU A 65 -2.44 -0.24 14.97
C LEU A 65 -3.05 -1.07 16.09
N ASN A 66 -3.41 -2.30 15.74
CA ASN A 66 -4.02 -3.21 16.71
C ASN A 66 -2.91 -4.01 17.40
N GLY A 67 -2.24 -3.35 18.33
CA GLY A 67 -1.16 -3.99 19.07
C GLY A 67 0.01 -4.32 18.15
N LYS A 68 0.03 -3.65 17.02
CA LYS A 68 1.10 -3.86 16.04
C LYS A 68 1.02 -2.78 14.96
N SER A 69 1.80 -2.99 13.91
CA SER A 69 1.83 -2.04 12.81
C SER A 69 1.73 -2.79 11.47
N TYR A 70 1.19 -2.10 10.48
CA TYR A 70 1.04 -2.69 9.16
C TYR A 70 1.58 -1.76 8.09
N SER A 71 2.09 -2.37 7.02
CA SER A 71 2.66 -1.61 5.92
C SER A 71 2.15 -2.18 4.59
N MET A 72 1.86 -1.27 3.66
CA MET A 72 1.38 -1.67 2.35
C MET A 72 1.89 -0.72 1.27
N ILE A 73 2.62 -1.29 0.33
CA ILE A 73 3.17 -0.52 -0.77
C ILE A 73 2.95 -1.27 -2.08
N VAL A 74 2.71 -0.49 -3.13
CA VAL A 74 2.48 -1.07 -4.44
C VAL A 74 3.41 -0.40 -5.46
N ASN A 75 4.20 -1.23 -6.13
CA ASN A 75 5.15 -0.74 -7.12
C ASN A 75 4.83 -1.37 -8.48
N ASN A 76 4.70 -0.51 -9.48
CA ASN A 76 4.40 -0.97 -10.82
C ASN A 76 2.89 -1.13 -10.97
N LEU A 77 2.24 -0.04 -11.33
CA LEU A 77 0.80 -0.04 -11.51
C LEU A 77 0.47 -0.21 -13.00
N LEU A 78 -0.44 -1.12 -13.28
CA LEU A 78 -0.85 -1.39 -14.65
C LEU A 78 -0.94 -0.07 -15.41
N LYS A 79 -1.63 0.89 -14.80
CA LYS A 79 -1.81 2.19 -15.41
C LYS A 79 -1.29 3.27 -14.45
N PRO A 80 -0.97 4.46 -15.04
CA PRO A 80 -0.47 5.57 -14.25
C PRO A 80 -1.59 6.23 -13.45
N ILE A 81 -1.20 7.07 -12.51
CA ILE A 81 -2.15 7.77 -11.67
C ILE A 81 -1.57 9.11 -11.25
N SER A 82 -2.43 10.12 -11.21
CA SER A 82 -2.03 11.45 -10.83
C SER A 82 -1.73 11.50 -9.33
N VAL A 83 -0.70 12.25 -8.98
CA VAL A 83 -0.30 12.38 -7.59
C VAL A 83 -1.09 13.53 -6.94
N GLU A 84 -0.78 14.74 -7.39
CA GLU A 84 -1.45 15.92 -6.87
C GLU A 84 -2.97 15.72 -6.89
N GLY A 85 -3.40 14.82 -7.76
CA GLY A 85 -4.82 14.53 -7.88
C GLY A 85 -5.23 13.36 -6.98
N SER A 86 -4.27 12.47 -6.76
CA SER A 86 -4.51 11.31 -5.91
C SER A 86 -4.84 11.77 -4.49
N SER A 87 -5.42 10.85 -3.73
CA SER A 87 -5.80 11.13 -2.36
C SER A 87 -5.88 9.83 -1.55
N LYS A 88 -5.81 9.98 -0.23
CA LYS A 88 -5.87 8.82 0.65
C LYS A 88 -7.04 9.00 1.62
N LYS A 89 -7.71 7.90 1.89
CA LYS A 89 -8.85 7.93 2.81
C LYS A 89 -8.81 6.68 3.68
N VAL A 90 -9.52 6.77 4.80
CA VAL A 90 -9.57 5.66 5.74
C VAL A 90 -11.02 5.43 6.17
N LYS A 91 -11.46 4.18 6.05
CA LYS A 91 -12.82 3.82 6.42
C LYS A 91 -12.79 2.99 7.71
N THR A 92 -13.98 2.65 8.18
CA THR A 92 -14.10 1.87 9.40
C THR A 92 -13.39 0.53 9.23
N ASP A 93 -12.38 0.32 10.06
CA ASP A 93 -11.62 -0.92 10.02
C ASP A 93 -11.20 -1.21 8.58
N THR A 94 -10.96 -0.13 7.84
CA THR A 94 -10.56 -0.26 6.45
C THR A 94 -9.83 1.01 5.99
N VAL A 95 -8.81 0.81 5.17
CA VAL A 95 -8.03 1.91 4.66
C VAL A 95 -8.32 2.08 3.16
N LEU A 96 -8.62 3.32 2.79
CA LEU A 96 -8.92 3.62 1.40
C LEU A 96 -7.69 4.27 0.75
N ILE A 97 -7.53 4.00 -0.53
CA ILE A 97 -6.41 4.55 -1.28
C ILE A 97 -6.90 5.04 -2.64
N LEU A 98 -7.29 6.31 -2.67
CA LEU A 98 -7.77 6.91 -3.90
C LEU A 98 -6.59 7.23 -4.81
N CYS A 99 -6.61 6.63 -5.99
CA CYS A 99 -5.54 6.84 -6.96
C CYS A 99 -6.17 7.43 -8.23
N ARG A 100 -5.79 8.67 -8.51
CA ARG A 100 -6.30 9.36 -9.68
C ARG A 100 -5.95 8.58 -10.95
N LYS A 101 -6.82 8.69 -11.93
CA LYS A 101 -6.61 7.99 -13.20
C LYS A 101 -6.05 8.99 -14.23
N LYS A 102 -4.85 8.68 -14.69
CA LYS A 102 -4.19 9.53 -15.67
C LYS A 102 -5.08 9.64 -16.91
N VAL A 103 -5.86 8.59 -17.15
CA VAL A 103 -6.75 8.56 -18.29
C VAL A 103 -8.01 7.76 -17.94
N GLU A 104 -9.13 8.45 -17.98
CA GLU A 104 -10.41 7.81 -17.67
C GLU A 104 -10.76 6.77 -18.73
N ASN A 105 -11.91 6.14 -18.54
CA ASN A 105 -12.37 5.11 -19.47
C ASN A 105 -11.24 4.11 -19.71
N THR A 106 -10.76 3.52 -18.62
CA THR A 106 -9.68 2.55 -18.71
C THR A 106 -9.93 1.40 -17.73
N ARG A 107 -9.49 0.22 -18.14
CA ARG A 107 -9.66 -0.97 -17.30
C ARG A 107 -8.32 -1.36 -16.68
N TRP A 108 -8.42 -2.07 -15.56
CA TRP A 108 -7.22 -2.51 -14.85
C TRP A 108 -7.31 -4.04 -14.69
N ASP A 109 -6.63 -4.73 -15.59
CA ASP A 109 -6.64 -6.19 -15.55
C ASP A 109 -5.88 -6.65 -14.32
N TYR A 110 -5.13 -5.74 -13.73
CA TYR A 110 -4.35 -6.05 -12.54
C TYR A 110 -3.92 -4.77 -11.82
N LEU A 111 -3.77 -4.89 -10.51
CA LEU A 111 -3.37 -3.76 -9.69
C LEU A 111 -1.97 -3.31 -10.10
N THR A 112 -1.14 -4.29 -10.44
CA THR A 112 0.21 -4.01 -10.85
C THR A 112 0.56 -4.78 -12.13
N GLN A 113 1.74 -4.49 -12.66
CA GLN A 113 2.20 -5.15 -13.88
C GLN A 113 2.74 -6.54 -13.55
N VAL A 114 3.21 -6.69 -12.32
CA VAL A 114 3.75 -7.96 -11.88
C VAL A 114 2.66 -9.02 -11.90
N GLU A 115 1.54 -8.68 -11.27
CA GLU A 115 0.41 -9.60 -11.21
C GLU A 115 0.03 -10.07 -12.62
N LYS A 116 0.41 -9.26 -13.60
CA LYS A 116 0.12 -9.57 -14.98
C LYS A 116 1.12 -10.62 -15.49
N GLU A 117 2.39 -10.31 -15.27
CA GLU A 117 3.45 -11.22 -15.69
C GLU A 117 3.42 -12.51 -14.87
N CYS A 118 3.02 -12.36 -13.62
CA CYS A 118 2.94 -13.51 -12.72
C CYS A 118 1.76 -14.38 -13.17
N LYS A 119 0.62 -13.73 -13.37
CA LYS A 119 -0.58 -14.43 -13.79
C LYS A 119 -0.29 -15.18 -15.10
N GLU A 120 0.02 -14.41 -16.12
CA GLU A 120 0.33 -14.98 -17.43
C GLU A 120 1.83 -15.00 -17.66
N LYS A 121 2.44 -16.12 -17.29
CA LYS A 121 3.88 -16.29 -17.45
C LYS A 121 4.25 -16.06 -18.92
N SER A 122 4.72 -14.85 -19.19
CA SER A 122 5.12 -14.49 -20.54
C SER A 122 6.63 -14.22 -20.59
N GLY A 123 7.13 -14.12 -21.81
CA GLY A 123 8.54 -13.86 -22.01
C GLY A 123 8.76 -12.66 -22.93
N PRO A 124 9.89 -11.94 -22.67
CA PRO A 124 10.21 -10.76 -23.46
C PRO A 124 10.74 -11.16 -24.84
N SER A 125 11.83 -11.91 -24.82
CA SER A 125 12.45 -12.37 -26.05
C SER A 125 13.11 -11.19 -26.77
N SER A 126 14.35 -10.92 -26.40
CA SER A 126 15.09 -9.83 -27.00
C SER A 126 15.47 -10.18 -28.44
N GLY A 127 14.93 -9.40 -29.37
CA GLY A 127 15.20 -9.62 -30.78
C GLY A 127 15.46 -8.29 -31.50
N GLY A 1 45.60 0.48 43.77
CA GLY A 1 45.18 0.73 42.40
C GLY A 1 44.10 -0.26 41.96
N SER A 2 44.37 -0.94 40.86
CA SER A 2 43.44 -1.91 40.33
C SER A 2 42.11 -1.23 39.96
N SER A 3 41.51 -1.72 38.90
CA SER A 3 40.25 -1.17 38.43
C SER A 3 39.70 -2.00 37.26
N GLY A 4 38.39 -1.92 37.08
CA GLY A 4 37.75 -2.65 36.01
C GLY A 4 36.32 -2.17 35.79
N SER A 5 35.37 -3.05 36.05
CA SER A 5 33.96 -2.72 35.89
C SER A 5 33.65 -2.46 34.41
N SER A 6 32.47 -2.87 34.01
CA SER A 6 32.04 -2.69 32.63
C SER A 6 30.67 -3.35 32.42
N GLY A 7 30.01 -2.92 31.36
CA GLY A 7 28.70 -3.46 31.03
C GLY A 7 28.20 -2.91 29.69
N VAL A 8 27.55 -3.78 28.93
CA VAL A 8 27.02 -3.39 27.63
C VAL A 8 25.52 -3.66 27.61
N VAL A 9 24.77 -2.60 27.34
CA VAL A 9 23.31 -2.69 27.29
C VAL A 9 22.89 -3.05 25.87
N ALA A 10 21.74 -3.70 25.77
CA ALA A 10 21.21 -4.10 24.47
C ALA A 10 19.82 -3.50 24.30
N PRO A 11 19.75 -2.42 23.48
CA PRO A 11 18.49 -1.74 23.22
C PRO A 11 17.63 -2.56 22.25
N ILE A 12 16.52 -3.06 22.78
CA ILE A 12 15.61 -3.85 21.97
C ILE A 12 14.91 -2.94 20.95
N THR A 13 14.37 -3.58 19.93
CA THR A 13 13.68 -2.85 18.88
C THR A 13 12.16 -3.10 18.96
N THR A 14 11.41 -2.01 18.90
CA THR A 14 9.97 -2.10 18.96
C THR A 14 9.48 -3.41 18.35
N GLY A 15 10.00 -3.71 17.17
CA GLY A 15 9.63 -4.94 16.49
C GLY A 15 9.69 -4.74 14.97
N TYR A 16 8.51 -4.75 14.36
CA TYR A 16 8.41 -4.59 12.92
C TYR A 16 6.97 -4.29 12.49
N THR A 17 6.81 -4.03 11.21
CA THR A 17 5.48 -3.74 10.67
C THR A 17 4.93 -4.96 9.92
N VAL A 18 3.62 -5.09 9.98
CA VAL A 18 2.95 -6.20 9.32
C VAL A 18 2.89 -5.94 7.82
N LYS A 19 2.89 -7.02 7.05
CA LYS A 19 2.83 -6.91 5.60
C LYS A 19 1.42 -7.25 5.12
N ILE A 20 0.79 -6.28 4.50
CA ILE A 20 -0.55 -6.45 3.98
C ILE A 20 -0.49 -7.25 2.68
N SER A 21 -0.72 -8.55 2.80
CA SER A 21 -0.69 -9.43 1.66
C SER A 21 -2.03 -9.35 0.92
N ASN A 22 -3.08 -9.77 1.60
CA ASN A 22 -4.41 -9.75 1.03
C ASN A 22 -5.02 -8.35 1.18
N TYR A 23 -5.34 -7.76 0.04
CA TYR A 23 -5.92 -6.42 0.03
C TYR A 23 -6.86 -6.24 -1.16
N GLY A 24 -8.07 -5.81 -0.86
CA GLY A 24 -9.08 -5.59 -1.89
C GLY A 24 -8.78 -4.33 -2.68
N TRP A 25 -8.98 -4.43 -3.99
CA TRP A 25 -8.74 -3.29 -4.87
C TRP A 25 -9.74 -3.37 -6.03
N ASP A 26 -10.19 -2.21 -6.46
CA ASP A 26 -11.14 -2.14 -7.56
C ASP A 26 -10.76 -0.99 -8.48
N GLN A 27 -11.49 -0.88 -9.59
CA GLN A 27 -11.24 0.17 -10.55
C GLN A 27 -12.53 0.51 -11.31
N SER A 28 -12.66 1.80 -11.63
CA SER A 28 -13.84 2.26 -12.35
C SER A 28 -13.43 3.31 -13.39
N ASP A 29 -14.25 3.42 -14.42
CA ASP A 29 -13.99 4.37 -15.48
C ASP A 29 -14.06 5.79 -14.93
N LYS A 30 -12.99 6.18 -14.24
CA LYS A 30 -12.92 7.50 -13.64
C LYS A 30 -11.70 7.58 -12.73
N PHE A 31 -11.66 6.65 -11.78
CA PHE A 31 -10.56 6.60 -10.83
C PHE A 31 -10.39 5.19 -10.26
N VAL A 32 -9.27 5.00 -9.59
CA VAL A 32 -8.97 3.71 -8.98
C VAL A 32 -8.78 3.88 -7.48
N LYS A 33 -9.23 2.88 -6.73
CA LYS A 33 -9.12 2.92 -5.28
C LYS A 33 -8.89 1.50 -4.77
N ILE A 34 -8.33 1.42 -3.57
CA ILE A 34 -8.06 0.14 -2.94
C ILE A 34 -8.67 0.11 -1.54
N TYR A 35 -9.14 -1.07 -1.16
CA TYR A 35 -9.75 -1.25 0.15
C TYR A 35 -9.04 -2.35 0.94
N ILE A 36 -8.37 -1.95 2.00
CA ILE A 36 -7.66 -2.89 2.84
C ILE A 36 -8.35 -2.99 4.21
N THR A 37 -8.33 -4.18 4.77
CA THR A 37 -8.95 -4.42 6.06
C THR A 37 -7.94 -4.19 7.18
N LEU A 38 -8.10 -3.06 7.85
CA LEU A 38 -7.21 -2.72 8.96
C LEU A 38 -8.03 -2.18 10.12
N THR A 39 -8.27 -3.06 11.09
CA THR A 39 -9.04 -2.69 12.26
C THR A 39 -8.22 -1.78 13.18
N GLY A 40 -8.78 -0.61 13.45
CA GLY A 40 -8.10 0.35 14.31
C GLY A 40 -7.54 1.51 13.50
N VAL A 41 -7.33 1.26 12.22
CA VAL A 41 -6.81 2.27 11.33
C VAL A 41 -7.70 3.50 11.38
N HIS A 42 -8.95 3.27 11.75
CA HIS A 42 -9.93 4.35 11.84
C HIS A 42 -9.82 5.03 13.20
N GLN A 43 -8.88 4.53 14.00
CA GLN A 43 -8.67 5.08 15.33
C GLN A 43 -7.31 5.78 15.40
N VAL A 44 -6.33 5.18 14.72
CA VAL A 44 -4.99 5.73 14.70
C VAL A 44 -5.01 7.08 14.00
N PRO A 45 -4.03 7.95 14.38
CA PRO A 45 -3.92 9.27 13.79
C PRO A 45 -3.36 9.20 12.38
N THR A 46 -3.42 10.33 11.68
CA THR A 46 -2.92 10.41 10.32
C THR A 46 -1.39 10.43 10.32
N GLU A 47 -0.83 10.46 11.52
CA GLU A 47 0.62 10.49 11.67
C GLU A 47 1.18 9.07 11.58
N ASN A 48 0.34 8.10 11.91
CA ASN A 48 0.74 6.71 11.87
C ASN A 48 0.46 6.14 10.48
N VAL A 49 -0.45 6.81 9.78
CA VAL A 49 -0.82 6.38 8.44
C VAL A 49 -0.16 7.31 7.41
N GLN A 50 0.96 6.84 6.88
CA GLN A 50 1.70 7.61 5.88
C GLN A 50 1.63 6.92 4.52
N VAL A 51 0.96 7.57 3.59
CA VAL A 51 0.82 7.03 2.25
C VAL A 51 1.24 8.11 1.23
N HIS A 52 1.98 7.66 0.23
CA HIS A 52 2.44 8.56 -0.82
C HIS A 52 2.03 8.02 -2.18
N PHE A 53 1.55 8.94 -3.02
CA PHE A 53 1.12 8.56 -4.36
C PHE A 53 2.14 9.01 -5.41
N THR A 54 2.26 8.20 -6.45
CA THR A 54 3.18 8.49 -7.52
C THR A 54 2.48 8.43 -8.88
N GLU A 55 3.29 8.36 -9.92
CA GLU A 55 2.74 8.29 -11.28
C GLU A 55 2.24 6.88 -11.58
N ARG A 56 3.02 5.91 -11.14
CA ARG A 56 2.66 4.51 -11.36
C ARG A 56 3.02 3.68 -10.14
N SER A 57 2.50 4.10 -9.00
CA SER A 57 2.75 3.40 -7.75
C SER A 57 2.12 4.16 -6.58
N PHE A 58 2.19 3.55 -5.41
CA PHE A 58 1.63 4.16 -4.22
C PHE A 58 2.02 3.38 -2.97
N ASP A 59 2.58 4.10 -2.00
CA ASP A 59 3.00 3.48 -0.75
C ASP A 59 2.02 3.88 0.36
N LEU A 60 1.80 2.93 1.26
CA LEU A 60 0.90 3.16 2.38
C LEU A 60 1.47 2.52 3.64
N LEU A 61 1.83 3.38 4.59
CA LEU A 61 2.39 2.92 5.85
C LEU A 61 1.34 3.03 6.96
N VAL A 62 1.45 2.14 7.92
CA VAL A 62 0.51 2.14 9.04
C VAL A 62 1.24 1.65 10.30
N LYS A 63 1.37 2.58 11.24
CA LYS A 63 2.05 2.27 12.49
C LYS A 63 1.02 2.34 13.63
N ASN A 64 1.38 1.67 14.73
CA ASN A 64 0.50 1.65 15.90
C ASN A 64 -0.93 1.39 15.45
N LEU A 65 -1.29 0.11 15.46
CA LEU A 65 -2.63 -0.28 15.05
C LEU A 65 -3.23 -1.21 16.12
N ASN A 66 -3.83 -2.29 15.65
CA ASN A 66 -4.45 -3.25 16.55
C ASN A 66 -3.35 -4.02 17.29
N GLY A 67 -2.68 -3.31 18.20
CA GLY A 67 -1.61 -3.91 18.98
C GLY A 67 -0.43 -4.28 18.08
N LYS A 68 -0.38 -3.66 16.92
CA LYS A 68 0.68 -3.92 15.97
C LYS A 68 0.63 -2.87 14.85
N SER A 69 1.61 -2.96 13.96
CA SER A 69 1.69 -2.03 12.84
C SER A 69 1.58 -2.80 11.52
N TYR A 70 1.12 -2.09 10.50
CA TYR A 70 0.97 -2.69 9.18
C TYR A 70 1.60 -1.81 8.10
N SER A 71 2.04 -2.46 7.04
CA SER A 71 2.68 -1.76 5.94
C SER A 71 2.13 -2.27 4.60
N MET A 72 1.98 -1.36 3.66
CA MET A 72 1.47 -1.70 2.35
C MET A 72 2.01 -0.75 1.28
N ILE A 73 2.69 -1.33 0.31
CA ILE A 73 3.27 -0.54 -0.77
C ILE A 73 3.07 -1.27 -2.10
N VAL A 74 2.81 -0.50 -3.14
CA VAL A 74 2.59 -1.07 -4.46
C VAL A 74 3.51 -0.37 -5.47
N ASN A 75 4.39 -1.16 -6.08
CA ASN A 75 5.32 -0.63 -7.06
C ASN A 75 4.99 -1.20 -8.43
N ASN A 76 4.82 -0.30 -9.39
CA ASN A 76 4.51 -0.70 -10.75
C ASN A 76 3.00 -0.92 -10.87
N LEU A 77 2.32 0.10 -11.38
CA LEU A 77 0.88 0.03 -11.56
C LEU A 77 0.55 -0.15 -13.04
N LEU A 78 -0.35 -1.09 -13.30
CA LEU A 78 -0.75 -1.37 -14.67
C LEU A 78 -0.88 -0.05 -15.44
N LYS A 79 -1.59 0.89 -14.82
CA LYS A 79 -1.80 2.19 -15.44
C LYS A 79 -1.29 3.28 -14.49
N PRO A 80 -1.01 4.47 -15.09
CA PRO A 80 -0.51 5.60 -14.32
C PRO A 80 -1.63 6.23 -13.50
N ILE A 81 -1.23 7.07 -12.56
CA ILE A 81 -2.18 7.76 -11.70
C ILE A 81 -1.62 9.13 -11.30
N SER A 82 -2.52 10.10 -11.21
CA SER A 82 -2.12 11.44 -10.85
C SER A 82 -1.77 11.50 -9.36
N VAL A 83 -0.65 12.15 -9.07
CA VAL A 83 -0.20 12.28 -7.69
C VAL A 83 -0.97 13.40 -7.00
N GLU A 84 -0.71 14.62 -7.45
CA GLU A 84 -1.37 15.78 -6.89
C GLU A 84 -2.89 15.58 -6.90
N GLY A 85 -3.33 14.67 -7.74
CA GLY A 85 -4.75 14.37 -7.86
C GLY A 85 -5.14 13.21 -6.94
N SER A 86 -4.19 12.30 -6.73
CA SER A 86 -4.43 11.15 -5.88
C SER A 86 -4.72 11.61 -4.45
N SER A 87 -5.43 10.75 -3.74
CA SER A 87 -5.78 11.05 -2.36
C SER A 87 -5.86 9.75 -1.55
N LYS A 88 -5.81 9.91 -0.23
CA LYS A 88 -5.88 8.77 0.66
C LYS A 88 -7.05 8.96 1.63
N LYS A 89 -7.82 7.89 1.79
CA LYS A 89 -8.97 7.92 2.67
C LYS A 89 -8.92 6.71 3.62
N VAL A 90 -9.67 6.81 4.70
CA VAL A 90 -9.71 5.75 5.69
C VAL A 90 -11.17 5.50 6.10
N LYS A 91 -11.53 4.23 6.12
CA LYS A 91 -12.88 3.84 6.50
C LYS A 91 -12.84 3.10 7.83
N THR A 92 -14.01 2.56 8.21
CA THR A 92 -14.12 1.83 9.45
C THR A 92 -13.31 0.54 9.39
N ASP A 93 -12.19 0.53 10.13
CA ASP A 93 -11.33 -0.62 10.16
C ASP A 93 -10.85 -0.95 8.75
N THR A 94 -10.82 0.09 7.92
CA THR A 94 -10.38 -0.06 6.54
C THR A 94 -9.68 1.20 6.06
N VAL A 95 -8.73 1.00 5.16
CA VAL A 95 -7.96 2.11 4.61
C VAL A 95 -8.21 2.21 3.11
N LEU A 96 -8.72 3.36 2.69
CA LEU A 96 -9.01 3.58 1.28
C LEU A 96 -7.83 4.31 0.63
N ILE A 97 -7.42 3.80 -0.51
CA ILE A 97 -6.31 4.40 -1.24
C ILE A 97 -6.81 4.89 -2.61
N LEU A 98 -7.24 6.14 -2.62
CA LEU A 98 -7.73 6.74 -3.85
C LEU A 98 -6.56 7.04 -4.78
N CYS A 99 -6.62 6.44 -5.97
CA CYS A 99 -5.57 6.64 -6.96
C CYS A 99 -6.20 7.26 -8.21
N ARG A 100 -5.80 8.49 -8.49
CA ARG A 100 -6.31 9.20 -9.64
C ARG A 100 -5.98 8.43 -10.92
N LYS A 101 -6.87 8.56 -11.89
CA LYS A 101 -6.69 7.89 -13.17
C LYS A 101 -6.13 8.88 -14.19
N LYS A 102 -5.00 8.51 -14.77
CA LYS A 102 -4.36 9.36 -15.75
C LYS A 102 -5.18 9.36 -17.04
N VAL A 103 -5.91 8.27 -17.23
CA VAL A 103 -6.75 8.12 -18.41
C VAL A 103 -8.07 7.46 -18.02
N GLU A 104 -9.17 8.09 -18.40
CA GLU A 104 -10.49 7.58 -18.09
C GLU A 104 -10.80 6.37 -18.98
N ASN A 105 -11.97 5.79 -18.74
CA ASN A 105 -12.40 4.64 -19.51
C ASN A 105 -11.21 3.68 -19.70
N THR A 106 -10.63 3.28 -18.58
CA THR A 106 -9.50 2.37 -18.62
C THR A 106 -9.70 1.22 -17.63
N ARG A 107 -9.46 0.02 -18.11
CA ARG A 107 -9.62 -1.16 -17.28
C ARG A 107 -8.25 -1.62 -16.74
N TRP A 108 -8.27 -2.15 -15.53
CA TRP A 108 -7.06 -2.63 -14.90
C TRP A 108 -7.14 -4.15 -14.79
N ASP A 109 -6.42 -4.82 -15.67
CA ASP A 109 -6.40 -6.27 -15.67
C ASP A 109 -5.78 -6.78 -14.38
N TYR A 110 -4.99 -5.91 -13.75
CA TYR A 110 -4.32 -6.26 -12.51
C TYR A 110 -3.89 -5.00 -11.76
N LEU A 111 -3.91 -5.11 -10.44
CA LEU A 111 -3.52 -3.99 -9.59
C LEU A 111 -2.17 -3.44 -10.06
N THR A 112 -1.25 -4.37 -10.32
CA THR A 112 0.08 -4.00 -10.77
C THR A 112 0.43 -4.76 -12.05
N GLN A 113 1.63 -4.49 -12.55
CA GLN A 113 2.11 -5.14 -13.75
C GLN A 113 2.66 -6.53 -13.43
N VAL A 114 3.30 -6.62 -12.27
CA VAL A 114 3.87 -7.88 -11.83
C VAL A 114 2.84 -9.00 -12.00
N GLU A 115 1.76 -8.88 -11.25
CA GLU A 115 0.69 -9.87 -11.31
C GLU A 115 0.38 -10.22 -12.76
N LYS A 116 0.25 -9.18 -13.57
CA LYS A 116 -0.06 -9.36 -14.98
C LYS A 116 0.99 -10.29 -15.61
N GLU A 117 2.20 -9.78 -15.72
CA GLU A 117 3.29 -10.55 -16.30
C GLU A 117 3.21 -12.01 -15.84
N CYS A 118 3.36 -12.20 -14.55
CA CYS A 118 3.31 -13.54 -13.97
C CYS A 118 2.05 -14.22 -14.48
N LYS A 119 0.92 -13.56 -14.25
CA LYS A 119 -0.36 -14.10 -14.68
C LYS A 119 -0.24 -14.59 -16.13
N GLU A 120 0.10 -13.64 -17.00
CA GLU A 120 0.24 -13.96 -18.42
C GLU A 120 1.72 -14.16 -18.77
N LYS A 121 2.22 -15.33 -18.44
CA LYS A 121 3.62 -15.66 -18.72
C LYS A 121 3.91 -15.39 -20.19
N SER A 122 3.36 -16.26 -21.04
CA SER A 122 3.55 -16.12 -22.47
C SER A 122 2.26 -16.46 -23.21
N GLY A 123 1.88 -15.56 -24.12
CA GLY A 123 0.67 -15.75 -24.89
C GLY A 123 0.49 -14.63 -25.91
N PRO A 124 0.94 -14.90 -27.16
CA PRO A 124 0.83 -13.91 -28.22
C PRO A 124 -0.61 -13.82 -28.74
N SER A 125 -1.09 -12.58 -28.82
CA SER A 125 -2.44 -12.33 -29.28
C SER A 125 -3.45 -13.05 -28.37
N SER A 126 -3.97 -12.30 -27.42
CA SER A 126 -4.94 -12.85 -26.49
C SER A 126 -6.35 -12.64 -27.02
N GLY A 127 -7.00 -13.74 -27.37
CA GLY A 127 -8.35 -13.68 -27.89
C GLY A 127 -8.36 -13.60 -29.41
N GLY A 1 33.48 5.25 32.74
CA GLY A 1 32.52 5.16 33.81
C GLY A 1 31.17 5.75 33.40
N SER A 2 30.11 5.10 33.85
CA SER A 2 28.76 5.56 33.53
C SER A 2 27.73 4.63 34.19
N SER A 3 26.53 5.16 34.31
CA SER A 3 25.44 4.40 34.92
C SER A 3 24.13 5.19 34.82
N GLY A 4 23.06 4.46 34.54
CA GLY A 4 21.75 5.07 34.42
C GLY A 4 21.25 5.57 35.77
N SER A 5 19.98 5.33 36.01
CA SER A 5 19.36 5.75 37.27
C SER A 5 18.89 4.52 38.06
N SER A 6 18.01 3.76 37.42
CA SER A 6 17.48 2.56 38.06
C SER A 6 16.45 1.90 37.14
N GLY A 7 16.96 1.16 36.16
CA GLY A 7 16.10 0.47 35.21
C GLY A 7 15.23 1.46 34.45
N VAL A 8 14.99 1.13 33.18
CA VAL A 8 14.17 1.99 32.33
C VAL A 8 13.10 1.14 31.64
N VAL A 9 11.91 1.71 31.57
CA VAL A 9 10.79 1.02 30.95
C VAL A 9 10.51 1.65 29.57
N ALA A 10 10.37 0.79 28.58
CA ALA A 10 10.10 1.24 27.23
C ALA A 10 8.91 0.45 26.66
N PRO A 11 7.84 1.23 26.29
CA PRO A 11 6.65 0.62 25.73
C PRO A 11 6.87 0.17 24.29
N ILE A 12 5.83 -0.39 23.70
CA ILE A 12 5.90 -0.86 22.33
C ILE A 12 6.12 0.34 21.40
N THR A 13 7.36 0.49 20.96
CA THR A 13 7.72 1.58 20.07
C THR A 13 8.41 1.04 18.82
N THR A 14 7.75 1.23 17.69
CA THR A 14 8.28 0.77 16.42
C THR A 14 8.91 -0.62 16.58
N GLY A 15 9.87 -0.90 15.72
CA GLY A 15 10.55 -2.19 15.74
C GLY A 15 10.32 -2.96 14.45
N TYR A 16 9.07 -2.96 14.00
CA TYR A 16 8.72 -3.65 12.77
C TYR A 16 7.27 -3.33 12.37
N THR A 17 6.93 -3.76 11.16
CA THR A 17 5.59 -3.53 10.65
C THR A 17 5.07 -4.78 9.92
N VAL A 18 3.77 -4.97 10.01
CA VAL A 18 3.14 -6.11 9.37
C VAL A 18 3.02 -5.85 7.86
N LYS A 19 2.97 -6.94 7.11
CA LYS A 19 2.86 -6.85 5.66
C LYS A 19 1.44 -7.22 5.24
N ILE A 20 0.77 -6.25 4.61
CA ILE A 20 -0.59 -6.47 4.15
C ILE A 20 -0.56 -7.32 2.88
N SER A 21 -1.01 -8.57 3.03
CA SER A 21 -1.04 -9.49 1.91
C SER A 21 -2.39 -9.40 1.19
N ASN A 22 -3.43 -9.73 1.93
CA ASN A 22 -4.78 -9.70 1.39
C ASN A 22 -5.32 -8.27 1.48
N TYR A 23 -5.64 -7.72 0.30
CA TYR A 23 -6.16 -6.37 0.23
C TYR A 23 -7.12 -6.23 -0.95
N GLY A 24 -8.30 -5.70 -0.65
CA GLY A 24 -9.31 -5.50 -1.68
C GLY A 24 -9.01 -4.25 -2.51
N TRP A 25 -9.25 -4.36 -3.80
CA TRP A 25 -9.01 -3.24 -4.71
C TRP A 25 -10.09 -3.27 -5.79
N ASP A 26 -10.44 -2.09 -6.27
CA ASP A 26 -11.44 -1.97 -7.31
C ASP A 26 -11.09 -0.82 -8.24
N GLN A 27 -11.43 -0.98 -9.50
CA GLN A 27 -11.14 0.04 -10.50
C GLN A 27 -12.41 0.37 -11.29
N SER A 28 -12.53 1.65 -11.65
CA SER A 28 -13.67 2.11 -12.40
C SER A 28 -13.23 3.12 -13.46
N ASP A 29 -14.01 3.18 -14.53
CA ASP A 29 -13.72 4.11 -15.62
C ASP A 29 -13.82 5.54 -15.10
N LYS A 30 -12.78 5.96 -14.39
CA LYS A 30 -12.75 7.31 -13.85
C LYS A 30 -11.55 7.44 -12.91
N PHE A 31 -11.51 6.55 -11.93
CA PHE A 31 -10.43 6.56 -10.96
C PHE A 31 -10.25 5.18 -10.33
N VAL A 32 -9.12 5.01 -9.65
CA VAL A 32 -8.81 3.75 -9.00
C VAL A 32 -8.81 3.94 -7.50
N LYS A 33 -9.32 2.93 -6.79
CA LYS A 33 -9.38 2.98 -5.35
C LYS A 33 -9.16 1.58 -4.78
N ILE A 34 -8.59 1.53 -3.59
CA ILE A 34 -8.33 0.26 -2.93
C ILE A 34 -8.98 0.26 -1.56
N TYR A 35 -9.40 -0.93 -1.13
CA TYR A 35 -10.06 -1.07 0.16
C TYR A 35 -9.47 -2.26 0.93
N ILE A 36 -8.69 -1.94 1.94
CA ILE A 36 -8.06 -2.97 2.76
C ILE A 36 -8.80 -3.07 4.09
N THR A 37 -8.84 -4.28 4.63
CA THR A 37 -9.51 -4.52 5.90
C THR A 37 -8.51 -4.42 7.05
N LEU A 38 -8.60 -3.32 7.77
CA LEU A 38 -7.71 -3.09 8.90
C LEU A 38 -8.51 -2.52 10.07
N THR A 39 -8.81 -3.39 11.02
CA THR A 39 -9.57 -2.99 12.19
C THR A 39 -8.68 -2.24 13.18
N GLY A 40 -8.91 -0.94 13.26
CA GLY A 40 -8.14 -0.09 14.17
C GLY A 40 -7.50 1.07 13.41
N VAL A 41 -7.28 0.85 12.12
CA VAL A 41 -6.68 1.88 11.28
C VAL A 41 -7.52 3.15 11.35
N HIS A 42 -8.76 2.98 11.76
CA HIS A 42 -9.68 4.10 11.88
C HIS A 42 -9.57 4.70 13.29
N GLN A 43 -8.67 4.13 14.08
CA GLN A 43 -8.46 4.60 15.43
C GLN A 43 -7.12 5.31 15.54
N VAL A 44 -6.25 5.03 14.59
CA VAL A 44 -4.93 5.64 14.56
C VAL A 44 -5.01 6.99 13.86
N PRO A 45 -4.08 7.90 14.26
CA PRO A 45 -4.03 9.23 13.68
C PRO A 45 -3.44 9.19 12.26
N THR A 46 -3.53 10.32 11.58
CA THR A 46 -3.01 10.42 10.24
C THR A 46 -1.48 10.51 10.26
N GLU A 47 -0.94 10.54 11.47
CA GLU A 47 0.50 10.63 11.65
C GLU A 47 1.11 9.23 11.56
N ASN A 48 0.30 8.23 11.87
CA ASN A 48 0.75 6.85 11.84
C ASN A 48 0.52 6.28 10.44
N VAL A 49 -0.45 6.86 9.74
CA VAL A 49 -0.77 6.41 8.40
C VAL A 49 -0.05 7.30 7.38
N GLN A 50 1.00 6.75 6.81
CA GLN A 50 1.79 7.48 5.82
C GLN A 50 1.70 6.79 4.46
N VAL A 51 1.03 7.46 3.53
CA VAL A 51 0.87 6.92 2.19
C VAL A 51 1.31 7.98 1.17
N HIS A 52 2.14 7.54 0.24
CA HIS A 52 2.63 8.43 -0.80
C HIS A 52 2.23 7.90 -2.17
N PHE A 53 1.71 8.79 -2.99
CA PHE A 53 1.28 8.43 -4.33
C PHE A 53 2.31 8.84 -5.37
N THR A 54 2.40 8.04 -6.43
CA THR A 54 3.35 8.32 -7.49
C THR A 54 2.65 8.26 -8.85
N GLU A 55 3.45 8.19 -9.89
CA GLU A 55 2.92 8.13 -11.25
C GLU A 55 2.39 6.72 -11.55
N ARG A 56 3.16 5.73 -11.12
CA ARG A 56 2.78 4.34 -11.34
C ARG A 56 3.11 3.50 -10.10
N SER A 57 2.59 3.94 -8.97
CA SER A 57 2.82 3.25 -7.71
C SER A 57 2.19 4.02 -6.56
N PHE A 58 2.18 3.38 -5.40
CA PHE A 58 1.60 3.99 -4.21
C PHE A 58 1.97 3.21 -2.96
N ASP A 59 2.51 3.92 -1.98
CA ASP A 59 2.91 3.31 -0.73
C ASP A 59 1.93 3.72 0.37
N LEU A 60 1.75 2.82 1.32
CA LEU A 60 0.85 3.07 2.43
C LEU A 60 1.40 2.40 3.69
N LEU A 61 1.76 3.24 4.66
CA LEU A 61 2.30 2.74 5.91
C LEU A 61 1.27 2.97 7.02
N VAL A 62 1.31 2.09 8.02
CA VAL A 62 0.40 2.19 9.15
C VAL A 62 1.12 1.74 10.42
N LYS A 63 1.49 2.72 11.23
CA LYS A 63 2.17 2.43 12.47
C LYS A 63 1.17 2.46 13.63
N ASN A 64 1.58 1.86 14.75
CA ASN A 64 0.73 1.81 15.92
C ASN A 64 -0.72 1.55 15.48
N LEU A 65 -1.06 0.28 15.38
CA LEU A 65 -2.40 -0.12 14.98
C LEU A 65 -3.05 -0.91 16.11
N ASN A 66 -3.32 -2.17 15.83
CA ASN A 66 -3.96 -3.04 16.81
C ASN A 66 -2.88 -3.89 17.49
N GLY A 67 -2.20 -3.26 18.45
CA GLY A 67 -1.14 -3.95 19.18
C GLY A 67 0.04 -4.27 18.27
N LYS A 68 0.05 -3.63 17.12
CA LYS A 68 1.12 -3.83 16.14
C LYS A 68 1.03 -2.77 15.05
N SER A 69 1.80 -2.97 14.00
CA SER A 69 1.82 -2.04 12.89
C SER A 69 1.68 -2.80 11.57
N TYR A 70 1.14 -2.10 10.58
CA TYR A 70 0.94 -2.69 9.27
C TYR A 70 1.53 -1.80 8.17
N SER A 71 1.96 -2.45 7.10
CA SER A 71 2.55 -1.73 5.98
C SER A 71 2.00 -2.29 4.66
N MET A 72 1.79 -1.40 3.72
CA MET A 72 1.28 -1.78 2.42
C MET A 72 1.80 -0.85 1.32
N ILE A 73 2.54 -1.44 0.39
CA ILE A 73 3.10 -0.68 -0.72
C ILE A 73 2.86 -1.43 -2.02
N VAL A 74 2.64 -0.66 -3.08
CA VAL A 74 2.39 -1.24 -4.39
C VAL A 74 3.32 -0.59 -5.41
N ASN A 75 4.09 -1.43 -6.08
CA ASN A 75 5.03 -0.95 -7.07
C ASN A 75 4.69 -1.58 -8.43
N ASN A 76 4.65 -0.73 -9.46
CA ASN A 76 4.34 -1.19 -10.79
C ASN A 76 2.82 -1.32 -10.95
N LEU A 77 2.20 -0.18 -11.24
CA LEU A 77 0.76 -0.14 -11.42
C LEU A 77 0.42 -0.34 -12.90
N LEU A 78 -0.47 -1.28 -13.15
CA LEU A 78 -0.90 -1.58 -14.51
C LEU A 78 -0.97 -0.28 -15.31
N LYS A 79 -1.59 0.72 -14.70
CA LYS A 79 -1.73 2.02 -15.35
C LYS A 79 -1.21 3.11 -14.40
N PRO A 80 -0.90 4.29 -15.02
CA PRO A 80 -0.39 5.41 -14.25
C PRO A 80 -1.52 6.08 -13.45
N ILE A 81 -1.12 6.91 -12.51
CA ILE A 81 -2.08 7.62 -11.67
C ILE A 81 -1.51 8.99 -11.31
N SER A 82 -2.42 9.95 -11.21
CA SER A 82 -2.03 11.31 -10.87
C SER A 82 -1.78 11.42 -9.37
N VAL A 83 -0.63 12.01 -9.04
CA VAL A 83 -0.26 12.18 -7.64
C VAL A 83 -1.03 13.37 -7.05
N GLU A 84 -0.68 14.55 -7.53
CA GLU A 84 -1.31 15.77 -7.06
C GLU A 84 -2.84 15.58 -7.02
N GLY A 85 -3.31 14.66 -7.84
CA GLY A 85 -4.73 14.38 -7.90
C GLY A 85 -5.11 13.23 -6.98
N SER A 86 -4.15 12.32 -6.80
CA SER A 86 -4.36 11.17 -5.94
C SER A 86 -4.61 11.62 -4.51
N SER A 87 -5.39 10.82 -3.79
CA SER A 87 -5.72 11.12 -2.40
C SER A 87 -5.82 9.84 -1.59
N LYS A 88 -5.75 10.00 -0.28
CA LYS A 88 -5.82 8.87 0.63
C LYS A 88 -6.98 9.07 1.61
N LYS A 89 -7.67 7.97 1.88
CA LYS A 89 -8.80 8.01 2.80
C LYS A 89 -8.77 6.78 3.70
N VAL A 90 -9.46 6.89 4.83
CA VAL A 90 -9.52 5.79 5.77
C VAL A 90 -10.96 5.60 6.24
N LYS A 91 -11.44 4.37 6.10
CA LYS A 91 -12.80 4.06 6.50
C LYS A 91 -12.76 3.21 7.79
N THR A 92 -13.95 2.90 8.28
CA THR A 92 -14.07 2.11 9.50
C THR A 92 -13.37 0.76 9.32
N ASP A 93 -12.41 0.51 10.20
CA ASP A 93 -11.66 -0.74 10.15
C ASP A 93 -11.26 -1.04 8.71
N THR A 94 -11.09 0.03 7.94
CA THR A 94 -10.71 -0.10 6.54
C THR A 94 -9.94 1.14 6.08
N VAL A 95 -8.94 0.90 5.24
CA VAL A 95 -8.13 1.98 4.71
C VAL A 95 -8.40 2.14 3.22
N LEU A 96 -8.67 3.38 2.82
CA LEU A 96 -8.96 3.68 1.44
C LEU A 96 -7.71 4.29 0.79
N ILE A 97 -7.55 4.01 -0.50
CA ILE A 97 -6.40 4.52 -1.24
C ILE A 97 -6.88 5.02 -2.61
N LEU A 98 -7.25 6.29 -2.64
CA LEU A 98 -7.72 6.90 -3.87
C LEU A 98 -6.52 7.19 -4.79
N CYS A 99 -6.55 6.55 -5.95
CA CYS A 99 -5.48 6.73 -6.91
C CYS A 99 -6.09 7.29 -8.21
N ARG A 100 -5.73 8.54 -8.49
CA ARG A 100 -6.22 9.20 -9.69
C ARG A 100 -5.85 8.39 -10.94
N LYS A 101 -6.72 8.49 -11.94
CA LYS A 101 -6.50 7.77 -13.18
C LYS A 101 -5.93 8.73 -14.22
N LYS A 102 -4.75 8.38 -14.72
CA LYS A 102 -4.09 9.21 -15.72
C LYS A 102 -4.90 9.18 -17.02
N VAL A 103 -5.63 8.09 -17.20
CA VAL A 103 -6.44 7.92 -18.39
C VAL A 103 -7.78 7.27 -18.00
N GLU A 104 -8.86 7.95 -18.37
CA GLU A 104 -10.19 7.45 -18.07
C GLU A 104 -10.52 6.26 -18.97
N ASN A 105 -11.71 5.71 -18.75
CA ASN A 105 -12.17 4.57 -19.54
C ASN A 105 -11.00 3.61 -19.75
N THR A 106 -10.43 3.15 -18.64
CA THR A 106 -9.31 2.22 -18.70
C THR A 106 -9.51 1.09 -17.70
N ARG A 107 -9.41 -0.13 -18.21
CA ARG A 107 -9.58 -1.31 -17.38
C ARG A 107 -8.24 -1.70 -16.74
N TRP A 108 -8.33 -2.32 -15.58
CA TRP A 108 -7.15 -2.75 -14.86
C TRP A 108 -7.23 -4.27 -14.67
N ASP A 109 -6.55 -4.99 -15.55
CA ASP A 109 -6.53 -6.43 -15.50
C ASP A 109 -5.87 -6.88 -14.20
N TYR A 110 -5.11 -5.97 -13.62
CA TYR A 110 -4.42 -6.25 -12.36
C TYR A 110 -4.07 -4.96 -11.62
N LEU A 111 -4.26 -5.01 -10.31
CA LEU A 111 -3.96 -3.86 -9.48
C LEU A 111 -2.56 -3.33 -9.82
N THR A 112 -1.67 -4.26 -10.11
CA THR A 112 -0.30 -3.90 -10.46
C THR A 112 0.07 -4.49 -11.82
N GLN A 113 1.07 -3.86 -12.44
CA GLN A 113 1.53 -4.31 -13.74
C GLN A 113 2.26 -5.65 -13.61
N VAL A 114 2.98 -5.79 -12.51
CA VAL A 114 3.73 -7.02 -12.27
C VAL A 114 2.81 -8.22 -12.50
N GLU A 115 1.72 -8.24 -11.75
CA GLU A 115 0.76 -9.33 -11.87
C GLU A 115 0.59 -9.73 -13.34
N LYS A 116 0.20 -8.77 -14.14
CA LYS A 116 0.00 -9.01 -15.57
C LYS A 116 1.12 -9.92 -16.08
N GLU A 117 2.30 -9.33 -16.22
CA GLU A 117 3.45 -10.08 -16.69
C GLU A 117 3.44 -11.49 -16.14
N CYS A 118 3.54 -11.58 -14.81
CA CYS A 118 3.54 -12.86 -14.15
C CYS A 118 2.40 -13.70 -14.72
N LYS A 119 1.18 -13.25 -14.47
CA LYS A 119 0.00 -13.94 -14.95
C LYS A 119 0.22 -14.37 -16.40
N GLU A 120 0.42 -13.38 -17.26
CA GLU A 120 0.64 -13.65 -18.67
C GLU A 120 1.65 -14.79 -18.84
N LYS A 121 2.86 -14.54 -18.34
CA LYS A 121 3.92 -15.53 -18.42
C LYS A 121 3.37 -16.90 -18.03
N SER A 122 3.87 -17.93 -18.71
CA SER A 122 3.44 -19.28 -18.44
C SER A 122 4.63 -20.14 -18.02
N GLY A 123 4.74 -20.34 -16.71
CA GLY A 123 5.84 -21.13 -16.18
C GLY A 123 5.59 -22.62 -16.40
N PRO A 124 6.50 -23.45 -15.82
CA PRO A 124 6.39 -24.90 -15.95
C PRO A 124 5.29 -25.44 -15.05
N SER A 125 5.33 -25.03 -13.80
CA SER A 125 4.34 -25.47 -12.83
C SER A 125 3.41 -24.31 -12.46
N SER A 126 2.25 -24.66 -11.93
CA SER A 126 1.28 -23.66 -11.52
C SER A 126 1.94 -22.64 -10.58
N GLY A 127 2.09 -21.43 -11.09
CA GLY A 127 2.69 -20.37 -10.31
C GLY A 127 4.18 -20.62 -10.08
N GLY A 1 47.33 -13.59 12.65
CA GLY A 1 46.29 -13.83 11.67
C GLY A 1 45.16 -12.80 11.80
N SER A 2 44.22 -12.86 10.87
CA SER A 2 43.09 -11.95 10.88
C SER A 2 43.59 -10.50 10.89
N SER A 3 43.54 -9.88 9.72
CA SER A 3 43.98 -8.50 9.59
C SER A 3 43.02 -7.73 8.67
N GLY A 4 42.80 -6.48 9.03
CA GLY A 4 41.92 -5.63 8.25
C GLY A 4 41.71 -4.28 8.95
N SER A 5 40.97 -3.41 8.26
CA SER A 5 40.68 -2.09 8.80
C SER A 5 39.20 -1.77 8.63
N SER A 6 38.41 -2.23 9.59
CA SER A 6 36.98 -1.99 9.57
C SER A 6 36.32 -2.71 10.74
N GLY A 7 35.13 -2.22 11.09
CA GLY A 7 34.37 -2.79 12.20
C GLY A 7 33.43 -1.76 12.82
N VAL A 8 32.18 -1.81 12.39
CA VAL A 8 31.18 -0.88 12.89
C VAL A 8 29.98 -1.68 13.40
N VAL A 9 29.48 -1.26 14.56
CA VAL A 9 28.34 -1.92 15.17
C VAL A 9 27.20 -0.90 15.35
N ALA A 10 25.98 -1.39 15.16
CA ALA A 10 24.82 -0.54 15.30
C ALA A 10 23.80 -1.22 16.21
N PRO A 11 23.55 -0.58 17.38
CA PRO A 11 22.60 -1.11 18.35
C PRO A 11 21.16 -0.89 17.88
N ILE A 12 20.67 -1.86 17.12
CA ILE A 12 19.31 -1.78 16.60
C ILE A 12 18.32 -1.83 17.78
N THR A 13 17.14 -1.28 17.53
CA THR A 13 16.10 -1.26 18.54
C THR A 13 14.82 -1.91 18.02
N THR A 14 14.26 -2.78 18.84
CA THR A 14 13.04 -3.48 18.47
C THR A 14 12.13 -2.58 17.67
N GLY A 15 11.37 -3.19 16.77
CA GLY A 15 10.45 -2.45 15.92
C GLY A 15 10.27 -3.14 14.58
N TYR A 16 9.05 -3.07 14.07
CA TYR A 16 8.73 -3.68 12.79
C TYR A 16 7.29 -3.37 12.38
N THR A 17 6.96 -3.77 11.16
CA THR A 17 5.63 -3.54 10.63
C THR A 17 5.12 -4.78 9.89
N VAL A 18 3.82 -4.99 9.97
CA VAL A 18 3.20 -6.13 9.32
C VAL A 18 3.08 -5.85 7.81
N LYS A 19 3.03 -6.93 7.04
CA LYS A 19 2.92 -6.81 5.60
C LYS A 19 1.50 -7.16 5.18
N ILE A 20 0.88 -6.23 4.45
CA ILE A 20 -0.47 -6.43 3.98
C ILE A 20 -0.45 -7.25 2.69
N SER A 21 -0.62 -8.56 2.86
CA SER A 21 -0.62 -9.46 1.73
C SER A 21 -1.98 -9.42 1.01
N ASN A 22 -3.01 -9.76 1.76
CA ASN A 22 -4.36 -9.77 1.22
C ASN A 22 -4.95 -8.35 1.32
N TYR A 23 -5.30 -7.80 0.16
CA TYR A 23 -5.87 -6.48 0.11
C TYR A 23 -6.84 -6.34 -1.07
N GLY A 24 -8.01 -5.81 -0.77
CA GLY A 24 -9.03 -5.63 -1.79
C GLY A 24 -8.79 -4.33 -2.57
N TRP A 25 -8.98 -4.43 -3.88
CA TRP A 25 -8.80 -3.28 -4.75
C TRP A 25 -9.83 -3.35 -5.86
N ASP A 26 -10.26 -2.18 -6.31
CA ASP A 26 -11.25 -2.10 -7.38
C ASP A 26 -10.95 -0.87 -8.25
N GLN A 27 -11.26 -1.02 -9.53
CA GLN A 27 -11.04 0.06 -10.48
C GLN A 27 -12.34 0.41 -11.20
N SER A 28 -12.47 1.68 -11.54
CA SER A 28 -13.65 2.16 -12.24
C SER A 28 -13.25 3.17 -13.31
N ASP A 29 -14.07 3.23 -14.36
CA ASP A 29 -13.81 4.16 -15.46
C ASP A 29 -13.91 5.59 -14.94
N LYS A 30 -12.83 6.03 -14.29
CA LYS A 30 -12.79 7.37 -13.75
C LYS A 30 -11.57 7.49 -12.83
N PHE A 31 -11.51 6.60 -11.86
CA PHE A 31 -10.41 6.59 -10.91
C PHE A 31 -10.20 5.21 -10.30
N VAL A 32 -9.08 5.05 -9.62
CA VAL A 32 -8.75 3.78 -8.99
C VAL A 32 -8.74 3.97 -7.47
N LYS A 33 -9.27 2.96 -6.79
CA LYS A 33 -9.33 2.98 -5.33
C LYS A 33 -9.13 1.58 -4.79
N ILE A 34 -8.47 1.51 -3.64
CA ILE A 34 -8.20 0.23 -3.01
C ILE A 34 -8.86 0.20 -1.63
N TYR A 35 -9.22 -1.00 -1.20
CA TYR A 35 -9.85 -1.17 0.11
C TYR A 35 -9.24 -2.35 0.86
N ILE A 36 -8.49 -2.03 1.90
CA ILE A 36 -7.85 -3.05 2.71
C ILE A 36 -8.55 -3.13 4.07
N THR A 37 -8.48 -4.32 4.67
CA THR A 37 -9.10 -4.54 5.95
C THR A 37 -8.07 -4.38 7.08
N LEU A 38 -8.18 -3.25 7.77
CA LEU A 38 -7.27 -2.95 8.86
C LEU A 38 -8.07 -2.38 10.04
N THR A 39 -8.34 -3.24 11.00
CA THR A 39 -9.09 -2.83 12.18
C THR A 39 -8.23 -1.95 13.08
N GLY A 40 -8.74 -0.75 13.35
CA GLY A 40 -8.03 0.19 14.19
C GLY A 40 -7.45 1.34 13.36
N VAL A 41 -7.28 1.07 12.08
CA VAL A 41 -6.74 2.07 11.17
C VAL A 41 -7.64 3.30 11.19
N HIS A 42 -8.86 3.10 11.68
CA HIS A 42 -9.81 4.19 11.75
C HIS A 42 -9.73 4.86 13.12
N GLN A 43 -8.90 4.28 13.98
CA GLN A 43 -8.71 4.82 15.31
C GLN A 43 -7.34 5.49 15.43
N VAL A 44 -6.42 5.03 14.60
CA VAL A 44 -5.08 5.57 14.60
C VAL A 44 -5.10 6.98 13.99
N PRO A 45 -4.09 7.79 14.38
CA PRO A 45 -3.98 9.15 13.87
C PRO A 45 -3.48 9.17 12.43
N THR A 46 -3.56 10.34 11.81
CA THR A 46 -3.13 10.50 10.45
C THR A 46 -1.59 10.53 10.37
N GLU A 47 -0.98 10.51 11.55
CA GLU A 47 0.47 10.54 11.63
C GLU A 47 1.04 9.12 11.54
N ASN A 48 0.22 8.16 11.94
CA ASN A 48 0.62 6.77 11.90
C ASN A 48 0.32 6.19 10.52
N VAL A 49 -0.50 6.92 9.78
CA VAL A 49 -0.88 6.49 8.45
C VAL A 49 -0.22 7.40 7.41
N GLN A 50 0.90 6.94 6.88
CA GLN A 50 1.65 7.70 5.89
C GLN A 50 1.59 6.99 4.53
N VAL A 51 0.92 7.64 3.59
CA VAL A 51 0.80 7.09 2.25
C VAL A 51 1.24 8.14 1.23
N HIS A 52 2.01 7.69 0.26
CA HIS A 52 2.52 8.57 -0.78
C HIS A 52 2.11 8.02 -2.15
N PHE A 53 1.62 8.92 -3.00
CA PHE A 53 1.20 8.54 -4.33
C PHE A 53 2.23 8.97 -5.38
N THR A 54 2.34 8.18 -6.43
CA THR A 54 3.28 8.47 -7.50
C THR A 54 2.57 8.42 -8.85
N GLU A 55 3.38 8.36 -9.90
CA GLU A 55 2.85 8.30 -11.26
C GLU A 55 2.36 6.89 -11.57
N ARG A 56 3.12 5.91 -11.11
CA ARG A 56 2.78 4.51 -11.34
C ARG A 56 3.12 3.68 -10.11
N SER A 57 2.47 4.03 -9.01
CA SER A 57 2.70 3.33 -7.76
C SER A 57 2.12 4.14 -6.59
N PHE A 58 2.12 3.51 -5.42
CA PHE A 58 1.60 4.16 -4.23
C PHE A 58 1.99 3.37 -2.97
N ASP A 59 2.57 4.09 -2.03
CA ASP A 59 2.99 3.48 -0.78
C ASP A 59 2.04 3.92 0.35
N LEU A 60 1.71 2.96 1.21
CA LEU A 60 0.83 3.23 2.32
C LEU A 60 1.39 2.58 3.59
N LEU A 61 1.77 3.43 4.52
CA LEU A 61 2.34 2.96 5.78
C LEU A 61 1.28 3.09 6.89
N VAL A 62 1.36 2.18 7.84
CA VAL A 62 0.42 2.19 8.96
C VAL A 62 1.13 1.70 10.22
N LYS A 63 1.30 2.61 11.16
CA LYS A 63 1.95 2.28 12.41
C LYS A 63 0.93 2.31 13.55
N ASN A 64 1.34 1.77 14.69
CA ASN A 64 0.47 1.73 15.85
C ASN A 64 -0.96 1.42 15.41
N LEU A 65 -1.27 0.14 15.36
CA LEU A 65 -2.61 -0.30 14.96
C LEU A 65 -3.19 -1.20 16.03
N ASN A 66 -3.69 -2.34 15.60
CA ASN A 66 -4.29 -3.30 16.51
C ASN A 66 -3.18 -4.04 17.26
N GLY A 67 -2.54 -3.32 18.17
CA GLY A 67 -1.47 -3.90 18.96
C GLY A 67 -0.28 -4.27 18.08
N LYS A 68 -0.25 -3.65 16.90
CA LYS A 68 0.84 -3.90 15.96
C LYS A 68 0.80 -2.84 14.86
N SER A 69 1.68 -3.00 13.89
CA SER A 69 1.76 -2.06 12.78
C SER A 69 1.65 -2.81 11.45
N TYR A 70 1.14 -2.12 10.45
CA TYR A 70 0.97 -2.70 9.13
C TYR A 70 1.53 -1.79 8.05
N SER A 71 2.04 -2.40 7.00
CA SER A 71 2.61 -1.65 5.89
C SER A 71 2.08 -2.20 4.56
N MET A 72 1.83 -1.29 3.64
CA MET A 72 1.33 -1.67 2.32
C MET A 72 1.83 -0.70 1.25
N ILE A 73 2.56 -1.25 0.29
CA ILE A 73 3.11 -0.45 -0.79
C ILE A 73 2.92 -1.21 -2.11
N VAL A 74 2.66 -0.44 -3.16
CA VAL A 74 2.46 -1.02 -4.48
C VAL A 74 3.38 -0.32 -5.48
N ASN A 75 4.22 -1.11 -6.12
CA ASN A 75 5.15 -0.58 -7.10
C ASN A 75 4.84 -1.20 -8.47
N ASN A 76 4.71 -0.32 -9.46
CA ASN A 76 4.42 -0.75 -10.81
C ASN A 76 2.91 -0.99 -10.94
N LEU A 77 2.21 0.04 -11.40
CA LEU A 77 0.78 -0.04 -11.58
C LEU A 77 0.46 -0.18 -13.07
N LEU A 78 -0.44 -1.10 -13.37
CA LEU A 78 -0.84 -1.34 -14.75
C LEU A 78 -0.93 0.01 -15.49
N LYS A 79 -1.60 0.96 -14.85
CA LYS A 79 -1.76 2.28 -15.43
C LYS A 79 -1.25 3.33 -14.45
N PRO A 80 -0.91 4.52 -15.01
CA PRO A 80 -0.40 5.61 -14.20
C PRO A 80 -1.54 6.27 -13.40
N ILE A 81 -1.14 7.08 -12.42
CA ILE A 81 -2.10 7.76 -11.58
C ILE A 81 -1.54 9.13 -11.18
N SER A 82 -2.41 10.12 -11.19
CA SER A 82 -2.01 11.47 -10.83
C SER A 82 -1.71 11.55 -9.34
N VAL A 83 -0.57 12.13 -9.02
CA VAL A 83 -0.15 12.27 -7.64
C VAL A 83 -0.95 13.41 -6.98
N GLU A 84 -0.68 14.62 -7.44
CA GLU A 84 -1.36 15.79 -6.92
C GLU A 84 -2.88 15.57 -6.91
N GLY A 85 -3.31 14.65 -7.76
CA GLY A 85 -4.72 14.32 -7.86
C GLY A 85 -5.09 13.16 -6.93
N SER A 86 -4.13 12.28 -6.73
CA SER A 86 -4.34 11.13 -5.87
C SER A 86 -4.69 11.58 -4.45
N SER A 87 -5.33 10.68 -3.72
CA SER A 87 -5.72 10.98 -2.36
C SER A 87 -5.81 9.69 -1.54
N LYS A 88 -5.80 9.86 -0.22
CA LYS A 88 -5.88 8.71 0.67
C LYS A 88 -7.04 8.91 1.64
N LYS A 89 -7.79 7.83 1.86
CA LYS A 89 -8.92 7.88 2.76
C LYS A 89 -8.89 6.66 3.69
N VAL A 90 -9.64 6.76 4.77
CA VAL A 90 -9.70 5.67 5.73
C VAL A 90 -11.16 5.44 6.13
N LYS A 91 -11.53 4.16 6.21
CA LYS A 91 -12.88 3.79 6.57
C LYS A 91 -12.85 2.93 7.83
N THR A 92 -14.03 2.48 8.24
CA THR A 92 -14.14 1.65 9.44
C THR A 92 -13.33 0.37 9.27
N ASP A 93 -12.36 0.21 10.15
CA ASP A 93 -11.50 -0.97 10.10
C ASP A 93 -11.08 -1.25 8.66
N THR A 94 -10.94 -0.16 7.90
CA THR A 94 -10.55 -0.26 6.51
C THR A 94 -9.83 1.01 6.07
N VAL A 95 -8.85 0.84 5.19
CA VAL A 95 -8.08 1.96 4.69
C VAL A 95 -8.36 2.11 3.19
N LEU A 96 -8.70 3.32 2.79
CA LEU A 96 -8.98 3.62 1.41
C LEU A 96 -7.76 4.27 0.76
N ILE A 97 -7.55 3.93 -0.51
CA ILE A 97 -6.42 4.48 -1.24
C ILE A 97 -6.90 4.98 -2.62
N LEU A 98 -7.28 6.24 -2.65
CA LEU A 98 -7.76 6.85 -3.88
C LEU A 98 -6.56 7.17 -4.78
N CYS A 99 -6.57 6.55 -5.96
CA CYS A 99 -5.50 6.76 -6.92
C CYS A 99 -6.10 7.36 -8.18
N ARG A 100 -5.77 8.62 -8.42
CA ARG A 100 -6.28 9.33 -9.59
C ARG A 100 -5.85 8.59 -10.86
N LYS A 101 -6.70 8.69 -11.88
CA LYS A 101 -6.42 8.05 -13.14
C LYS A 101 -5.84 9.07 -14.12
N LYS A 102 -4.79 8.67 -14.81
CA LYS A 102 -4.14 9.53 -15.78
C LYS A 102 -5.02 9.66 -17.02
N VAL A 103 -5.86 8.65 -17.22
CA VAL A 103 -6.74 8.63 -18.37
C VAL A 103 -7.98 7.80 -18.04
N GLU A 104 -9.13 8.45 -18.07
CA GLU A 104 -10.38 7.78 -17.77
C GLU A 104 -10.67 6.71 -18.82
N ASN A 105 -11.76 5.98 -18.60
CA ASN A 105 -12.15 4.92 -19.51
C ASN A 105 -10.97 3.97 -19.72
N THR A 106 -10.46 3.46 -18.60
CA THR A 106 -9.34 2.54 -18.65
C THR A 106 -9.55 1.39 -17.66
N ARG A 107 -9.38 0.18 -18.16
CA ARG A 107 -9.55 -1.00 -17.33
C ARG A 107 -8.21 -1.40 -16.71
N TRP A 108 -8.29 -2.10 -15.58
CA TRP A 108 -7.10 -2.55 -14.88
C TRP A 108 -7.20 -4.07 -14.72
N ASP A 109 -6.55 -4.78 -15.64
CA ASP A 109 -6.55 -6.23 -15.61
C ASP A 109 -5.85 -6.70 -14.34
N TYR A 110 -5.06 -5.81 -13.76
CA TYR A 110 -4.33 -6.13 -12.54
C TYR A 110 -3.85 -4.86 -11.85
N LEU A 111 -3.90 -4.89 -10.53
CA LEU A 111 -3.48 -3.75 -9.73
C LEU A 111 -2.09 -3.30 -10.20
N THR A 112 -1.24 -4.28 -10.43
CA THR A 112 0.12 -4.01 -10.89
C THR A 112 0.42 -4.78 -12.17
N GLN A 113 1.59 -4.49 -12.72
CA GLN A 113 2.01 -5.15 -13.96
C GLN A 113 2.56 -6.55 -13.65
N VAL A 114 3.20 -6.66 -12.49
CA VAL A 114 3.78 -7.92 -12.08
C VAL A 114 2.72 -9.03 -12.23
N GLU A 115 1.65 -8.88 -11.46
CA GLU A 115 0.57 -9.86 -11.50
C GLU A 115 0.26 -10.24 -12.95
N LYS A 116 0.02 -9.22 -13.76
CA LYS A 116 -0.30 -9.44 -15.16
C LYS A 116 0.67 -10.47 -15.74
N GLU A 117 1.94 -10.11 -15.75
CA GLU A 117 2.96 -10.99 -16.28
C GLU A 117 2.90 -12.35 -15.58
N CYS A 118 3.06 -12.33 -14.27
CA CYS A 118 3.01 -13.55 -13.48
C CYS A 118 1.85 -14.41 -13.99
N LYS A 119 0.66 -13.84 -13.94
CA LYS A 119 -0.53 -14.54 -14.40
C LYS A 119 -0.26 -15.16 -15.78
N GLU A 120 -0.02 -14.28 -16.74
CA GLU A 120 0.26 -14.73 -18.09
C GLU A 120 1.74 -15.11 -18.24
N LYS A 121 2.04 -16.35 -17.88
CA LYS A 121 3.40 -16.84 -17.97
C LYS A 121 3.61 -17.49 -19.34
N SER A 122 2.87 -18.56 -19.58
CA SER A 122 2.97 -19.28 -20.83
C SER A 122 1.62 -19.90 -21.19
N GLY A 123 0.96 -19.27 -22.15
CA GLY A 123 -0.34 -19.73 -22.61
C GLY A 123 -1.44 -18.73 -22.24
N PRO A 124 -2.21 -18.31 -23.28
CA PRO A 124 -3.29 -17.36 -23.08
C PRO A 124 -4.49 -18.04 -22.43
N SER A 125 -4.48 -18.05 -21.11
CA SER A 125 -5.57 -18.66 -20.35
C SER A 125 -6.38 -17.57 -19.65
N SER A 126 -7.69 -17.79 -19.61
CA SER A 126 -8.58 -16.85 -18.97
C SER A 126 -8.80 -17.24 -17.51
N GLY A 127 -8.31 -16.39 -16.62
CA GLY A 127 -8.45 -16.63 -15.20
C GLY A 127 -7.48 -17.73 -14.74
N GLY A 1 36.11 12.64 25.39
CA GLY A 1 35.08 13.23 24.55
C GLY A 1 35.27 14.74 24.41
N SER A 2 34.41 15.48 25.10
CA SER A 2 34.47 16.93 25.06
C SER A 2 33.85 17.51 26.34
N SER A 3 32.59 17.16 26.56
CA SER A 3 31.88 17.65 27.73
C SER A 3 30.48 17.03 27.77
N GLY A 4 30.42 15.81 28.29
CA GLY A 4 29.16 15.10 28.39
C GLY A 4 29.24 13.71 27.75
N SER A 5 28.34 12.84 28.18
CA SER A 5 28.31 11.49 27.65
C SER A 5 27.02 10.78 28.10
N SER A 6 26.55 9.89 27.24
CA SER A 6 25.33 9.15 27.54
C SER A 6 25.37 7.79 26.84
N GLY A 7 25.49 7.83 25.52
CA GLY A 7 25.54 6.62 24.72
C GLY A 7 24.49 6.65 23.61
N VAL A 8 24.59 5.66 22.73
CA VAL A 8 23.65 5.57 21.62
C VAL A 8 22.89 4.25 21.72
N VAL A 9 21.56 4.37 21.67
CA VAL A 9 20.71 3.20 21.76
C VAL A 9 19.66 3.26 20.65
N ALA A 10 19.26 2.08 20.19
CA ALA A 10 18.27 1.98 19.13
C ALA A 10 16.89 1.70 19.74
N PRO A 11 16.01 2.72 19.69
CA PRO A 11 14.67 2.58 20.25
C PRO A 11 13.79 1.73 19.33
N ILE A 12 13.69 0.46 19.67
CA ILE A 12 12.88 -0.46 18.89
C ILE A 12 11.42 -0.05 18.98
N THR A 13 10.74 -0.15 17.83
CA THR A 13 9.34 0.21 17.77
C THR A 13 8.49 -1.03 17.49
N THR A 14 8.01 -1.64 18.56
CA THR A 14 7.19 -2.83 18.44
C THR A 14 7.71 -3.73 17.32
N GLY A 15 8.71 -4.52 17.67
CA GLY A 15 9.30 -5.44 16.70
C GLY A 15 9.43 -4.78 15.33
N TYR A 16 8.49 -5.11 14.46
CA TYR A 16 8.47 -4.55 13.11
C TYR A 16 7.04 -4.36 12.60
N THR A 17 6.94 -3.74 11.44
CA THR A 17 5.64 -3.48 10.84
C THR A 17 5.15 -4.74 10.11
N VAL A 18 3.83 -4.92 10.14
CA VAL A 18 3.23 -6.06 9.48
C VAL A 18 3.17 -5.81 7.97
N LYS A 19 3.13 -6.91 7.23
CA LYS A 19 3.08 -6.82 5.78
C LYS A 19 1.66 -7.16 5.30
N ILE A 20 1.08 -6.22 4.57
CA ILE A 20 -0.26 -6.41 4.05
C ILE A 20 -0.19 -7.24 2.76
N SER A 21 -0.12 -8.54 2.93
CA SER A 21 -0.05 -9.45 1.80
C SER A 21 -1.43 -9.56 1.13
N ASN A 22 -2.45 -9.54 1.97
CA ASN A 22 -3.82 -9.64 1.47
C ASN A 22 -4.48 -8.26 1.54
N TYR A 23 -4.90 -7.79 0.38
CA TYR A 23 -5.55 -6.49 0.29
C TYR A 23 -6.56 -6.46 -0.86
N GLY A 24 -7.70 -5.85 -0.58
CA GLY A 24 -8.76 -5.75 -1.57
C GLY A 24 -8.64 -4.44 -2.36
N TRP A 25 -8.64 -4.58 -3.68
CA TRP A 25 -8.53 -3.43 -4.55
C TRP A 25 -9.67 -3.51 -5.58
N ASP A 26 -10.13 -2.34 -6.00
CA ASP A 26 -11.20 -2.26 -6.97
C ASP A 26 -11.21 -0.87 -7.61
N GLN A 27 -11.31 -0.86 -8.93
CA GLN A 27 -11.32 0.39 -9.66
C GLN A 27 -12.31 0.31 -10.83
N SER A 28 -12.60 1.47 -11.41
CA SER A 28 -13.52 1.53 -12.53
C SER A 28 -13.00 2.53 -13.58
N ASP A 29 -13.68 2.55 -14.71
CA ASP A 29 -13.31 3.44 -15.79
C ASP A 29 -13.54 4.89 -15.36
N LYS A 30 -12.63 5.39 -14.55
CA LYS A 30 -12.72 6.75 -14.06
C LYS A 30 -11.58 7.02 -13.08
N PHE A 31 -11.49 6.17 -12.07
CA PHE A 31 -10.45 6.31 -11.06
C PHE A 31 -10.09 4.94 -10.47
N VAL A 32 -9.02 4.95 -9.68
CA VAL A 32 -8.56 3.72 -9.04
C VAL A 32 -8.58 3.91 -7.52
N LYS A 33 -9.06 2.87 -6.84
CA LYS A 33 -9.14 2.91 -5.39
C LYS A 33 -8.91 1.50 -4.84
N ILE A 34 -8.32 1.45 -3.65
CA ILE A 34 -8.04 0.19 -3.00
C ILE A 34 -8.69 0.16 -1.62
N TYR A 35 -9.07 -1.03 -1.20
CA TYR A 35 -9.71 -1.20 0.10
C TYR A 35 -9.05 -2.34 0.89
N ILE A 36 -8.27 -1.95 1.87
CA ILE A 36 -7.57 -2.92 2.71
C ILE A 36 -8.31 -3.05 4.05
N THR A 37 -8.29 -4.25 4.58
CA THR A 37 -8.94 -4.53 5.85
C THR A 37 -7.96 -4.35 7.02
N LEU A 38 -8.07 -3.21 7.67
CA LEU A 38 -7.20 -2.90 8.80
C LEU A 38 -8.05 -2.41 9.98
N THR A 39 -8.16 -3.28 10.98
CA THR A 39 -8.95 -2.94 12.16
C THR A 39 -8.14 -2.02 13.08
N GLY A 40 -8.71 -0.85 13.34
CA GLY A 40 -8.05 0.13 14.20
C GLY A 40 -7.55 1.31 13.38
N VAL A 41 -7.36 1.07 12.09
CA VAL A 41 -6.88 2.12 11.21
C VAL A 41 -7.82 3.33 11.28
N HIS A 42 -9.04 3.06 11.72
CA HIS A 42 -10.04 4.10 11.85
C HIS A 42 -9.95 4.73 13.24
N GLN A 43 -9.01 4.23 14.02
CA GLN A 43 -8.82 4.73 15.37
C GLN A 43 -7.47 5.44 15.49
N VAL A 44 -6.58 5.10 14.57
CA VAL A 44 -5.25 5.70 14.57
C VAL A 44 -5.32 7.06 13.89
N PRO A 45 -4.36 7.94 14.28
CA PRO A 45 -4.29 9.28 13.72
C PRO A 45 -3.75 9.26 12.29
N THR A 46 -3.88 10.40 11.62
CA THR A 46 -3.40 10.52 10.25
C THR A 46 -1.88 10.62 10.22
N GLU A 47 -1.30 10.69 11.41
CA GLU A 47 0.14 10.80 11.53
C GLU A 47 0.78 9.40 11.52
N ASN A 48 0.00 8.42 11.93
CA ASN A 48 0.46 7.05 11.96
C ASN A 48 0.29 6.41 10.58
N VAL A 49 -0.50 7.08 9.75
CA VAL A 49 -0.75 6.59 8.41
C VAL A 49 0.00 7.48 7.41
N GLN A 50 1.05 6.90 6.82
CA GLN A 50 1.85 7.61 5.85
C GLN A 50 1.77 6.92 4.49
N VAL A 51 1.17 7.62 3.54
CA VAL A 51 1.02 7.09 2.19
C VAL A 51 1.47 8.15 1.18
N HIS A 52 2.22 7.69 0.19
CA HIS A 52 2.70 8.58 -0.85
C HIS A 52 2.29 8.06 -2.23
N PHE A 53 1.81 8.97 -3.05
CA PHE A 53 1.37 8.62 -4.39
C PHE A 53 2.43 8.99 -5.43
N THR A 54 2.51 8.18 -6.47
CA THR A 54 3.46 8.42 -7.54
C THR A 54 2.76 8.38 -8.90
N GLU A 55 3.57 8.30 -9.94
CA GLU A 55 3.04 8.26 -11.30
C GLU A 55 2.55 6.86 -11.64
N ARG A 56 3.28 5.87 -11.14
CA ARG A 56 2.93 4.49 -11.38
C ARG A 56 3.24 3.63 -10.14
N SER A 57 2.72 4.09 -9.01
CA SER A 57 2.92 3.37 -7.76
C SER A 57 2.29 4.15 -6.61
N PHE A 58 2.35 3.56 -5.42
CA PHE A 58 1.78 4.18 -4.24
C PHE A 58 2.15 3.40 -2.98
N ASP A 59 2.70 4.11 -2.02
CA ASP A 59 3.10 3.50 -0.76
C ASP A 59 2.11 3.90 0.34
N LEU A 60 1.88 2.97 1.24
CA LEU A 60 0.95 3.21 2.34
C LEU A 60 1.49 2.54 3.61
N LEU A 61 1.79 3.37 4.60
CA LEU A 61 2.32 2.88 5.87
C LEU A 61 1.25 3.06 6.96
N VAL A 62 1.27 2.15 7.91
CA VAL A 62 0.33 2.20 9.01
C VAL A 62 1.04 1.77 10.30
N LYS A 63 1.24 2.74 11.18
CA LYS A 63 1.90 2.48 12.45
C LYS A 63 0.86 2.50 13.56
N ASN A 64 1.22 1.87 14.68
CA ASN A 64 0.34 1.81 15.83
C ASN A 64 -1.08 1.47 15.35
N LEU A 65 -1.39 0.18 15.40
CA LEU A 65 -2.69 -0.29 14.97
C LEU A 65 -3.25 -1.24 16.04
N ASN A 66 -3.81 -2.34 15.56
CA ASN A 66 -4.39 -3.33 16.45
C ASN A 66 -3.26 -4.03 17.22
N GLY A 67 -2.65 -3.28 18.12
CA GLY A 67 -1.57 -3.82 18.93
C GLY A 67 -0.36 -4.15 18.06
N LYS A 68 -0.32 -3.54 16.88
CA LYS A 68 0.78 -3.75 15.96
C LYS A 68 0.69 -2.73 14.83
N SER A 69 1.67 -2.80 13.94
CA SER A 69 1.72 -1.88 12.81
C SER A 69 1.65 -2.66 11.50
N TYR A 70 1.16 -1.98 10.47
CA TYR A 70 1.04 -2.60 9.16
C TYR A 70 1.62 -1.69 8.06
N SER A 71 2.19 -2.34 7.06
CA SER A 71 2.79 -1.61 5.95
C SER A 71 2.29 -2.17 4.62
N MET A 72 2.07 -1.27 3.67
CA MET A 72 1.59 -1.66 2.37
C MET A 72 2.10 -0.71 1.28
N ILE A 73 2.80 -1.28 0.31
CA ILE A 73 3.35 -0.50 -0.78
C ILE A 73 3.13 -1.24 -2.09
N VAL A 74 2.90 -0.47 -3.14
CA VAL A 74 2.68 -1.05 -4.46
C VAL A 74 3.61 -0.38 -5.47
N ASN A 75 4.41 -1.21 -6.12
CA ASN A 75 5.36 -0.71 -7.11
C ASN A 75 5.00 -1.29 -8.48
N ASN A 76 4.87 -0.39 -9.45
CA ASN A 76 4.52 -0.79 -10.80
C ASN A 76 3.01 -0.98 -10.90
N LEU A 77 2.35 0.07 -11.38
CA LEU A 77 0.90 0.04 -11.54
C LEU A 77 0.55 -0.14 -13.02
N LEU A 78 -0.39 -1.03 -13.27
CA LEU A 78 -0.82 -1.29 -14.64
C LEU A 78 -0.85 0.02 -15.42
N LYS A 79 -1.48 1.01 -14.82
CA LYS A 79 -1.60 2.33 -15.45
C LYS A 79 -1.11 3.40 -14.48
N PRO A 80 -0.77 4.57 -15.05
CA PRO A 80 -0.29 5.69 -14.25
C PRO A 80 -1.44 6.36 -13.50
N ILE A 81 -1.08 7.20 -12.55
CA ILE A 81 -2.07 7.91 -11.76
C ILE A 81 -1.57 9.33 -11.47
N SER A 82 -2.52 10.23 -11.24
CA SER A 82 -2.19 11.61 -10.95
C SER A 82 -1.99 11.80 -9.44
N VAL A 83 -0.73 11.92 -9.06
CA VAL A 83 -0.38 12.10 -7.66
C VAL A 83 -1.24 13.24 -7.08
N GLU A 84 -0.99 14.43 -7.58
CA GLU A 84 -1.73 15.60 -7.14
C GLU A 84 -3.19 15.25 -6.88
N GLY A 85 -3.81 14.63 -7.89
CA GLY A 85 -5.19 14.24 -7.80
C GLY A 85 -5.37 13.09 -6.80
N SER A 86 -4.36 12.23 -6.75
CA SER A 86 -4.39 11.09 -5.84
C SER A 86 -4.77 11.56 -4.44
N SER A 87 -5.39 10.65 -3.70
CA SER A 87 -5.81 10.94 -2.34
C SER A 87 -5.95 9.65 -1.54
N LYS A 88 -5.88 9.79 -0.23
CA LYS A 88 -5.99 8.65 0.66
C LYS A 88 -7.19 8.85 1.59
N LYS A 89 -7.88 7.75 1.86
CA LYS A 89 -9.04 7.79 2.74
C LYS A 89 -9.00 6.59 3.69
N VAL A 90 -9.79 6.69 4.75
CA VAL A 90 -9.85 5.62 5.73
C VAL A 90 -11.32 5.35 6.09
N LYS A 91 -11.63 4.07 6.22
CA LYS A 91 -12.99 3.67 6.57
C LYS A 91 -12.96 2.88 7.88
N THR A 92 -14.12 2.32 8.21
CA THR A 92 -14.24 1.54 9.43
C THR A 92 -13.39 0.27 9.34
N ASP A 93 -12.30 0.27 10.07
CA ASP A 93 -11.40 -0.86 10.08
C ASP A 93 -10.94 -1.17 8.65
N THR A 94 -10.76 -0.11 7.88
CA THR A 94 -10.35 -0.25 6.50
C THR A 94 -9.67 1.04 6.01
N VAL A 95 -8.62 0.85 5.24
CA VAL A 95 -7.87 1.98 4.70
C VAL A 95 -8.15 2.11 3.20
N LEU A 96 -8.59 3.29 2.80
CA LEU A 96 -8.89 3.54 1.41
C LEU A 96 -7.70 4.26 0.76
N ILE A 97 -7.43 3.89 -0.48
CA ILE A 97 -6.34 4.48 -1.22
C ILE A 97 -6.84 4.95 -2.59
N LEU A 98 -7.26 6.21 -2.63
CA LEU A 98 -7.76 6.78 -3.86
C LEU A 98 -6.59 7.16 -4.76
N CYS A 99 -6.56 6.53 -5.93
CA CYS A 99 -5.50 6.77 -6.89
C CYS A 99 -6.14 7.30 -8.18
N ARG A 100 -5.94 8.59 -8.42
CA ARG A 100 -6.48 9.22 -9.61
C ARG A 100 -5.99 8.51 -10.87
N LYS A 101 -6.84 8.51 -11.88
CA LYS A 101 -6.50 7.86 -13.14
C LYS A 101 -5.83 8.88 -14.06
N LYS A 102 -4.69 8.48 -14.61
CA LYS A 102 -3.94 9.34 -15.51
C LYS A 102 -4.70 9.48 -16.82
N VAL A 103 -5.51 8.48 -17.11
CA VAL A 103 -6.30 8.49 -18.34
C VAL A 103 -7.58 7.69 -18.11
N GLU A 104 -8.70 8.41 -18.09
CA GLU A 104 -9.99 7.80 -17.89
C GLU A 104 -10.24 6.72 -18.95
N ASN A 105 -11.41 6.09 -18.85
CA ASN A 105 -11.78 5.05 -19.78
C ASN A 105 -10.58 4.11 -19.98
N THR A 106 -10.23 3.42 -18.91
CA THR A 106 -9.11 2.48 -18.96
C THR A 106 -9.22 1.46 -17.83
N ARG A 107 -9.74 0.30 -18.17
CA ARG A 107 -9.90 -0.77 -17.20
C ARG A 107 -8.54 -1.25 -16.71
N TRP A 108 -8.52 -1.71 -15.47
CA TRP A 108 -7.29 -2.20 -14.86
C TRP A 108 -7.43 -3.71 -14.68
N ASP A 109 -6.96 -4.44 -15.68
CA ASP A 109 -7.03 -5.90 -15.64
C ASP A 109 -6.35 -6.40 -14.36
N TYR A 110 -5.46 -5.57 -13.83
CA TYR A 110 -4.76 -5.91 -12.61
C TYR A 110 -4.25 -4.66 -11.90
N LEU A 111 -4.15 -4.76 -10.59
CA LEU A 111 -3.69 -3.64 -9.79
C LEU A 111 -2.30 -3.20 -10.28
N THR A 112 -1.40 -4.17 -10.34
CA THR A 112 -0.06 -3.90 -10.80
C THR A 112 0.27 -4.72 -12.05
N GLN A 113 1.39 -4.39 -12.66
CA GLN A 113 1.82 -5.10 -13.85
C GLN A 113 2.24 -6.53 -13.51
N VAL A 114 2.98 -6.65 -12.42
CA VAL A 114 3.44 -7.95 -11.96
C VAL A 114 2.32 -8.98 -12.15
N GLU A 115 1.25 -8.77 -11.41
CA GLU A 115 0.10 -9.67 -11.49
C GLU A 115 -0.18 -10.06 -12.94
N LYS A 116 -0.38 -9.02 -13.76
CA LYS A 116 -0.66 -9.23 -15.17
C LYS A 116 0.36 -10.23 -15.74
N GLU A 117 1.62 -9.79 -15.77
CA GLU A 117 2.68 -10.63 -16.29
C GLU A 117 2.54 -12.06 -15.76
N CYS A 118 2.51 -12.16 -14.44
CA CYS A 118 2.38 -13.45 -13.79
C CYS A 118 1.19 -14.19 -14.41
N LYS A 119 0.01 -13.62 -14.18
CA LYS A 119 -1.21 -14.21 -14.71
C LYS A 119 -0.99 -14.62 -16.16
N GLU A 120 -0.49 -13.67 -16.95
CA GLU A 120 -0.23 -13.92 -18.36
C GLU A 120 1.22 -14.35 -18.56
N LYS A 121 1.77 -13.98 -19.71
CA LYS A 121 3.14 -14.31 -20.03
C LYS A 121 4.08 -13.66 -19.01
N SER A 122 5.15 -14.36 -18.71
CA SER A 122 6.13 -13.86 -17.76
C SER A 122 7.51 -14.45 -18.07
N GLY A 123 8.51 -13.96 -17.34
CA GLY A 123 9.87 -14.43 -17.51
C GLY A 123 10.19 -15.56 -16.53
N PRO A 124 11.52 -15.76 -16.33
CA PRO A 124 11.98 -16.80 -15.42
C PRO A 124 11.78 -16.39 -13.96
N SER A 125 10.53 -16.50 -13.51
CA SER A 125 10.20 -16.15 -12.14
C SER A 125 10.52 -14.67 -11.89
N SER A 126 9.94 -14.14 -10.82
CA SER A 126 10.16 -12.76 -10.47
C SER A 126 11.18 -12.66 -9.33
N GLY A 127 12.38 -12.25 -9.71
CA GLY A 127 13.46 -12.12 -8.73
C GLY A 127 14.82 -12.36 -9.38
N GLY A 1 45.24 10.23 12.23
CA GLY A 1 44.16 9.52 11.58
C GLY A 1 43.56 8.47 12.52
N SER A 2 42.44 7.90 12.08
CA SER A 2 41.76 6.89 12.86
C SER A 2 42.38 5.52 12.60
N SER A 3 42.23 4.64 13.58
CA SER A 3 42.76 3.29 13.46
C SER A 3 41.62 2.28 13.33
N GLY A 4 40.76 2.28 14.35
CA GLY A 4 39.63 1.37 14.36
C GLY A 4 39.57 0.59 15.68
N SER A 5 40.60 -0.22 15.90
CA SER A 5 40.67 -1.02 17.11
C SER A 5 39.45 -1.93 17.21
N SER A 6 38.43 -1.43 17.88
CA SER A 6 37.20 -2.18 18.06
C SER A 6 35.99 -1.28 17.78
N GLY A 7 35.86 -0.24 18.60
CA GLY A 7 34.76 0.70 18.46
C GLY A 7 33.52 0.21 19.22
N VAL A 8 32.57 1.11 19.37
CA VAL A 8 31.34 0.79 20.07
C VAL A 8 30.14 1.24 19.23
N VAL A 9 29.38 0.26 18.77
CA VAL A 9 28.21 0.54 17.96
C VAL A 9 27.03 -0.32 18.45
N ALA A 10 25.90 0.34 18.61
CA ALA A 10 24.70 -0.35 19.06
C ALA A 10 23.74 -0.53 17.89
N PRO A 11 23.36 -1.81 17.64
CA PRO A 11 22.45 -2.13 16.56
C PRO A 11 21.01 -1.74 16.92
N ILE A 12 20.13 -1.90 15.94
CA ILE A 12 18.73 -1.57 16.14
C ILE A 12 18.13 -2.52 17.19
N THR A 13 17.01 -2.08 17.75
CA THR A 13 16.33 -2.88 18.76
C THR A 13 14.87 -3.10 18.37
N THR A 14 14.55 -4.36 18.12
CA THR A 14 13.19 -4.73 17.74
C THR A 14 12.62 -3.71 16.75
N GLY A 15 11.30 -3.67 16.67
CA GLY A 15 10.64 -2.75 15.77
C GLY A 15 10.44 -3.38 14.39
N TYR A 16 9.20 -3.32 13.91
CA TYR A 16 8.86 -3.87 12.61
C TYR A 16 7.41 -3.56 12.24
N THR A 17 7.08 -3.87 11.00
CA THR A 17 5.74 -3.63 10.49
C THR A 17 5.22 -4.85 9.75
N VAL A 18 3.91 -5.05 9.85
CA VAL A 18 3.27 -6.18 9.19
C VAL A 18 3.16 -5.89 7.68
N LYS A 19 3.08 -6.95 6.91
CA LYS A 19 2.96 -6.82 5.47
C LYS A 19 1.53 -7.14 5.05
N ILE A 20 0.92 -6.20 4.35
CA ILE A 20 -0.44 -6.35 3.88
C ILE A 20 -0.43 -7.12 2.56
N SER A 21 -0.56 -8.44 2.68
CA SER A 21 -0.56 -9.30 1.51
C SER A 21 -1.93 -9.26 0.83
N ASN A 22 -2.95 -9.63 1.60
CA ASN A 22 -4.31 -9.64 1.10
C ASN A 22 -4.90 -8.24 1.22
N TYR A 23 -5.27 -7.68 0.07
CA TYR A 23 -5.86 -6.35 0.04
C TYR A 23 -6.84 -6.21 -1.11
N GLY A 24 -8.01 -5.67 -0.80
CA GLY A 24 -9.04 -5.46 -1.81
C GLY A 24 -8.79 -4.19 -2.60
N TRP A 25 -8.94 -4.30 -3.91
CA TRP A 25 -8.75 -3.16 -4.79
C TRP A 25 -9.79 -3.23 -5.90
N ASP A 26 -10.19 -2.06 -6.36
CA ASP A 26 -11.19 -1.97 -7.42
C ASP A 26 -10.87 -0.78 -8.32
N GLN A 27 -11.25 -0.90 -9.58
CA GLN A 27 -11.02 0.16 -10.55
C GLN A 27 -12.31 0.49 -11.30
N SER A 28 -12.45 1.76 -11.63
CA SER A 28 -13.63 2.22 -12.34
C SER A 28 -13.22 3.25 -13.40
N ASP A 29 -14.01 3.31 -14.47
CA ASP A 29 -13.75 4.24 -15.55
C ASP A 29 -13.89 5.67 -15.03
N LYS A 30 -12.84 6.12 -14.34
CA LYS A 30 -12.83 7.46 -13.79
C LYS A 30 -11.62 7.60 -12.85
N PHE A 31 -11.55 6.70 -11.88
CA PHE A 31 -10.46 6.72 -10.92
C PHE A 31 -10.24 5.33 -10.31
N VAL A 32 -9.10 5.18 -9.66
CA VAL A 32 -8.76 3.92 -9.02
C VAL A 32 -8.78 4.09 -7.51
N LYS A 33 -9.26 3.05 -6.84
CA LYS A 33 -9.35 3.08 -5.39
C LYS A 33 -9.09 1.67 -4.84
N ILE A 34 -8.52 1.63 -3.66
CA ILE A 34 -8.22 0.35 -3.01
C ILE A 34 -8.87 0.32 -1.63
N TYR A 35 -9.26 -0.88 -1.23
CA TYR A 35 -9.89 -1.07 0.07
C TYR A 35 -9.25 -2.23 0.84
N ILE A 36 -8.50 -1.86 1.87
CA ILE A 36 -7.83 -2.85 2.69
C ILE A 36 -8.56 -2.98 4.03
N THR A 37 -8.53 -4.19 4.58
CA THR A 37 -9.18 -4.45 5.85
C THR A 37 -8.18 -4.31 7.00
N LEU A 38 -8.29 -3.19 7.70
CA LEU A 38 -7.41 -2.92 8.82
C LEU A 38 -8.23 -2.41 10.00
N THR A 39 -8.51 -3.31 10.93
CA THR A 39 -9.28 -2.95 12.11
C THR A 39 -8.43 -2.15 13.09
N GLY A 40 -8.77 -0.88 13.22
CA GLY A 40 -8.04 -0.01 14.12
C GLY A 40 -7.49 1.21 13.38
N VAL A 41 -7.28 1.02 12.08
CA VAL A 41 -6.75 2.08 11.25
C VAL A 41 -7.67 3.31 11.34
N HIS A 42 -8.91 3.05 11.71
CA HIS A 42 -9.89 4.11 11.84
C HIS A 42 -9.84 4.68 13.26
N GLN A 43 -8.90 4.14 14.05
CA GLN A 43 -8.73 4.59 15.41
C GLN A 43 -7.39 5.29 15.59
N VAL A 44 -6.46 4.93 14.73
CA VAL A 44 -5.13 5.52 14.77
C VAL A 44 -5.17 6.90 14.13
N PRO A 45 -4.20 7.76 14.57
CA PRO A 45 -4.13 9.11 14.05
C PRO A 45 -3.54 9.12 12.63
N THR A 46 -3.63 10.28 12.00
CA THR A 46 -3.12 10.44 10.64
C THR A 46 -1.59 10.50 10.66
N GLU A 47 -1.04 10.49 11.86
CA GLU A 47 0.40 10.54 12.03
C GLU A 47 1.00 9.14 11.94
N ASN A 48 0.12 8.15 12.01
CA ASN A 48 0.56 6.76 11.94
C ASN A 48 0.21 6.20 10.56
N VAL A 49 -0.35 7.06 9.72
CA VAL A 49 -0.73 6.67 8.37
C VAL A 49 0.03 7.53 7.36
N GLN A 50 1.08 6.93 6.80
CA GLN A 50 1.89 7.63 5.81
C GLN A 50 1.78 6.94 4.45
N VAL A 51 1.21 7.67 3.50
CA VAL A 51 1.04 7.14 2.16
C VAL A 51 1.47 8.21 1.14
N HIS A 52 2.14 7.74 0.10
CA HIS A 52 2.60 8.65 -0.94
C HIS A 52 2.20 8.09 -2.31
N PHE A 53 1.66 8.99 -3.13
CA PHE A 53 1.23 8.60 -4.47
C PHE A 53 2.25 9.03 -5.52
N THR A 54 2.36 8.20 -6.56
CA THR A 54 3.30 8.49 -7.63
C THR A 54 2.59 8.42 -8.99
N GLU A 55 3.39 8.38 -10.03
CA GLU A 55 2.85 8.31 -11.39
C GLU A 55 2.31 6.91 -11.68
N ARG A 56 3.06 5.92 -11.24
CA ARG A 56 2.66 4.53 -11.44
C ARG A 56 3.01 3.70 -10.21
N SER A 57 2.51 4.14 -9.06
CA SER A 57 2.75 3.46 -7.81
C SER A 57 2.17 4.25 -6.65
N PHE A 58 2.23 3.66 -5.47
CA PHE A 58 1.72 4.30 -4.27
C PHE A 58 2.09 3.51 -3.02
N ASP A 59 2.69 4.21 -2.07
CA ASP A 59 3.10 3.60 -0.83
C ASP A 59 2.11 3.97 0.28
N LEU A 60 1.92 3.05 1.21
CA LEU A 60 1.02 3.27 2.32
C LEU A 60 1.56 2.56 3.56
N LEU A 61 1.88 3.36 4.57
CA LEU A 61 2.40 2.82 5.81
C LEU A 61 1.35 2.99 6.91
N VAL A 62 1.40 2.08 7.87
CA VAL A 62 0.46 2.11 8.99
C VAL A 62 1.17 1.63 10.25
N LYS A 63 1.36 2.57 11.18
CA LYS A 63 2.01 2.26 12.43
C LYS A 63 0.97 2.26 13.56
N ASN A 64 1.32 1.59 14.64
CA ASN A 64 0.44 1.51 15.79
C ASN A 64 -0.98 1.23 15.31
N LEU A 65 -1.33 -0.06 15.32
CA LEU A 65 -2.66 -0.48 14.88
C LEU A 65 -3.24 -1.44 15.93
N ASN A 66 -3.73 -2.57 15.44
CA ASN A 66 -4.31 -3.56 16.31
C ASN A 66 -3.21 -4.30 17.07
N GLY A 67 -2.61 -3.57 18.00
CA GLY A 67 -1.54 -4.13 18.81
C GLY A 67 -0.31 -4.43 17.96
N LYS A 68 -0.29 -3.84 16.77
CA LYS A 68 0.81 -4.04 15.85
C LYS A 68 0.76 -2.98 14.75
N SER A 69 1.71 -3.05 13.84
CA SER A 69 1.78 -2.11 12.73
C SER A 69 1.72 -2.87 11.40
N TYR A 70 1.15 -2.21 10.41
CA TYR A 70 1.02 -2.79 9.09
C TYR A 70 1.59 -1.87 8.01
N SER A 71 2.10 -2.48 6.95
CA SER A 71 2.68 -1.72 5.86
C SER A 71 2.16 -2.25 4.52
N MET A 72 1.93 -1.33 3.59
CA MET A 72 1.43 -1.68 2.28
C MET A 72 2.00 -0.75 1.21
N ILE A 73 2.69 -1.35 0.25
CA ILE A 73 3.28 -0.59 -0.83
C ILE A 73 2.98 -1.29 -2.17
N VAL A 74 2.83 -0.48 -3.20
CA VAL A 74 2.55 -1.01 -4.53
C VAL A 74 3.51 -0.37 -5.53
N ASN A 75 4.16 -1.22 -6.30
CA ASN A 75 5.10 -0.77 -7.31
C ASN A 75 4.74 -1.40 -8.65
N ASN A 76 4.63 -0.54 -9.66
CA ASN A 76 4.30 -1.01 -11.00
C ASN A 76 2.78 -1.13 -11.14
N LEU A 77 2.16 0.00 -11.44
CA LEU A 77 0.71 0.03 -11.61
C LEU A 77 0.37 -0.13 -13.09
N LEU A 78 -0.57 -1.03 -13.35
CA LEU A 78 -1.00 -1.29 -14.72
C LEU A 78 -1.08 0.04 -15.47
N LYS A 79 -1.70 1.01 -14.84
CA LYS A 79 -1.85 2.33 -15.44
C LYS A 79 -1.32 3.39 -14.47
N PRO A 80 -1.02 4.59 -15.03
CA PRO A 80 -0.50 5.69 -14.23
C PRO A 80 -1.63 6.34 -13.43
N ILE A 81 -1.23 7.16 -12.46
CA ILE A 81 -2.19 7.85 -11.61
C ILE A 81 -1.61 9.19 -11.18
N SER A 82 -2.47 10.20 -11.20
CA SER A 82 -2.06 11.54 -10.81
C SER A 82 -1.76 11.59 -9.32
N VAL A 83 -0.63 12.19 -8.99
CA VAL A 83 -0.22 12.31 -7.60
C VAL A 83 -0.98 13.45 -6.94
N GLU A 84 -0.67 14.66 -7.39
CA GLU A 84 -1.32 15.85 -6.85
C GLU A 84 -2.83 15.65 -6.80
N GLY A 85 -3.31 14.77 -7.68
CA GLY A 85 -4.73 14.48 -7.76
C GLY A 85 -5.09 13.28 -6.86
N SER A 86 -4.10 12.43 -6.64
CA SER A 86 -4.30 11.26 -5.82
C SER A 86 -4.61 11.67 -4.38
N SER A 87 -5.28 10.77 -3.67
CA SER A 87 -5.65 11.03 -2.29
C SER A 87 -5.79 9.70 -1.54
N LYS A 88 -5.89 9.82 -0.22
CA LYS A 88 -6.03 8.65 0.63
C LYS A 88 -7.17 8.88 1.63
N LYS A 89 -7.86 7.79 1.94
CA LYS A 89 -8.97 7.86 2.87
C LYS A 89 -8.92 6.66 3.81
N VAL A 90 -9.69 6.75 4.89
CA VAL A 90 -9.73 5.68 5.87
C VAL A 90 -11.18 5.42 6.27
N LYS A 91 -11.58 4.16 6.14
CA LYS A 91 -12.93 3.77 6.47
C LYS A 91 -12.91 2.87 7.70
N THR A 92 -14.09 2.57 8.21
CA THR A 92 -14.23 1.73 9.39
C THR A 92 -13.41 0.44 9.21
N ASP A 93 -12.43 0.28 10.09
CA ASP A 93 -11.58 -0.90 10.04
C ASP A 93 -11.16 -1.16 8.60
N THR A 94 -10.90 -0.07 7.88
CA THR A 94 -10.50 -0.18 6.49
C THR A 94 -9.77 1.10 6.05
N VAL A 95 -8.78 0.92 5.19
CA VAL A 95 -8.01 2.04 4.68
C VAL A 95 -8.27 2.20 3.19
N LEU A 96 -8.69 3.40 2.82
CA LEU A 96 -8.99 3.70 1.42
C LEU A 96 -7.77 4.39 0.80
N ILE A 97 -7.56 4.10 -0.48
CA ILE A 97 -6.45 4.68 -1.21
C ILE A 97 -6.92 5.11 -2.59
N LEU A 98 -7.36 6.36 -2.67
CA LEU A 98 -7.85 6.91 -3.92
C LEU A 98 -6.65 7.24 -4.82
N CYS A 99 -6.65 6.65 -6.00
CA CYS A 99 -5.58 6.88 -6.96
C CYS A 99 -6.18 7.47 -8.23
N ARG A 100 -5.82 8.72 -8.49
CA ARG A 100 -6.32 9.41 -9.68
C ARG A 100 -5.95 8.64 -10.94
N LYS A 101 -6.81 8.74 -11.93
CA LYS A 101 -6.60 8.05 -13.20
C LYS A 101 -6.05 9.06 -14.23
N LYS A 102 -4.91 8.71 -14.79
CA LYS A 102 -4.29 9.56 -15.78
C LYS A 102 -5.17 9.62 -17.03
N VAL A 103 -5.93 8.56 -17.24
CA VAL A 103 -6.82 8.47 -18.38
C VAL A 103 -8.01 7.58 -18.03
N GLU A 104 -9.19 8.19 -18.04
CA GLU A 104 -10.41 7.48 -17.72
C GLU A 104 -10.71 6.44 -18.81
N ASN A 105 -11.72 5.61 -18.54
CA ASN A 105 -12.11 4.59 -19.48
C ASN A 105 -10.92 3.66 -19.75
N THR A 106 -10.32 3.20 -18.66
CA THR A 106 -9.17 2.31 -18.75
C THR A 106 -9.27 1.20 -17.69
N ARG A 107 -9.59 0.01 -18.16
CA ARG A 107 -9.71 -1.14 -17.27
C ARG A 107 -8.35 -1.52 -16.71
N TRP A 108 -8.38 -2.12 -15.53
CA TRP A 108 -7.15 -2.54 -14.87
C TRP A 108 -7.21 -4.05 -14.68
N ASP A 109 -6.63 -4.75 -15.65
CA ASP A 109 -6.60 -6.21 -15.61
C ASP A 109 -5.90 -6.67 -14.33
N TYR A 110 -5.14 -5.75 -13.75
CA TYR A 110 -4.40 -6.05 -12.53
C TYR A 110 -3.95 -4.76 -11.84
N LEU A 111 -3.92 -4.83 -10.51
CA LEU A 111 -3.51 -3.68 -9.72
C LEU A 111 -2.10 -3.26 -10.13
N THR A 112 -1.31 -4.25 -10.52
CA THR A 112 0.06 -3.99 -10.94
C THR A 112 0.43 -4.89 -12.11
N GLN A 113 1.34 -4.39 -12.93
CA GLN A 113 1.79 -5.13 -14.10
C GLN A 113 2.36 -6.49 -13.68
N VAL A 114 3.06 -6.48 -12.56
CA VAL A 114 3.65 -7.70 -12.04
C VAL A 114 2.64 -8.84 -12.15
N GLU A 115 1.52 -8.66 -11.47
CA GLU A 115 0.46 -9.66 -11.48
C GLU A 115 0.24 -10.18 -12.91
N LYS A 116 0.19 -9.24 -13.84
CA LYS A 116 -0.01 -9.58 -15.23
C LYS A 116 1.07 -10.56 -15.69
N GLU A 117 2.31 -10.22 -15.35
CA GLU A 117 3.44 -11.06 -15.72
C GLU A 117 3.53 -12.26 -14.77
N CYS A 118 2.79 -12.17 -13.68
CA CYS A 118 2.77 -13.23 -12.69
C CYS A 118 1.77 -14.30 -13.14
N LYS A 119 0.53 -13.85 -13.32
CA LYS A 119 -0.53 -14.75 -13.76
C LYS A 119 -0.08 -15.49 -15.02
N GLU A 120 0.14 -14.71 -16.07
CA GLU A 120 0.57 -15.29 -17.33
C GLU A 120 2.02 -15.77 -17.24
N LYS A 121 2.17 -16.99 -16.76
CA LYS A 121 3.48 -17.59 -16.61
C LYS A 121 4.29 -16.78 -15.59
N SER A 122 4.33 -17.29 -14.37
CA SER A 122 5.06 -16.62 -13.31
C SER A 122 6.45 -16.20 -13.81
N GLY A 123 6.66 -14.90 -13.84
CA GLY A 123 7.92 -14.35 -14.30
C GLY A 123 9.08 -14.85 -13.42
N PRO A 124 10.22 -14.12 -13.51
CA PRO A 124 11.40 -14.47 -12.73
C PRO A 124 11.22 -14.08 -11.27
N SER A 125 10.30 -14.76 -10.61
CA SER A 125 10.02 -14.50 -9.20
C SER A 125 9.12 -15.60 -8.63
N SER A 126 9.75 -16.71 -8.27
CA SER A 126 9.02 -17.83 -7.71
C SER A 126 8.76 -17.60 -6.22
N GLY A 127 7.50 -17.76 -5.84
CA GLY A 127 7.12 -17.57 -4.45
C GLY A 127 7.48 -18.79 -3.61
N GLY A 1 36.55 17.19 18.82
CA GLY A 1 36.94 16.91 20.18
C GLY A 1 36.66 15.46 20.55
N SER A 2 36.93 15.13 21.81
CA SER A 2 36.70 13.78 22.30
C SER A 2 35.20 13.50 22.39
N SER A 3 34.66 12.95 21.32
CA SER A 3 33.24 12.64 21.26
C SER A 3 32.97 11.64 20.13
N GLY A 4 31.82 10.99 20.23
CA GLY A 4 31.43 10.03 19.22
C GLY A 4 29.97 10.24 18.78
N SER A 5 29.31 9.14 18.48
CA SER A 5 27.92 9.19 18.05
C SER A 5 27.80 10.00 16.76
N SER A 6 26.83 9.61 15.94
CA SER A 6 26.61 10.30 14.68
C SER A 6 25.13 10.22 14.30
N GLY A 7 24.55 11.39 14.04
CA GLY A 7 23.15 11.47 13.67
C GLY A 7 22.26 10.91 14.78
N VAL A 8 20.98 11.27 14.70
CA VAL A 8 20.02 10.81 15.69
C VAL A 8 18.99 9.90 15.01
N VAL A 9 19.22 8.60 15.15
CA VAL A 9 18.33 7.62 14.56
C VAL A 9 17.92 6.60 15.62
N ALA A 10 16.74 6.04 15.44
CA ALA A 10 16.21 5.06 16.37
C ALA A 10 15.72 3.84 15.59
N PRO A 11 16.49 2.72 15.72
CA PRO A 11 16.14 1.49 15.04
C PRO A 11 14.95 0.79 15.73
N ILE A 12 14.20 0.06 14.94
CA ILE A 12 13.04 -0.65 15.46
C ILE A 12 13.51 -1.73 16.44
N THR A 13 12.99 -1.67 17.65
CA THR A 13 13.35 -2.63 18.67
C THR A 13 12.40 -3.83 18.63
N THR A 14 12.80 -4.83 17.88
CA THR A 14 12.00 -6.04 17.75
C THR A 14 10.54 -5.68 17.49
N GLY A 15 10.34 -4.51 16.92
CA GLY A 15 9.01 -4.04 16.61
C GLY A 15 8.91 -3.54 15.16
N TYR A 16 8.75 -4.49 14.25
CA TYR A 16 8.65 -4.17 12.84
C TYR A 16 7.20 -3.87 12.45
N THR A 17 6.96 -3.88 11.14
CA THR A 17 5.64 -3.62 10.62
C THR A 17 5.11 -4.84 9.86
N VAL A 18 3.80 -5.02 9.94
CA VAL A 18 3.17 -6.14 9.26
C VAL A 18 3.06 -5.84 7.76
N LYS A 19 3.05 -6.91 6.98
CA LYS A 19 2.94 -6.77 5.54
C LYS A 19 1.52 -7.13 5.08
N ILE A 20 0.86 -6.15 4.50
CA ILE A 20 -0.50 -6.34 4.03
C ILE A 20 -0.46 -7.14 2.72
N SER A 21 -0.56 -8.44 2.85
CA SER A 21 -0.54 -9.33 1.69
C SER A 21 -1.93 -9.35 1.03
N ASN A 22 -2.93 -9.62 1.84
CA ASN A 22 -4.30 -9.67 1.35
C ASN A 22 -4.92 -8.28 1.44
N TYR A 23 -5.32 -7.76 0.28
CA TYR A 23 -5.92 -6.44 0.22
C TYR A 23 -6.92 -6.36 -0.94
N GLY A 24 -8.07 -5.76 -0.66
CA GLY A 24 -9.10 -5.61 -1.66
C GLY A 24 -8.93 -4.31 -2.44
N TRP A 25 -8.97 -4.42 -3.76
CA TRP A 25 -8.82 -3.26 -4.62
C TRP A 25 -9.92 -3.32 -5.68
N ASP A 26 -10.25 -2.14 -6.19
CA ASP A 26 -11.29 -2.04 -7.21
C ASP A 26 -11.26 -0.63 -7.82
N GLN A 27 -11.27 -0.60 -9.14
CA GLN A 27 -11.25 0.67 -9.86
C GLN A 27 -12.23 0.65 -11.02
N SER A 28 -12.52 1.82 -11.54
CA SER A 28 -13.44 1.95 -12.65
C SER A 28 -12.94 2.99 -13.65
N ASP A 29 -13.59 3.05 -14.79
CA ASP A 29 -13.22 4.00 -15.83
C ASP A 29 -13.47 5.43 -15.32
N LYS A 30 -12.49 5.92 -14.57
CA LYS A 30 -12.59 7.26 -14.01
C LYS A 30 -11.47 7.47 -13.00
N PHE A 31 -11.45 6.59 -12.00
CA PHE A 31 -10.44 6.67 -10.96
C PHE A 31 -10.14 5.28 -10.38
N VAL A 32 -9.09 5.23 -9.57
CA VAL A 32 -8.69 3.98 -8.96
C VAL A 32 -8.73 4.12 -7.44
N LYS A 33 -9.25 3.09 -6.79
CA LYS A 33 -9.35 3.10 -5.34
C LYS A 33 -9.14 1.67 -4.81
N ILE A 34 -8.58 1.59 -3.62
CA ILE A 34 -8.32 0.30 -2.99
C ILE A 34 -8.98 0.28 -1.60
N TYR A 35 -9.34 -0.92 -1.19
CA TYR A 35 -9.98 -1.11 0.11
C TYR A 35 -9.33 -2.26 0.88
N ILE A 36 -8.58 -1.91 1.91
CA ILE A 36 -7.90 -2.90 2.72
C ILE A 36 -8.64 -3.03 4.06
N THR A 37 -8.66 -4.26 4.56
CA THR A 37 -9.32 -4.54 5.83
C THR A 37 -8.32 -4.44 6.99
N LEU A 38 -8.39 -3.31 7.68
CA LEU A 38 -7.50 -3.06 8.81
C LEU A 38 -8.31 -2.54 9.99
N THR A 39 -8.51 -3.42 10.97
CA THR A 39 -9.27 -3.04 12.15
C THR A 39 -8.39 -2.24 13.11
N GLY A 40 -8.73 -0.96 13.24
CA GLY A 40 -7.99 -0.08 14.12
C GLY A 40 -7.41 1.11 13.35
N VAL A 41 -7.21 0.89 12.06
CA VAL A 41 -6.66 1.93 11.20
C VAL A 41 -7.56 3.16 11.28
N HIS A 42 -8.79 2.93 11.71
CA HIS A 42 -9.75 4.02 11.82
C HIS A 42 -9.67 4.63 13.22
N GLN A 43 -8.80 4.04 14.03
CA GLN A 43 -8.61 4.52 15.40
C GLN A 43 -7.28 5.25 15.53
N VAL A 44 -6.38 4.95 14.61
CA VAL A 44 -5.07 5.57 14.61
C VAL A 44 -5.15 6.93 13.92
N PRO A 45 -4.24 7.85 14.35
CA PRO A 45 -4.21 9.19 13.79
C PRO A 45 -3.60 9.18 12.38
N THR A 46 -3.70 10.32 11.72
CA THR A 46 -3.17 10.45 10.37
C THR A 46 -1.64 10.53 10.42
N GLU A 47 -1.11 10.53 11.63
CA GLU A 47 0.33 10.60 11.82
C GLU A 47 0.95 9.21 11.70
N ASN A 48 0.12 8.21 11.96
CA ASN A 48 0.58 6.83 11.89
C ASN A 48 0.28 6.27 10.49
N VAL A 49 -0.43 7.06 9.71
CA VAL A 49 -0.79 6.66 8.36
C VAL A 49 -0.05 7.55 7.35
N GLN A 50 0.97 6.97 6.74
CA GLN A 50 1.76 7.70 5.76
C GLN A 50 1.69 7.01 4.40
N VAL A 51 0.93 7.63 3.50
CA VAL A 51 0.76 7.09 2.15
C VAL A 51 1.20 8.13 1.14
N HIS A 52 2.03 7.69 0.20
CA HIS A 52 2.52 8.57 -0.85
C HIS A 52 2.11 8.04 -2.21
N PHE A 53 1.64 8.94 -3.05
CA PHE A 53 1.20 8.57 -4.39
C PHE A 53 2.24 8.98 -5.43
N THR A 54 2.36 8.14 -6.46
CA THR A 54 3.31 8.40 -7.53
C THR A 54 2.61 8.36 -8.89
N GLU A 55 3.42 8.27 -9.93
CA GLU A 55 2.89 8.22 -11.28
C GLU A 55 2.37 6.82 -11.60
N ARG A 56 3.10 5.83 -11.13
CA ARG A 56 2.72 4.44 -11.35
C ARG A 56 3.03 3.59 -10.11
N SER A 57 2.52 4.06 -8.98
CA SER A 57 2.73 3.36 -7.73
C SER A 57 2.11 4.15 -6.58
N PHE A 58 2.14 3.55 -5.39
CA PHE A 58 1.59 4.18 -4.21
C PHE A 58 1.93 3.39 -2.95
N ASP A 59 2.49 4.09 -1.98
CA ASP A 59 2.87 3.47 -0.72
C ASP A 59 1.89 3.90 0.37
N LEU A 60 1.72 3.01 1.35
CA LEU A 60 0.82 3.29 2.45
C LEU A 60 1.41 2.73 3.74
N LEU A 61 1.77 3.64 4.64
CA LEU A 61 2.35 3.25 5.92
C LEU A 61 1.26 3.24 6.98
N VAL A 62 1.40 2.32 7.93
CA VAL A 62 0.44 2.20 9.00
C VAL A 62 1.16 1.72 10.27
N LYS A 63 1.41 2.67 11.17
CA LYS A 63 2.08 2.36 12.42
C LYS A 63 1.06 2.37 13.56
N ASN A 64 1.50 1.83 14.69
CA ASN A 64 0.63 1.78 15.87
C ASN A 64 -0.79 1.46 15.43
N LEU A 65 -1.10 0.16 15.38
CA LEU A 65 -2.42 -0.29 14.99
C LEU A 65 -3.00 -1.17 16.10
N ASN A 66 -3.40 -2.38 15.70
CA ASN A 66 -3.98 -3.31 16.64
C ASN A 66 -2.85 -4.04 17.39
N GLY A 67 -2.24 -3.32 18.31
CA GLY A 67 -1.15 -3.88 19.09
C GLY A 67 0.05 -4.24 18.20
N LYS A 68 0.07 -3.63 17.02
CA LYS A 68 1.14 -3.86 16.07
C LYS A 68 1.11 -2.79 14.99
N SER A 69 1.90 -3.01 13.95
CA SER A 69 1.97 -2.07 12.84
C SER A 69 1.78 -2.82 11.51
N TYR A 70 1.35 -2.07 10.51
CA TYR A 70 1.13 -2.64 9.20
C TYR A 70 1.69 -1.73 8.10
N SER A 71 2.11 -2.36 7.01
CA SER A 71 2.66 -1.62 5.89
C SER A 71 2.09 -2.16 4.57
N MET A 72 1.85 -1.25 3.65
CA MET A 72 1.31 -1.61 2.35
C MET A 72 1.82 -0.68 1.26
N ILE A 73 2.51 -1.27 0.29
CA ILE A 73 3.05 -0.51 -0.82
C ILE A 73 2.82 -1.26 -2.12
N VAL A 74 2.57 -0.50 -3.18
CA VAL A 74 2.32 -1.08 -4.49
C VAL A 74 3.26 -0.45 -5.51
N ASN A 75 4.04 -1.30 -6.16
CA ASN A 75 4.99 -0.85 -7.16
C ASN A 75 4.65 -1.49 -8.50
N ASN A 76 4.58 -0.64 -9.53
CA ASN A 76 4.27 -1.12 -10.87
C ASN A 76 2.75 -1.22 -11.03
N LEU A 77 2.15 -0.09 -11.35
CA LEU A 77 0.71 -0.04 -11.55
C LEU A 77 0.39 -0.19 -13.03
N LEU A 78 -0.55 -1.09 -13.32
CA LEU A 78 -0.96 -1.34 -14.68
C LEU A 78 -1.01 -0.02 -15.45
N LYS A 79 -1.63 0.97 -14.83
CA LYS A 79 -1.75 2.28 -15.43
C LYS A 79 -1.24 3.34 -14.45
N PRO A 80 -0.92 4.54 -15.03
CA PRO A 80 -0.42 5.64 -14.21
C PRO A 80 -1.57 6.29 -13.42
N ILE A 81 -1.18 7.09 -12.44
CA ILE A 81 -2.15 7.78 -11.61
C ILE A 81 -1.63 9.17 -11.26
N SER A 82 -2.56 10.09 -11.09
CA SER A 82 -2.22 11.47 -10.76
C SER A 82 -1.94 11.59 -9.26
N VAL A 83 -0.78 12.13 -8.94
CA VAL A 83 -0.38 12.30 -7.55
C VAL A 83 -1.17 13.46 -6.95
N GLU A 84 -0.86 14.66 -7.42
CA GLU A 84 -1.53 15.86 -6.94
C GLU A 84 -3.03 15.61 -6.81
N GLY A 85 -3.56 14.85 -7.75
CA GLY A 85 -4.98 14.52 -7.76
C GLY A 85 -5.28 13.36 -6.82
N SER A 86 -4.30 12.47 -6.70
CA SER A 86 -4.46 11.30 -5.84
C SER A 86 -4.78 11.75 -4.42
N SER A 87 -5.39 10.83 -3.68
CA SER A 87 -5.77 11.12 -2.31
C SER A 87 -5.86 9.82 -1.51
N LYS A 88 -5.81 9.96 -0.19
CA LYS A 88 -5.89 8.81 0.70
C LYS A 88 -7.05 8.99 1.67
N LYS A 89 -7.76 7.90 1.92
CA LYS A 89 -8.89 7.92 2.82
C LYS A 89 -8.85 6.69 3.72
N VAL A 90 -9.58 6.78 4.82
CA VAL A 90 -9.64 5.68 5.77
C VAL A 90 -11.10 5.43 6.18
N LYS A 91 -11.47 4.16 6.15
CA LYS A 91 -12.83 3.77 6.51
C LYS A 91 -12.79 2.92 7.78
N THR A 92 -13.98 2.55 8.22
CA THR A 92 -14.10 1.73 9.42
C THR A 92 -13.33 0.41 9.25
N ASP A 93 -12.38 0.19 10.15
CA ASP A 93 -11.58 -1.02 10.11
C ASP A 93 -11.13 -1.28 8.66
N THR A 94 -10.94 -0.19 7.93
CA THR A 94 -10.51 -0.28 6.54
C THR A 94 -9.81 1.01 6.11
N VAL A 95 -8.83 0.84 5.25
CA VAL A 95 -8.08 1.99 4.74
C VAL A 95 -8.33 2.14 3.24
N LEU A 96 -8.71 3.34 2.86
CA LEU A 96 -8.98 3.64 1.46
C LEU A 96 -7.74 4.26 0.82
N ILE A 97 -7.58 3.99 -0.46
CA ILE A 97 -6.44 4.52 -1.20
C ILE A 97 -6.92 5.03 -2.56
N LEU A 98 -7.28 6.30 -2.59
CA LEU A 98 -7.75 6.92 -3.82
C LEU A 98 -6.55 7.22 -4.72
N CYS A 99 -6.56 6.61 -5.89
CA CYS A 99 -5.49 6.81 -6.85
C CYS A 99 -6.09 7.40 -8.13
N ARG A 100 -5.80 8.67 -8.35
CA ARG A 100 -6.30 9.35 -9.54
C ARG A 100 -5.85 8.62 -10.81
N LYS A 101 -6.71 8.68 -11.81
CA LYS A 101 -6.43 8.03 -13.08
C LYS A 101 -5.79 9.05 -14.04
N LYS A 102 -4.86 8.56 -14.83
CA LYS A 102 -4.18 9.41 -15.79
C LYS A 102 -4.95 9.40 -17.11
N VAL A 103 -5.65 8.30 -17.34
CA VAL A 103 -6.43 8.15 -18.55
C VAL A 103 -7.70 7.36 -18.25
N GLU A 104 -8.83 8.02 -18.45
CA GLU A 104 -10.12 7.40 -18.21
C GLU A 104 -10.35 6.23 -19.17
N ASN A 105 -11.55 5.67 -19.11
CA ASN A 105 -11.90 4.56 -19.98
C ASN A 105 -10.71 3.60 -20.09
N THR A 106 -10.10 3.33 -18.95
CA THR A 106 -8.96 2.43 -18.90
C THR A 106 -9.17 1.35 -17.84
N ARG A 107 -9.50 0.16 -18.32
CA ARG A 107 -9.73 -0.96 -17.43
C ARG A 107 -8.40 -1.46 -16.85
N TRP A 108 -8.45 -1.84 -15.58
CA TRP A 108 -7.26 -2.34 -14.91
C TRP A 108 -7.42 -3.85 -14.73
N ASP A 109 -6.76 -4.60 -15.60
CA ASP A 109 -6.82 -6.05 -15.56
C ASP A 109 -6.13 -6.53 -14.28
N TYR A 110 -5.34 -5.65 -13.70
CA TYR A 110 -4.61 -5.98 -12.48
C TYR A 110 -4.18 -4.71 -11.74
N LEU A 111 -3.95 -4.87 -10.45
CA LEU A 111 -3.54 -3.75 -9.62
C LEU A 111 -2.12 -3.34 -10.00
N THR A 112 -1.36 -4.30 -10.48
CA THR A 112 0.01 -4.06 -10.89
C THR A 112 0.38 -4.93 -12.09
N GLN A 113 1.33 -4.44 -12.88
CA GLN A 113 1.77 -5.15 -14.05
C GLN A 113 2.27 -6.55 -13.67
N VAL A 114 2.95 -6.61 -12.54
CA VAL A 114 3.49 -7.87 -12.05
C VAL A 114 2.43 -8.96 -12.24
N GLU A 115 1.29 -8.77 -11.59
CA GLU A 115 0.21 -9.73 -11.68
C GLU A 115 0.00 -10.15 -13.13
N LYS A 116 0.22 -9.21 -14.03
CA LYS A 116 0.05 -9.48 -15.46
C LYS A 116 1.19 -10.38 -15.93
N GLU A 117 2.41 -9.91 -15.72
CA GLU A 117 3.58 -10.68 -16.12
C GLU A 117 3.61 -12.03 -15.40
N CYS A 118 2.96 -12.06 -14.24
CA CYS A 118 2.90 -13.27 -13.46
C CYS A 118 1.78 -14.15 -13.99
N LYS A 119 0.57 -13.60 -13.96
CA LYS A 119 -0.59 -14.32 -14.44
C LYS A 119 -0.27 -14.97 -15.79
N GLU A 120 0.24 -14.15 -16.69
CA GLU A 120 0.60 -14.62 -18.02
C GLU A 120 1.52 -15.84 -17.91
N LYS A 121 2.62 -15.65 -17.20
CA LYS A 121 3.60 -16.72 -17.03
C LYS A 121 2.90 -17.94 -16.42
N SER A 122 2.96 -19.05 -17.14
CA SER A 122 2.35 -20.27 -16.69
C SER A 122 0.94 -19.99 -16.15
N GLY A 123 -0.02 -20.00 -17.06
CA GLY A 123 -1.41 -19.74 -16.69
C GLY A 123 -2.34 -20.80 -17.28
N PRO A 124 -3.65 -20.46 -17.32
CA PRO A 124 -4.66 -21.35 -17.86
C PRO A 124 -4.58 -21.41 -19.39
N SER A 125 -5.39 -22.29 -19.95
CA SER A 125 -5.43 -22.45 -21.40
C SER A 125 -6.05 -21.21 -22.05
N SER A 126 -7.25 -20.90 -21.62
CA SER A 126 -7.96 -19.74 -22.14
C SER A 126 -7.70 -18.52 -21.26
N GLY A 127 -7.01 -17.55 -21.85
CA GLY A 127 -6.68 -16.33 -21.12
C GLY A 127 -5.16 -16.20 -20.95
N GLY A 1 30.56 35.16 17.25
CA GLY A 1 31.12 34.46 18.40
C GLY A 1 31.94 33.24 17.96
N SER A 2 32.14 32.34 18.91
CA SER A 2 32.90 31.13 18.64
C SER A 2 32.64 30.10 19.74
N SER A 3 33.15 28.89 19.51
CA SER A 3 32.99 27.81 20.46
C SER A 3 31.50 27.49 20.63
N GLY A 4 31.24 26.25 21.02
CA GLY A 4 29.88 25.81 21.22
C GLY A 4 29.78 24.28 21.16
N SER A 5 29.44 23.79 19.97
CA SER A 5 29.31 22.35 19.78
C SER A 5 28.23 21.78 20.70
N SER A 6 27.18 21.26 20.08
CA SER A 6 26.09 20.69 20.84
C SER A 6 25.09 20.02 19.89
N GLY A 7 24.75 18.79 20.20
CA GLY A 7 23.81 18.03 19.38
C GLY A 7 23.56 16.64 19.97
N VAL A 8 22.31 16.43 20.37
CA VAL A 8 21.93 15.15 20.95
C VAL A 8 21.10 14.35 19.93
N VAL A 9 21.31 13.04 19.94
CA VAL A 9 20.60 12.17 19.02
C VAL A 9 19.85 11.10 19.82
N ALA A 10 18.63 10.82 19.38
CA ALA A 10 17.81 9.83 20.05
C ALA A 10 17.99 8.48 19.36
N PRO A 11 18.32 7.45 20.17
CA PRO A 11 18.51 6.10 19.65
C PRO A 11 17.18 5.45 19.31
N ILE A 12 17.00 5.16 18.03
CA ILE A 12 15.78 4.53 17.56
C ILE A 12 15.68 3.12 18.16
N THR A 13 14.45 2.66 18.30
CA THR A 13 14.19 1.34 18.84
C THR A 13 13.59 0.43 17.78
N THR A 14 14.15 -0.76 17.68
CA THR A 14 13.68 -1.72 16.70
C THR A 14 12.16 -1.62 16.54
N GLY A 15 11.74 -1.43 15.30
CA GLY A 15 10.33 -1.31 15.00
C GLY A 15 9.97 -2.09 13.73
N TYR A 16 9.13 -3.11 13.92
CA TYR A 16 8.70 -3.94 12.82
C TYR A 16 7.28 -3.59 12.38
N THR A 17 6.96 -3.95 11.15
CA THR A 17 5.64 -3.68 10.60
C THR A 17 5.11 -4.91 9.85
N VAL A 18 3.80 -5.07 9.91
CA VAL A 18 3.15 -6.19 9.25
C VAL A 18 3.06 -5.90 7.75
N LYS A 19 3.00 -6.97 6.97
CA LYS A 19 2.90 -6.85 5.53
C LYS A 19 1.49 -7.22 5.08
N ILE A 20 0.80 -6.24 4.53
CA ILE A 20 -0.56 -6.45 4.05
C ILE A 20 -0.52 -7.24 2.74
N SER A 21 -0.78 -8.54 2.86
CA SER A 21 -0.78 -9.40 1.70
C SER A 21 -2.15 -9.38 1.03
N ASN A 22 -3.17 -9.68 1.82
CA ASN A 22 -4.54 -9.70 1.31
C ASN A 22 -5.13 -8.29 1.43
N TYR A 23 -5.52 -7.75 0.28
CA TYR A 23 -6.10 -6.42 0.22
C TYR A 23 -7.11 -6.31 -0.92
N GLY A 24 -8.23 -5.67 -0.62
CA GLY A 24 -9.28 -5.49 -1.61
C GLY A 24 -9.02 -4.22 -2.44
N TRP A 25 -9.21 -4.37 -3.74
CA TRP A 25 -9.01 -3.25 -4.65
C TRP A 25 -10.13 -3.28 -5.69
N ASP A 26 -10.45 -2.10 -6.20
CA ASP A 26 -11.50 -1.98 -7.20
C ASP A 26 -11.06 -0.98 -8.29
N GLN A 27 -11.95 -0.75 -9.23
CA GLN A 27 -11.67 0.18 -10.32
C GLN A 27 -12.96 0.57 -11.03
N SER A 28 -13.07 1.86 -11.31
CA SER A 28 -14.25 2.38 -11.98
C SER A 28 -13.84 3.45 -12.99
N ASP A 29 -14.34 3.29 -14.22
CA ASP A 29 -14.03 4.23 -15.28
C ASP A 29 -14.09 5.65 -14.72
N LYS A 30 -12.95 6.13 -14.27
CA LYS A 30 -12.86 7.46 -13.72
C LYS A 30 -11.61 7.57 -12.83
N PHE A 31 -11.55 6.67 -11.86
CA PHE A 31 -10.42 6.65 -10.94
C PHE A 31 -10.25 5.26 -10.32
N VAL A 32 -9.10 5.07 -9.68
CA VAL A 32 -8.80 3.80 -9.04
C VAL A 32 -8.76 3.99 -7.53
N LYS A 33 -9.31 3.01 -6.83
CA LYS A 33 -9.34 3.06 -5.37
C LYS A 33 -9.18 1.65 -4.82
N ILE A 34 -8.56 1.58 -3.65
CA ILE A 34 -8.33 0.30 -2.99
C ILE A 34 -8.98 0.31 -1.61
N TYR A 35 -9.42 -0.87 -1.19
CA TYR A 35 -10.06 -1.00 0.11
C TYR A 35 -9.50 -2.20 0.88
N ILE A 36 -8.65 -1.90 1.84
CA ILE A 36 -8.04 -2.93 2.66
C ILE A 36 -8.80 -3.06 3.98
N THR A 37 -8.86 -4.28 4.47
CA THR A 37 -9.55 -4.56 5.72
C THR A 37 -8.58 -4.50 6.89
N LEU A 38 -8.62 -3.38 7.61
CA LEU A 38 -7.74 -3.19 8.75
C LEU A 38 -8.55 -2.61 9.91
N THR A 39 -8.84 -3.47 10.89
CA THR A 39 -9.61 -3.05 12.04
C THR A 39 -8.70 -2.31 13.04
N GLY A 40 -8.85 -1.00 13.05
CA GLY A 40 -8.06 -0.17 13.96
C GLY A 40 -7.43 1.00 13.20
N VAL A 41 -7.19 0.79 11.92
CA VAL A 41 -6.60 1.80 11.08
C VAL A 41 -7.46 3.07 11.14
N HIS A 42 -8.69 2.89 11.58
CA HIS A 42 -9.62 4.00 11.68
C HIS A 42 -9.50 4.63 13.07
N GLN A 43 -8.71 3.99 13.92
CA GLN A 43 -8.50 4.49 15.27
C GLN A 43 -7.15 5.19 15.38
N VAL A 44 -6.27 4.88 14.44
CA VAL A 44 -4.95 5.48 14.42
C VAL A 44 -5.02 6.85 13.75
N PRO A 45 -4.11 7.75 14.18
CA PRO A 45 -4.06 9.10 13.64
C PRO A 45 -3.45 9.10 12.24
N THR A 46 -3.56 10.25 11.58
CA THR A 46 -3.02 10.39 10.24
C THR A 46 -1.50 10.45 10.28
N GLU A 47 -0.97 10.54 11.50
CA GLU A 47 0.47 10.60 11.68
C GLU A 47 1.08 9.20 11.59
N ASN A 48 0.23 8.21 11.82
CA ASN A 48 0.67 6.82 11.76
C ASN A 48 0.39 6.26 10.36
N VAL A 49 -0.51 6.93 9.66
CA VAL A 49 -0.88 6.51 8.32
C VAL A 49 -0.14 7.38 7.30
N GLN A 50 0.95 6.83 6.77
CA GLN A 50 1.74 7.54 5.79
C GLN A 50 1.66 6.84 4.43
N VAL A 51 1.03 7.53 3.48
CA VAL A 51 0.88 7.00 2.15
C VAL A 51 1.31 8.05 1.13
N HIS A 52 2.08 7.59 0.15
CA HIS A 52 2.57 8.48 -0.89
C HIS A 52 2.16 7.93 -2.26
N PHE A 53 1.66 8.84 -3.10
CA PHE A 53 1.23 8.46 -4.43
C PHE A 53 2.28 8.88 -5.48
N THR A 54 2.41 8.04 -6.50
CA THR A 54 3.37 8.30 -7.56
C THR A 54 2.67 8.23 -8.92
N GLU A 55 3.49 8.19 -9.96
CA GLU A 55 2.97 8.12 -11.32
C GLU A 55 2.42 6.72 -11.61
N ARG A 56 3.17 5.73 -11.15
CA ARG A 56 2.77 4.34 -11.36
C ARG A 56 3.09 3.51 -10.12
N SER A 57 2.50 3.91 -9.00
CA SER A 57 2.72 3.22 -7.75
C SER A 57 2.13 4.02 -6.59
N PHE A 58 2.10 3.39 -5.43
CA PHE A 58 1.57 4.04 -4.24
C PHE A 58 1.94 3.26 -2.98
N ASP A 59 2.52 3.98 -2.02
CA ASP A 59 2.93 3.37 -0.77
C ASP A 59 1.96 3.78 0.33
N LEU A 60 1.75 2.87 1.27
CA LEU A 60 0.85 3.12 2.39
C LEU A 60 1.40 2.45 3.64
N LEU A 61 1.75 3.29 4.61
CA LEU A 61 2.29 2.80 5.87
C LEU A 61 1.26 3.02 6.98
N VAL A 62 1.28 2.11 7.95
CA VAL A 62 0.36 2.19 9.07
C VAL A 62 1.07 1.72 10.34
N LYS A 63 1.43 2.68 11.17
CA LYS A 63 2.12 2.38 12.42
C LYS A 63 1.10 2.38 13.57
N ASN A 64 1.52 1.79 14.68
CA ASN A 64 0.65 1.72 15.85
C ASN A 64 -0.78 1.42 15.41
N LEU A 65 -1.10 0.14 15.35
CA LEU A 65 -2.42 -0.29 14.95
C LEU A 65 -3.07 -1.09 16.09
N ASN A 66 -3.40 -2.33 15.78
CA ASN A 66 -4.02 -3.20 16.76
C ASN A 66 -2.95 -4.02 17.47
N GLY A 67 -2.26 -3.38 18.40
CA GLY A 67 -1.20 -4.04 19.14
C GLY A 67 -0.02 -4.39 18.23
N LYS A 68 0.01 -3.73 17.08
CA LYS A 68 1.07 -3.95 16.12
C LYS A 68 1.02 -2.88 15.04
N SER A 69 1.81 -3.09 14.00
CA SER A 69 1.86 -2.14 12.90
C SER A 69 1.73 -2.88 11.56
N TYR A 70 1.17 -2.19 10.59
CA TYR A 70 0.98 -2.76 9.27
C TYR A 70 1.55 -1.84 8.19
N SER A 71 2.03 -2.47 7.12
CA SER A 71 2.59 -1.73 6.01
C SER A 71 2.07 -2.28 4.68
N MET A 72 1.83 -1.36 3.75
CA MET A 72 1.32 -1.74 2.44
C MET A 72 1.84 -0.79 1.36
N ILE A 73 2.56 -1.37 0.41
CA ILE A 73 3.12 -0.59 -0.68
C ILE A 73 2.90 -1.33 -2.00
N VAL A 74 2.65 -0.56 -3.04
CA VAL A 74 2.42 -1.13 -4.36
C VAL A 74 3.34 -0.44 -5.37
N ASN A 75 4.14 -1.26 -6.04
CA ASN A 75 5.08 -0.76 -7.02
C ASN A 75 4.73 -1.36 -8.39
N ASN A 76 4.68 -0.50 -9.39
CA ASN A 76 4.36 -0.93 -10.74
C ASN A 76 2.85 -1.15 -10.87
N LEU A 77 2.17 -0.09 -11.28
CA LEU A 77 0.73 -0.14 -11.45
C LEU A 77 0.40 -0.35 -12.92
N LEU A 78 -0.49 -1.30 -13.17
CA LEU A 78 -0.90 -1.60 -14.54
C LEU A 78 -0.99 -0.31 -15.34
N LYS A 79 -1.60 0.70 -14.72
CA LYS A 79 -1.75 1.99 -15.37
C LYS A 79 -1.22 3.09 -14.44
N PRO A 80 -0.91 4.26 -15.05
CA PRO A 80 -0.39 5.39 -14.29
C PRO A 80 -1.52 6.06 -13.49
N ILE A 81 -1.10 6.89 -12.54
CA ILE A 81 -2.04 7.59 -11.70
C ILE A 81 -1.46 8.96 -11.31
N SER A 82 -2.33 9.95 -11.30
CA SER A 82 -1.91 11.30 -10.95
C SER A 82 -1.61 11.38 -9.45
N VAL A 83 -0.53 12.09 -9.13
CA VAL A 83 -0.11 12.25 -7.75
C VAL A 83 -0.90 13.40 -7.12
N GLU A 84 -0.61 14.61 -7.60
CA GLU A 84 -1.28 15.80 -7.10
C GLU A 84 -2.79 15.59 -7.10
N GLY A 85 -3.24 14.66 -7.93
CA GLY A 85 -4.65 14.36 -8.04
C GLY A 85 -5.04 13.21 -7.11
N SER A 86 -4.08 12.34 -6.87
CA SER A 86 -4.32 11.20 -5.99
C SER A 86 -4.66 11.67 -4.59
N SER A 87 -5.23 10.76 -3.82
CA SER A 87 -5.62 11.08 -2.45
C SER A 87 -5.71 9.80 -1.62
N LYS A 88 -5.65 9.96 -0.31
CA LYS A 88 -5.73 8.83 0.60
C LYS A 88 -6.89 9.04 1.56
N LYS A 89 -7.60 7.95 1.83
CA LYS A 89 -8.74 7.99 2.74
C LYS A 89 -8.71 6.77 3.65
N VAL A 90 -9.38 6.90 4.79
CA VAL A 90 -9.45 5.82 5.75
C VAL A 90 -10.89 5.64 6.22
N LYS A 91 -11.36 4.40 6.13
CA LYS A 91 -12.72 4.09 6.55
C LYS A 91 -12.68 3.29 7.85
N THR A 92 -13.87 2.96 8.34
CA THR A 92 -13.98 2.21 9.58
C THR A 92 -13.36 0.82 9.41
N ASP A 93 -12.34 0.55 10.21
CA ASP A 93 -11.66 -0.73 10.15
C ASP A 93 -11.26 -1.03 8.71
N THR A 94 -11.05 0.03 7.95
CA THR A 94 -10.66 -0.10 6.56
C THR A 94 -9.89 1.14 6.10
N VAL A 95 -8.93 0.90 5.22
CA VAL A 95 -8.12 1.99 4.69
C VAL A 95 -8.39 2.14 3.19
N LEU A 96 -8.65 3.38 2.80
CA LEU A 96 -8.94 3.68 1.41
C LEU A 96 -7.69 4.27 0.75
N ILE A 97 -7.53 3.99 -0.53
CA ILE A 97 -6.39 4.48 -1.28
C ILE A 97 -6.86 4.97 -2.65
N LEU A 98 -7.20 6.25 -2.70
CA LEU A 98 -7.67 6.86 -3.93
C LEU A 98 -6.47 7.12 -4.85
N CYS A 99 -6.52 6.52 -6.03
CA CYS A 99 -5.45 6.67 -6.99
C CYS A 99 -6.04 7.28 -8.27
N ARG A 100 -5.69 8.53 -8.51
CA ARG A 100 -6.18 9.22 -9.69
C ARG A 100 -5.79 8.47 -10.96
N LYS A 101 -6.64 8.57 -11.96
CA LYS A 101 -6.40 7.90 -13.24
C LYS A 101 -5.81 8.90 -14.22
N LYS A 102 -4.79 8.45 -14.94
CA LYS A 102 -4.13 9.29 -15.92
C LYS A 102 -5.01 9.40 -17.17
N VAL A 103 -5.87 8.40 -17.33
CA VAL A 103 -6.77 8.37 -18.48
C VAL A 103 -8.03 7.59 -18.10
N GLU A 104 -9.15 8.28 -18.16
CA GLU A 104 -10.43 7.67 -17.83
C GLU A 104 -10.75 6.55 -18.82
N ASN A 105 -11.82 5.82 -18.52
CA ASN A 105 -12.24 4.72 -19.37
C ASN A 105 -11.05 3.79 -19.62
N THR A 106 -10.53 3.23 -18.53
CA THR A 106 -9.40 2.33 -18.62
C THR A 106 -9.68 1.06 -17.80
N ARG A 107 -9.16 -0.06 -18.30
CA ARG A 107 -9.34 -1.33 -17.63
C ARG A 107 -8.04 -1.75 -16.94
N TRP A 108 -8.18 -2.25 -15.71
CA TRP A 108 -7.04 -2.68 -14.94
C TRP A 108 -7.15 -4.20 -14.77
N ASP A 109 -6.51 -4.91 -15.69
CA ASP A 109 -6.52 -6.37 -15.65
C ASP A 109 -5.85 -6.84 -14.36
N TYR A 110 -5.16 -5.92 -13.72
CA TYR A 110 -4.46 -6.23 -12.48
C TYR A 110 -4.12 -4.96 -11.70
N LEU A 111 -4.29 -5.04 -10.39
CA LEU A 111 -4.01 -3.89 -9.53
C LEU A 111 -2.61 -3.36 -9.85
N THR A 112 -1.71 -4.28 -10.16
CA THR A 112 -0.35 -3.91 -10.47
C THR A 112 0.05 -4.47 -11.84
N GLN A 113 1.09 -3.89 -12.41
CA GLN A 113 1.58 -4.32 -13.72
C GLN A 113 2.34 -5.64 -13.59
N VAL A 114 2.62 -6.00 -12.34
CA VAL A 114 3.35 -7.24 -12.07
C VAL A 114 2.42 -8.42 -12.34
N GLU A 115 1.31 -8.43 -11.61
CA GLU A 115 0.34 -9.50 -11.75
C GLU A 115 0.16 -9.87 -13.23
N LYS A 116 0.35 -8.88 -14.08
CA LYS A 116 0.22 -9.08 -15.51
C LYS A 116 1.37 -9.95 -16.01
N GLU A 117 2.58 -9.54 -15.64
CA GLU A 117 3.77 -10.28 -16.05
C GLU A 117 3.86 -11.60 -15.28
N CYS A 118 3.40 -11.56 -14.04
CA CYS A 118 3.42 -12.75 -13.20
C CYS A 118 2.42 -13.75 -13.75
N LYS A 119 1.19 -13.28 -13.91
CA LYS A 119 0.13 -14.13 -14.44
C LYS A 119 0.56 -14.71 -15.78
N GLU A 120 0.86 -13.82 -16.71
CA GLU A 120 1.29 -14.22 -18.03
C GLU A 120 2.74 -14.72 -17.99
N LYS A 121 2.88 -16.00 -17.72
CA LYS A 121 4.20 -16.60 -17.65
C LYS A 121 4.66 -16.98 -19.07
N SER A 122 5.50 -16.13 -19.63
CA SER A 122 6.02 -16.35 -20.97
C SER A 122 4.86 -16.51 -21.95
N GLY A 123 4.66 -15.47 -22.75
CA GLY A 123 3.60 -15.48 -23.74
C GLY A 123 3.56 -14.17 -24.52
N PRO A 124 4.17 -14.21 -25.74
CA PRO A 124 4.22 -13.03 -26.59
C PRO A 124 2.86 -12.77 -27.24
N SER A 125 1.89 -12.44 -26.41
CA SER A 125 0.55 -12.17 -26.89
C SER A 125 0.09 -13.28 -27.84
N SER A 126 -1.04 -13.05 -28.49
CA SER A 126 -1.58 -14.01 -29.41
C SER A 126 -1.11 -13.71 -30.83
N GLY A 127 -0.25 -14.58 -31.34
CA GLY A 127 0.29 -14.41 -32.68
C GLY A 127 1.77 -14.04 -32.62
N GLY A 1 33.34 -31.35 12.04
CA GLY A 1 32.22 -30.51 12.42
C GLY A 1 31.52 -29.93 11.19
N SER A 2 30.69 -28.94 11.43
CA SER A 2 29.96 -28.29 10.35
C SER A 2 29.29 -27.00 10.86
N SER A 3 29.78 -25.88 10.35
CA SER A 3 29.25 -24.59 10.73
C SER A 3 28.96 -23.75 9.49
N GLY A 4 27.67 -23.54 9.24
CA GLY A 4 27.25 -22.76 8.08
C GLY A 4 25.76 -22.96 7.82
N SER A 5 24.96 -22.10 8.43
CA SER A 5 23.52 -22.16 8.26
C SER A 5 22.90 -20.78 8.55
N SER A 6 22.65 -20.05 7.48
CA SER A 6 22.05 -18.73 7.61
C SER A 6 23.02 -17.79 8.33
N GLY A 7 23.17 -16.60 7.77
CA GLY A 7 24.06 -15.61 8.35
C GLY A 7 23.49 -14.20 8.18
N VAL A 8 22.31 -14.01 8.72
CA VAL A 8 21.64 -12.71 8.64
C VAL A 8 21.34 -12.21 10.05
N VAL A 9 21.83 -11.01 10.34
CA VAL A 9 21.61 -10.40 11.64
C VAL A 9 21.10 -8.97 11.45
N ALA A 10 19.92 -8.72 12.02
CA ALA A 10 19.31 -7.41 11.91
C ALA A 10 18.91 -6.94 13.31
N PRO A 11 19.38 -5.70 13.66
CA PRO A 11 19.07 -5.13 14.96
C PRO A 11 17.62 -4.64 15.01
N ILE A 12 16.73 -5.56 15.30
CA ILE A 12 15.31 -5.23 15.39
C ILE A 12 14.88 -5.22 16.85
N THR A 13 14.62 -4.02 17.36
CA THR A 13 14.20 -3.86 18.73
C THR A 13 12.77 -3.32 18.80
N THR A 14 11.86 -4.19 19.22
CA THR A 14 10.46 -3.81 19.33
C THR A 14 10.06 -2.91 18.16
N GLY A 15 10.72 -3.12 17.03
CA GLY A 15 10.44 -2.34 15.84
C GLY A 15 10.17 -3.25 14.64
N TYR A 16 8.90 -3.28 14.24
CA TYR A 16 8.50 -4.11 13.11
C TYR A 16 7.08 -3.77 12.67
N THR A 17 6.82 -4.00 11.39
CA THR A 17 5.50 -3.73 10.83
C THR A 17 4.97 -4.95 10.10
N VAL A 18 3.66 -5.11 10.14
CA VAL A 18 3.02 -6.24 9.48
C VAL A 18 2.96 -5.98 7.97
N LYS A 19 2.89 -7.06 7.22
CA LYS A 19 2.84 -6.96 5.77
C LYS A 19 1.42 -7.28 5.30
N ILE A 20 0.84 -6.32 4.58
CA ILE A 20 -0.51 -6.49 4.06
C ILE A 20 -0.46 -7.25 2.74
N SER A 21 -0.59 -8.57 2.84
CA SER A 21 -0.55 -9.41 1.66
C SER A 21 -1.90 -9.37 0.94
N ASN A 22 -2.93 -9.83 1.65
CA ASN A 22 -4.27 -9.84 1.11
C ASN A 22 -4.89 -8.46 1.25
N TYR A 23 -5.25 -7.87 0.11
CA TYR A 23 -5.86 -6.56 0.10
C TYR A 23 -6.81 -6.40 -1.08
N GLY A 24 -7.97 -5.84 -0.80
CA GLY A 24 -8.97 -5.64 -1.82
C GLY A 24 -8.66 -4.39 -2.65
N TRP A 25 -8.87 -4.51 -3.96
CA TRP A 25 -8.61 -3.40 -4.87
C TRP A 25 -9.65 -3.47 -6.00
N ASP A 26 -9.86 -2.33 -6.63
CA ASP A 26 -10.82 -2.24 -7.72
C ASP A 26 -10.48 -1.02 -8.58
N GLN A 27 -11.20 -0.91 -9.68
CA GLN A 27 -11.00 0.20 -10.60
C GLN A 27 -12.30 0.53 -11.35
N SER A 28 -12.48 1.81 -11.63
CA SER A 28 -13.67 2.26 -12.33
C SER A 28 -13.29 3.34 -13.35
N ASP A 29 -14.13 3.45 -14.38
CA ASP A 29 -13.90 4.44 -15.41
C ASP A 29 -13.98 5.84 -14.81
N LYS A 30 -12.90 6.25 -14.17
CA LYS A 30 -12.84 7.56 -13.55
C LYS A 30 -11.62 7.63 -12.63
N PHE A 31 -11.56 6.70 -11.70
CA PHE A 31 -10.46 6.64 -10.76
C PHE A 31 -10.28 5.23 -10.19
N VAL A 32 -9.15 5.02 -9.54
CA VAL A 32 -8.84 3.73 -8.95
C VAL A 32 -8.69 3.89 -7.44
N LYS A 33 -9.16 2.88 -6.72
CA LYS A 33 -9.08 2.89 -5.27
C LYS A 33 -8.89 1.46 -4.76
N ILE A 34 -8.33 1.36 -3.57
CA ILE A 34 -8.08 0.06 -2.97
C ILE A 34 -8.69 0.03 -1.56
N TYR A 35 -9.23 -1.13 -1.21
CA TYR A 35 -9.85 -1.29 0.10
C TYR A 35 -9.16 -2.40 0.89
N ILE A 36 -8.44 -1.99 1.92
CA ILE A 36 -7.73 -2.92 2.77
C ILE A 36 -8.41 -3.00 4.14
N THR A 37 -8.33 -4.18 4.74
CA THR A 37 -8.93 -4.40 6.05
C THR A 37 -7.91 -4.16 7.15
N LEU A 38 -8.16 -3.12 7.94
CA LEU A 38 -7.27 -2.77 9.04
C LEU A 38 -8.09 -2.20 10.19
N THR A 39 -8.32 -3.04 11.19
CA THR A 39 -9.08 -2.62 12.35
C THR A 39 -8.24 -1.72 13.25
N GLY A 40 -8.74 -0.51 13.46
CA GLY A 40 -8.05 0.46 14.29
C GLY A 40 -7.50 1.62 13.45
N VAL A 41 -7.30 1.33 12.17
CA VAL A 41 -6.78 2.34 11.25
C VAL A 41 -7.70 3.56 11.27
N HIS A 42 -8.95 3.31 11.61
CA HIS A 42 -9.93 4.38 11.67
C HIS A 42 -9.85 5.08 13.03
N GLN A 43 -8.98 4.55 13.87
CA GLN A 43 -8.80 5.12 15.20
C GLN A 43 -7.46 5.84 15.30
N VAL A 44 -6.48 5.28 14.61
CA VAL A 44 -5.14 5.86 14.60
C VAL A 44 -5.18 7.20 13.88
N PRO A 45 -4.21 8.09 14.25
CA PRO A 45 -4.14 9.41 13.64
C PRO A 45 -3.56 9.32 12.23
N THR A 46 -3.66 10.44 11.52
CA THR A 46 -3.16 10.51 10.15
C THR A 46 -1.63 10.58 10.15
N GLU A 47 -1.07 10.64 11.36
CA GLU A 47 0.37 10.72 11.51
C GLU A 47 0.97 9.31 11.53
N ASN A 48 0.18 8.38 12.01
CA ASN A 48 0.62 7.00 12.10
C ASN A 48 0.46 6.33 10.73
N VAL A 49 -0.32 6.98 9.88
CA VAL A 49 -0.56 6.46 8.55
C VAL A 49 0.13 7.36 7.51
N GLN A 50 1.14 6.81 6.87
CA GLN A 50 1.88 7.55 5.86
C GLN A 50 1.76 6.86 4.50
N VAL A 51 1.15 7.57 3.56
CA VAL A 51 0.96 7.05 2.22
C VAL A 51 1.37 8.11 1.20
N HIS A 52 2.11 7.67 0.20
CA HIS A 52 2.58 8.56 -0.85
C HIS A 52 2.13 8.04 -2.21
N PHE A 53 1.68 8.95 -3.05
CA PHE A 53 1.23 8.59 -4.38
C PHE A 53 2.23 9.04 -5.44
N THR A 54 2.34 8.23 -6.48
CA THR A 54 3.26 8.53 -7.58
C THR A 54 2.55 8.42 -8.93
N GLU A 55 3.35 8.34 -9.97
CA GLU A 55 2.80 8.22 -11.32
C GLU A 55 2.34 6.79 -11.58
N ARG A 56 3.14 5.85 -11.11
CA ARG A 56 2.83 4.44 -11.29
C ARG A 56 3.22 3.64 -10.05
N SER A 57 2.52 3.92 -8.96
CA SER A 57 2.77 3.24 -7.71
C SER A 57 2.21 4.06 -6.54
N PHE A 58 2.07 3.38 -5.41
CA PHE A 58 1.55 4.04 -4.22
C PHE A 58 1.95 3.28 -2.96
N ASP A 59 2.54 4.01 -2.02
CA ASP A 59 2.97 3.43 -0.77
C ASP A 59 2.00 3.83 0.35
N LEU A 60 1.78 2.89 1.26
CA LEU A 60 0.88 3.14 2.38
C LEU A 60 1.45 2.47 3.64
N LEU A 61 1.76 3.31 4.61
CA LEU A 61 2.31 2.82 5.87
C LEU A 61 1.28 3.03 6.98
N VAL A 62 1.30 2.11 7.95
CA VAL A 62 0.38 2.18 9.07
C VAL A 62 1.11 1.75 10.34
N LYS A 63 1.25 2.69 11.27
CA LYS A 63 1.92 2.41 12.52
C LYS A 63 0.90 2.45 13.66
N ASN A 64 1.29 1.87 14.78
CA ASN A 64 0.42 1.84 15.95
C ASN A 64 -1.02 1.55 15.49
N LEU A 65 -1.35 0.27 15.46
CA LEU A 65 -2.68 -0.16 15.06
C LEU A 65 -3.27 -1.09 16.11
N ASN A 66 -3.81 -2.20 15.65
CA ASN A 66 -4.41 -3.18 16.54
C ASN A 66 -3.30 -3.87 17.34
N GLY A 67 -2.71 -3.11 18.25
CA GLY A 67 -1.64 -3.63 19.09
C GLY A 67 -0.44 -4.05 18.24
N LYS A 68 -0.37 -3.49 17.04
CA LYS A 68 0.71 -3.80 16.13
C LYS A 68 0.77 -2.74 15.03
N SER A 69 1.58 -3.02 14.02
CA SER A 69 1.73 -2.11 12.90
C SER A 69 1.59 -2.86 11.58
N TYR A 70 1.13 -2.13 10.57
CA TYR A 70 0.94 -2.72 9.26
C TYR A 70 1.57 -1.85 8.17
N SER A 71 2.03 -2.52 7.12
CA SER A 71 2.66 -1.82 6.00
C SER A 71 2.13 -2.36 4.68
N MET A 72 1.95 -1.44 3.73
CA MET A 72 1.44 -1.82 2.42
C MET A 72 2.00 -0.89 1.34
N ILE A 73 2.67 -1.50 0.37
CA ILE A 73 3.25 -0.74 -0.72
C ILE A 73 2.97 -1.45 -2.04
N VAL A 74 2.73 -0.65 -3.08
CA VAL A 74 2.44 -1.19 -4.39
C VAL A 74 3.33 -0.50 -5.43
N ASN A 75 4.15 -1.31 -6.09
CA ASN A 75 5.05 -0.78 -7.10
C ASN A 75 4.73 -1.45 -8.44
N ASN A 76 4.60 -0.62 -9.47
CA ASN A 76 4.30 -1.10 -10.80
C ASN A 76 2.79 -1.25 -10.95
N LEU A 77 2.14 -0.14 -11.27
CA LEU A 77 0.70 -0.14 -11.45
C LEU A 77 0.36 -0.30 -12.93
N LEU A 78 -0.54 -1.22 -13.22
CA LEU A 78 -0.95 -1.47 -14.59
C LEU A 78 -1.02 -0.13 -15.35
N LYS A 79 -1.68 0.82 -14.72
CA LYS A 79 -1.83 2.14 -15.32
C LYS A 79 -1.32 3.20 -14.34
N PRO A 80 -0.99 4.40 -14.91
CA PRO A 80 -0.48 5.50 -14.11
C PRO A 80 -1.61 6.15 -13.30
N ILE A 81 -1.20 6.97 -12.35
CA ILE A 81 -2.16 7.67 -11.50
C ILE A 81 -1.58 9.02 -11.09
N SER A 82 -2.44 10.03 -11.10
CA SER A 82 -2.03 11.37 -10.73
C SER A 82 -1.65 11.41 -9.24
N VAL A 83 -0.64 12.20 -8.94
CA VAL A 83 -0.17 12.33 -7.57
C VAL A 83 -0.97 13.43 -6.87
N GLU A 84 -0.75 14.65 -7.31
CA GLU A 84 -1.44 15.80 -6.74
C GLU A 84 -2.95 15.58 -6.79
N GLY A 85 -3.36 14.66 -7.66
CA GLY A 85 -4.77 14.35 -7.81
C GLY A 85 -5.18 13.19 -6.91
N SER A 86 -4.23 12.29 -6.68
CA SER A 86 -4.47 11.14 -5.85
C SER A 86 -4.74 11.58 -4.41
N SER A 87 -5.43 10.72 -3.67
CA SER A 87 -5.76 11.02 -2.29
C SER A 87 -5.85 9.72 -1.49
N LYS A 88 -5.76 9.86 -0.17
CA LYS A 88 -5.82 8.70 0.72
C LYS A 88 -6.98 8.90 1.71
N LYS A 89 -7.78 7.86 1.83
CA LYS A 89 -8.93 7.90 2.73
C LYS A 89 -8.85 6.70 3.69
N VAL A 90 -9.61 6.80 4.77
CA VAL A 90 -9.64 5.75 5.77
C VAL A 90 -11.09 5.46 6.17
N LYS A 91 -11.48 4.21 6.01
CA LYS A 91 -12.84 3.80 6.35
C LYS A 91 -12.80 2.94 7.62
N THR A 92 -13.99 2.56 8.06
CA THR A 92 -14.11 1.74 9.25
C THR A 92 -13.24 0.47 9.12
N ASP A 93 -12.30 0.35 10.03
CA ASP A 93 -11.40 -0.80 10.04
C ASP A 93 -10.93 -1.07 8.61
N THR A 94 -10.76 0.01 7.86
CA THR A 94 -10.33 -0.10 6.48
C THR A 94 -9.64 1.20 6.04
N VAL A 95 -8.67 1.04 5.14
CA VAL A 95 -7.93 2.19 4.62
C VAL A 95 -8.15 2.28 3.11
N LEU A 96 -8.79 3.36 2.71
CA LEU A 96 -9.06 3.59 1.30
C LEU A 96 -7.88 4.34 0.68
N ILE A 97 -7.44 3.84 -0.47
CA ILE A 97 -6.33 4.45 -1.18
C ILE A 97 -6.81 4.95 -2.54
N LEU A 98 -7.25 6.19 -2.56
CA LEU A 98 -7.74 6.79 -3.80
C LEU A 98 -6.55 7.09 -4.71
N CYS A 99 -6.60 6.48 -5.89
CA CYS A 99 -5.53 6.67 -6.87
C CYS A 99 -6.15 7.28 -8.14
N ARG A 100 -5.78 8.53 -8.39
CA ARG A 100 -6.28 9.22 -9.56
C ARG A 100 -5.92 8.46 -10.84
N LYS A 101 -6.80 8.57 -11.83
CA LYS A 101 -6.58 7.90 -13.10
C LYS A 101 -6.03 8.90 -14.11
N LYS A 102 -4.89 8.55 -14.68
CA LYS A 102 -4.25 9.41 -15.67
C LYS A 102 -5.14 9.50 -16.90
N VAL A 103 -5.91 8.45 -17.12
CA VAL A 103 -6.81 8.39 -18.26
C VAL A 103 -8.05 7.57 -17.90
N GLU A 104 -9.19 8.24 -17.89
CA GLU A 104 -10.44 7.58 -17.57
C GLU A 104 -10.82 6.59 -18.66
N ASN A 105 -11.86 5.82 -18.39
CA ASN A 105 -12.33 4.82 -19.34
C ASN A 105 -11.22 3.81 -19.61
N THR A 106 -10.70 3.25 -18.53
CA THR A 106 -9.63 2.26 -18.63
C THR A 106 -9.87 1.11 -17.66
N ARG A 107 -9.49 -0.08 -18.11
CA ARG A 107 -9.66 -1.27 -17.30
C ARG A 107 -8.31 -1.72 -16.73
N TRP A 108 -8.36 -2.24 -15.50
CA TRP A 108 -7.16 -2.70 -14.84
C TRP A 108 -7.25 -4.23 -14.69
N ASP A 109 -6.61 -4.92 -15.61
CA ASP A 109 -6.61 -6.38 -15.60
C ASP A 109 -5.91 -6.87 -14.34
N TYR A 110 -5.13 -5.98 -13.75
CA TYR A 110 -4.39 -6.31 -12.54
C TYR A 110 -3.93 -5.04 -11.82
N LEU A 111 -3.89 -5.14 -10.49
CA LEU A 111 -3.47 -4.02 -9.67
C LEU A 111 -2.09 -3.53 -10.13
N THR A 112 -1.20 -4.50 -10.35
CA THR A 112 0.14 -4.19 -10.80
C THR A 112 0.50 -5.04 -12.02
N GLN A 113 1.47 -4.53 -12.78
CA GLN A 113 1.92 -5.23 -13.97
C GLN A 113 2.48 -6.60 -13.60
N VAL A 114 3.17 -6.64 -12.47
CA VAL A 114 3.76 -7.89 -12.00
C VAL A 114 2.78 -9.04 -12.25
N GLU A 115 1.64 -8.95 -11.59
CA GLU A 115 0.62 -9.97 -11.74
C GLU A 115 0.37 -10.27 -13.21
N LYS A 116 0.10 -9.21 -13.97
CA LYS A 116 -0.16 -9.35 -15.38
C LYS A 116 0.94 -10.22 -16.02
N GLU A 117 2.14 -9.66 -16.05
CA GLU A 117 3.28 -10.36 -16.62
C GLU A 117 3.22 -11.85 -16.27
N CYS A 118 3.35 -12.12 -14.97
CA CYS A 118 3.30 -13.49 -14.49
C CYS A 118 2.07 -14.17 -15.09
N LYS A 119 0.91 -13.64 -14.75
CA LYS A 119 -0.34 -14.19 -15.25
C LYS A 119 -0.18 -14.56 -16.73
N GLU A 120 0.07 -13.55 -17.53
CA GLU A 120 0.24 -13.75 -18.96
C GLU A 120 1.72 -14.02 -19.28
N LYS A 121 2.08 -15.29 -19.24
CA LYS A 121 3.44 -15.70 -19.52
C LYS A 121 3.68 -15.65 -21.03
N SER A 122 4.94 -15.41 -21.39
CA SER A 122 5.31 -15.33 -22.80
C SER A 122 5.79 -16.71 -23.28
N GLY A 123 5.53 -16.98 -24.55
CA GLY A 123 5.93 -18.24 -25.14
C GLY A 123 4.80 -18.83 -25.99
N PRO A 124 4.32 -20.02 -25.56
CA PRO A 124 3.25 -20.70 -26.27
C PRO A 124 1.90 -20.03 -25.99
N SER A 125 1.75 -18.83 -26.55
CA SER A 125 0.53 -18.08 -26.37
C SER A 125 0.44 -16.96 -27.41
N SER A 126 -0.76 -16.77 -27.94
CA SER A 126 -0.99 -15.75 -28.94
C SER A 126 -1.61 -14.51 -28.29
N GLY A 127 -0.92 -13.39 -28.47
CA GLY A 127 -1.39 -12.13 -27.90
C GLY A 127 -0.54 -10.96 -28.40
N GLY A 1 47.31 -19.39 34.92
CA GLY A 1 46.99 -18.09 35.48
C GLY A 1 46.32 -17.19 34.42
N SER A 2 45.00 -17.36 34.31
CA SER A 2 44.23 -16.58 33.36
C SER A 2 43.05 -15.93 34.06
N SER A 3 42.52 -14.89 33.42
CA SER A 3 41.38 -14.17 33.95
C SER A 3 40.90 -13.12 32.96
N GLY A 4 39.70 -12.62 33.21
CA GLY A 4 39.12 -11.61 32.34
C GLY A 4 37.59 -11.71 32.33
N SER A 5 36.96 -10.58 32.04
CA SER A 5 35.50 -10.54 31.99
C SER A 5 35.05 -9.27 31.26
N SER A 6 33.76 -9.22 30.96
CA SER A 6 33.18 -8.09 30.27
C SER A 6 31.65 -8.19 30.29
N GLY A 7 31.02 -7.04 30.06
CA GLY A 7 29.58 -6.98 30.03
C GLY A 7 29.08 -5.90 29.08
N VAL A 8 28.36 -6.34 28.04
CA VAL A 8 27.83 -5.43 27.06
C VAL A 8 26.35 -5.74 26.81
N VAL A 9 25.58 -4.68 26.64
CA VAL A 9 24.15 -4.83 26.41
C VAL A 9 23.82 -4.36 24.99
N ALA A 10 22.71 -4.87 24.47
CA ALA A 10 22.28 -4.50 23.13
C ALA A 10 20.93 -3.77 23.22
N PRO A 11 20.78 -2.73 22.35
CA PRO A 11 19.57 -1.95 22.32
C PRO A 11 18.43 -2.72 21.64
N ILE A 12 17.22 -2.42 22.07
CA ILE A 12 16.04 -3.08 21.52
C ILE A 12 15.83 -2.60 20.08
N THR A 13 15.06 -3.38 19.34
CA THR A 13 14.76 -3.05 17.95
C THR A 13 13.42 -2.33 17.86
N THR A 14 13.42 -1.26 17.07
CA THR A 14 12.22 -0.47 16.88
C THR A 14 10.98 -1.37 16.92
N GLY A 15 11.10 -2.52 16.29
CA GLY A 15 10.01 -3.48 16.25
C GLY A 15 9.87 -4.09 14.86
N TYR A 16 8.66 -3.97 14.31
CA TYR A 16 8.38 -4.50 12.99
C TYR A 16 6.94 -4.18 12.57
N THR A 17 6.73 -4.18 11.26
CA THR A 17 5.42 -3.89 10.71
C THR A 17 4.87 -5.12 9.98
N VAL A 18 3.56 -5.25 10.03
CA VAL A 18 2.90 -6.38 9.38
C VAL A 18 2.84 -6.12 7.87
N LYS A 19 2.78 -7.21 7.11
CA LYS A 19 2.72 -7.11 5.66
C LYS A 19 1.31 -7.44 5.19
N ILE A 20 0.67 -6.44 4.59
CA ILE A 20 -0.69 -6.61 4.09
C ILE A 20 -0.65 -7.44 2.81
N SER A 21 -0.82 -8.74 2.98
CA SER A 21 -0.81 -9.66 1.85
C SER A 21 -2.18 -9.66 1.17
N ASN A 22 -3.22 -9.72 1.99
CA ASN A 22 -4.58 -9.73 1.49
C ASN A 22 -5.16 -8.32 1.58
N TYR A 23 -5.53 -7.78 0.43
CA TYR A 23 -6.10 -6.45 0.36
C TYR A 23 -7.09 -6.33 -0.81
N GLY A 24 -8.26 -5.78 -0.50
CA GLY A 24 -9.29 -5.61 -1.51
C GLY A 24 -9.03 -4.34 -2.33
N TRP A 25 -9.16 -4.49 -3.64
CA TRP A 25 -8.95 -3.37 -4.55
C TRP A 25 -10.05 -3.42 -5.62
N ASP A 26 -10.39 -2.24 -6.13
CA ASP A 26 -11.41 -2.14 -7.15
C ASP A 26 -11.08 -0.97 -8.08
N GLN A 27 -11.39 -1.16 -9.35
CA GLN A 27 -11.13 -0.13 -10.35
C GLN A 27 -12.40 0.18 -11.14
N SER A 28 -12.55 1.44 -11.50
CA SER A 28 -13.71 1.87 -12.26
C SER A 28 -13.29 2.90 -13.32
N ASP A 29 -14.05 2.92 -14.41
CA ASP A 29 -13.77 3.84 -15.49
C ASP A 29 -13.89 5.27 -15.00
N LYS A 30 -12.84 5.73 -14.33
CA LYS A 30 -12.82 7.08 -13.80
C LYS A 30 -11.62 7.23 -12.86
N PHE A 31 -11.57 6.35 -11.86
CA PHE A 31 -10.49 6.37 -10.90
C PHE A 31 -10.28 4.99 -10.28
N VAL A 32 -9.17 4.86 -9.56
CA VAL A 32 -8.84 3.60 -8.91
C VAL A 32 -8.83 3.81 -7.40
N LYS A 33 -9.40 2.84 -6.69
CA LYS A 33 -9.46 2.89 -5.25
C LYS A 33 -9.23 1.49 -4.68
N ILE A 34 -8.64 1.46 -3.49
CA ILE A 34 -8.36 0.21 -2.83
C ILE A 34 -9.02 0.20 -1.45
N TYR A 35 -9.41 -0.99 -1.01
CA TYR A 35 -10.05 -1.15 0.29
C TYR A 35 -9.41 -2.29 1.08
N ILE A 36 -8.62 -1.90 2.08
CA ILE A 36 -7.95 -2.87 2.91
C ILE A 36 -8.66 -2.95 4.26
N THR A 37 -8.60 -4.13 4.87
CA THR A 37 -9.24 -4.35 6.15
C THR A 37 -8.22 -4.16 7.29
N LEU A 38 -8.31 -3.00 7.93
CA LEU A 38 -7.41 -2.68 9.02
C LEU A 38 -8.21 -2.08 10.18
N THR A 39 -8.46 -2.92 11.18
CA THR A 39 -9.22 -2.49 12.35
C THR A 39 -8.34 -1.62 13.25
N GLY A 40 -8.77 -0.39 13.43
CA GLY A 40 -8.03 0.55 14.27
C GLY A 40 -7.45 1.69 13.44
N VAL A 41 -7.25 1.41 12.16
CA VAL A 41 -6.70 2.40 11.25
C VAL A 41 -7.57 3.66 11.29
N HIS A 42 -8.83 3.47 11.64
CA HIS A 42 -9.76 4.58 11.73
C HIS A 42 -9.65 5.24 13.10
N GLN A 43 -8.72 4.73 13.89
CA GLN A 43 -8.51 5.27 15.23
C GLN A 43 -7.13 5.91 15.32
N VAL A 44 -6.18 5.34 14.59
CA VAL A 44 -4.82 5.85 14.59
C VAL A 44 -4.81 7.23 13.96
N PRO A 45 -3.77 8.03 14.34
CA PRO A 45 -3.62 9.38 13.82
C PRO A 45 -3.12 9.37 12.38
N THR A 46 -3.17 10.52 11.75
CA THR A 46 -2.72 10.65 10.38
C THR A 46 -1.20 10.64 10.31
N GLU A 47 -0.58 10.67 11.48
CA GLU A 47 0.87 10.66 11.57
C GLU A 47 1.40 9.22 11.49
N ASN A 48 0.57 8.30 11.96
CA ASN A 48 0.93 6.89 11.95
C ASN A 48 0.72 6.32 10.55
N VAL A 49 -0.20 6.95 9.83
CA VAL A 49 -0.51 6.52 8.47
C VAL A 49 0.22 7.41 7.47
N GLN A 50 1.18 6.81 6.78
CA GLN A 50 1.96 7.53 5.79
C GLN A 50 1.86 6.85 4.43
N VAL A 51 1.20 7.52 3.51
CA VAL A 51 1.04 6.98 2.16
C VAL A 51 1.52 8.01 1.15
N HIS A 52 2.23 7.51 0.14
CA HIS A 52 2.74 8.38 -0.91
C HIS A 52 2.26 7.88 -2.28
N PHE A 53 1.82 8.83 -3.09
CA PHE A 53 1.34 8.50 -4.42
C PHE A 53 2.35 8.91 -5.49
N THR A 54 2.54 8.03 -6.46
CA THR A 54 3.47 8.28 -7.54
C THR A 54 2.75 8.22 -8.89
N GLU A 55 3.54 8.16 -9.95
CA GLU A 55 2.99 8.10 -11.29
C GLU A 55 2.52 6.68 -11.61
N ARG A 56 3.26 5.71 -11.11
CA ARG A 56 2.93 4.31 -11.33
C ARG A 56 3.25 3.48 -10.09
N SER A 57 2.69 3.91 -8.96
CA SER A 57 2.92 3.22 -7.71
C SER A 57 2.28 3.99 -6.56
N PHE A 58 2.28 3.38 -5.39
CA PHE A 58 1.71 3.99 -4.21
C PHE A 58 2.03 3.19 -2.95
N ASP A 59 2.57 3.88 -1.96
CA ASP A 59 2.94 3.25 -0.71
C ASP A 59 1.98 3.71 0.39
N LEU A 60 1.74 2.82 1.34
CA LEU A 60 0.85 3.12 2.44
C LEU A 60 1.41 2.51 3.74
N LEU A 61 1.79 3.38 4.65
CA LEU A 61 2.34 2.94 5.93
C LEU A 61 1.26 3.03 7.00
N VAL A 62 1.34 2.12 7.96
CA VAL A 62 0.38 2.09 9.05
C VAL A 62 1.08 1.61 10.33
N LYS A 63 1.40 2.57 11.19
CA LYS A 63 2.07 2.26 12.44
C LYS A 63 1.05 2.34 13.59
N ASN A 64 1.40 1.71 14.69
CA ASN A 64 0.54 1.71 15.86
C ASN A 64 -0.90 1.48 15.42
N LEU A 65 -1.29 0.21 15.42
CA LEU A 65 -2.64 -0.16 15.03
C LEU A 65 -3.27 -1.02 16.13
N ASN A 66 -3.84 -2.14 15.71
CA ASN A 66 -4.48 -3.05 16.64
C ASN A 66 -3.41 -3.83 17.40
N GLY A 67 -2.74 -3.11 18.30
CA GLY A 67 -1.69 -3.71 19.11
C GLY A 67 -0.53 -4.17 18.23
N LYS A 68 -0.46 -3.59 17.05
CA LYS A 68 0.60 -3.93 16.11
C LYS A 68 0.66 -2.87 15.01
N SER A 69 1.44 -3.17 13.98
CA SER A 69 1.60 -2.25 12.87
C SER A 69 1.48 -3.00 11.54
N TYR A 70 1.03 -2.29 10.52
CA TYR A 70 0.87 -2.89 9.21
C TYR A 70 1.51 -2.01 8.12
N SER A 71 1.95 -2.66 7.06
CA SER A 71 2.59 -1.96 5.96
C SER A 71 2.00 -2.45 4.63
N MET A 72 1.77 -1.49 3.74
CA MET A 72 1.22 -1.80 2.44
C MET A 72 1.80 -0.89 1.36
N ILE A 73 2.48 -1.50 0.40
CA ILE A 73 3.08 -0.74 -0.69
C ILE A 73 2.83 -1.48 -2.00
N VAL A 74 2.62 -0.70 -3.06
CA VAL A 74 2.37 -1.26 -4.37
C VAL A 74 3.32 -0.61 -5.38
N ASN A 75 4.10 -1.46 -6.04
CA ASN A 75 5.04 -0.98 -7.04
C ASN A 75 4.70 -1.58 -8.40
N ASN A 76 4.70 -0.72 -9.41
CA ASN A 76 4.39 -1.15 -10.76
C ASN A 76 2.87 -1.29 -10.90
N LEU A 77 2.23 -0.17 -11.21
CA LEU A 77 0.78 -0.17 -11.39
C LEU A 77 0.46 -0.34 -12.87
N LEU A 78 -0.48 -1.25 -13.13
CA LEU A 78 -0.90 -1.52 -14.49
C LEU A 78 -0.95 -0.20 -15.28
N LYS A 79 -1.58 0.78 -14.66
CA LYS A 79 -1.71 2.09 -15.28
C LYS A 79 -1.22 3.17 -14.32
N PRO A 80 -0.88 4.36 -14.90
CA PRO A 80 -0.39 5.47 -14.10
C PRO A 80 -1.54 6.13 -13.33
N ILE A 81 -1.16 6.95 -12.37
CA ILE A 81 -2.14 7.65 -11.56
C ILE A 81 -1.62 9.05 -11.22
N SER A 82 -2.51 10.02 -11.30
CA SER A 82 -2.16 11.40 -11.01
C SER A 82 -1.95 11.58 -9.50
N VAL A 83 -0.72 11.94 -9.15
CA VAL A 83 -0.37 12.14 -7.75
C VAL A 83 -1.13 13.36 -7.21
N GLU A 84 -0.88 14.50 -7.84
CA GLU A 84 -1.52 15.74 -7.43
C GLU A 84 -3.03 15.53 -7.30
N GLY A 85 -3.51 14.50 -7.99
CA GLY A 85 -4.93 14.19 -7.96
C GLY A 85 -5.22 13.04 -6.99
N SER A 86 -4.20 12.22 -6.77
CA SER A 86 -4.33 11.09 -5.87
C SER A 86 -4.69 11.58 -4.47
N SER A 87 -5.33 10.70 -3.71
CA SER A 87 -5.74 11.02 -2.36
C SER A 87 -5.88 9.74 -1.53
N LYS A 88 -5.79 9.91 -0.22
CA LYS A 88 -5.91 8.79 0.69
C LYS A 88 -7.10 9.00 1.61
N LYS A 89 -7.78 7.90 1.92
CA LYS A 89 -8.94 7.95 2.78
C LYS A 89 -8.91 6.76 3.74
N VAL A 90 -9.67 6.90 4.82
CA VAL A 90 -9.74 5.84 5.82
C VAL A 90 -11.20 5.61 6.22
N LYS A 91 -11.59 4.34 6.21
CA LYS A 91 -12.95 3.98 6.56
C LYS A 91 -12.94 3.10 7.82
N THR A 92 -14.12 2.84 8.33
CA THR A 92 -14.26 2.03 9.53
C THR A 92 -13.49 0.72 9.38
N ASP A 93 -12.51 0.53 10.25
CA ASP A 93 -11.69 -0.67 10.21
C ASP A 93 -11.29 -0.97 8.77
N THR A 94 -11.02 0.09 8.03
CA THR A 94 -10.62 -0.05 6.64
C THR A 94 -9.88 1.21 6.18
N VAL A 95 -8.87 0.99 5.35
CA VAL A 95 -8.08 2.08 4.82
C VAL A 95 -8.35 2.23 3.31
N LEU A 96 -8.71 3.44 2.93
CA LEU A 96 -8.99 3.73 1.53
C LEU A 96 -7.77 4.37 0.89
N ILE A 97 -7.57 4.06 -0.39
CA ILE A 97 -6.45 4.60 -1.13
C ILE A 97 -6.93 5.07 -2.50
N LEU A 98 -7.30 6.34 -2.56
CA LEU A 98 -7.78 6.92 -3.80
C LEU A 98 -6.59 7.20 -4.72
N CYS A 99 -6.60 6.55 -5.87
CA CYS A 99 -5.53 6.72 -6.84
C CYS A 99 -6.14 7.26 -8.14
N ARG A 100 -5.87 8.54 -8.39
CA ARG A 100 -6.39 9.18 -9.58
C ARG A 100 -5.91 8.44 -10.84
N LYS A 101 -6.75 8.48 -11.86
CA LYS A 101 -6.43 7.81 -13.11
C LYS A 101 -5.86 8.84 -14.09
N LYS A 102 -4.90 8.38 -14.88
CA LYS A 102 -4.26 9.24 -15.87
C LYS A 102 -5.12 9.29 -17.13
N VAL A 103 -5.88 8.22 -17.33
CA VAL A 103 -6.75 8.13 -18.49
C VAL A 103 -7.98 7.28 -18.14
N GLU A 104 -9.13 7.91 -18.21
CA GLU A 104 -10.39 7.23 -17.91
C GLU A 104 -10.60 6.07 -18.87
N ASN A 105 -11.70 5.35 -18.65
CA ASN A 105 -12.03 4.22 -19.49
C ASN A 105 -10.78 3.35 -19.71
N THR A 106 -10.26 2.84 -18.59
CA THR A 106 -9.08 2.01 -18.65
C THR A 106 -9.17 0.90 -17.60
N ARG A 107 -9.53 -0.29 -18.07
CA ARG A 107 -9.66 -1.44 -17.19
C ARG A 107 -8.29 -1.83 -16.61
N TRP A 108 -8.32 -2.34 -15.40
CA TRP A 108 -7.09 -2.76 -14.73
C TRP A 108 -7.16 -4.27 -14.53
N ASP A 109 -6.53 -4.98 -15.47
CA ASP A 109 -6.50 -6.43 -15.41
C ASP A 109 -5.86 -6.87 -14.09
N TYR A 110 -4.99 -6.02 -13.58
CA TYR A 110 -4.30 -6.31 -12.33
C TYR A 110 -3.96 -5.02 -11.59
N LEU A 111 -4.17 -5.06 -10.28
CA LEU A 111 -3.89 -3.90 -9.44
C LEU A 111 -2.48 -3.38 -9.77
N THR A 112 -1.60 -4.31 -10.14
CA THR A 112 -0.24 -3.95 -10.48
C THR A 112 0.13 -4.50 -11.85
N GLN A 113 1.09 -3.84 -12.49
CA GLN A 113 1.54 -4.25 -13.80
C GLN A 113 2.26 -5.60 -13.72
N VAL A 114 3.04 -5.75 -12.65
CA VAL A 114 3.78 -6.97 -12.44
C VAL A 114 2.88 -8.18 -12.76
N GLU A 115 1.80 -8.28 -12.01
CA GLU A 115 0.86 -9.38 -12.21
C GLU A 115 0.70 -9.68 -13.70
N LYS A 116 0.31 -8.65 -14.43
CA LYS A 116 0.11 -8.79 -15.87
C LYS A 116 1.23 -9.65 -16.46
N GLU A 117 2.40 -9.05 -16.57
CA GLU A 117 3.56 -9.75 -17.10
C GLU A 117 3.56 -11.21 -16.63
N CYS A 118 3.76 -11.37 -15.33
CA CYS A 118 3.79 -12.70 -14.74
C CYS A 118 2.65 -13.52 -15.35
N LYS A 119 1.43 -13.04 -15.12
CA LYS A 119 0.26 -13.72 -15.63
C LYS A 119 0.47 -14.06 -17.11
N GLU A 120 0.61 -13.01 -17.90
CA GLU A 120 0.82 -13.18 -19.34
C GLU A 120 1.94 -14.19 -19.58
N LYS A 121 3.14 -13.66 -19.80
CA LYS A 121 4.30 -14.50 -20.05
C LYS A 121 5.54 -13.85 -19.44
N SER A 122 6.58 -14.65 -19.29
CA SER A 122 7.84 -14.17 -18.73
C SER A 122 7.60 -13.67 -17.30
N GLY A 123 8.03 -14.50 -16.35
CA GLY A 123 7.89 -14.16 -14.95
C GLY A 123 8.27 -15.34 -14.05
N PRO A 124 8.91 -15.01 -12.90
CA PRO A 124 9.34 -16.02 -11.96
C PRO A 124 8.15 -16.58 -11.18
N SER A 125 7.71 -15.79 -10.21
CA SER A 125 6.59 -16.18 -9.38
C SER A 125 6.06 -14.98 -8.60
N SER A 126 4.96 -14.43 -9.09
CA SER A 126 4.34 -13.28 -8.46
C SER A 126 3.45 -13.73 -7.29
N GLY A 127 3.77 -13.23 -6.12
CA GLY A 127 3.00 -13.57 -4.93
C GLY A 127 3.70 -14.67 -4.12
N GLY A 1 45.72 -23.09 7.54
CA GLY A 1 45.50 -24.39 8.15
C GLY A 1 44.21 -24.41 8.97
N SER A 2 43.59 -25.57 9.04
CA SER A 2 42.36 -25.73 9.78
C SER A 2 41.27 -24.86 9.17
N SER A 3 40.04 -25.14 9.58
CA SER A 3 38.89 -24.38 9.08
C SER A 3 38.60 -23.21 10.02
N GLY A 4 38.11 -22.13 9.43
CA GLY A 4 37.79 -20.94 10.19
C GLY A 4 36.56 -20.23 9.62
N SER A 5 35.60 -19.98 10.49
CA SER A 5 34.37 -19.32 10.08
C SER A 5 33.97 -18.26 11.12
N SER A 6 33.28 -17.24 10.65
CA SER A 6 32.84 -16.16 11.51
C SER A 6 31.80 -15.30 10.80
N GLY A 7 31.02 -14.59 11.59
CA GLY A 7 29.98 -13.72 11.05
C GLY A 7 29.55 -12.66 12.07
N VAL A 8 28.99 -11.58 11.55
CA VAL A 8 28.53 -10.51 12.41
C VAL A 8 27.05 -10.71 12.73
N VAL A 9 26.78 -10.91 14.01
CA VAL A 9 25.42 -11.12 14.47
C VAL A 9 24.76 -9.76 14.74
N ALA A 10 23.48 -9.69 14.42
CA ALA A 10 22.72 -8.47 14.62
C ALA A 10 21.41 -8.79 15.35
N PRO A 11 21.35 -8.38 16.64
CA PRO A 11 20.17 -8.62 17.46
C PRO A 11 19.04 -7.67 17.06
N ILE A 12 17.98 -8.25 16.52
CA ILE A 12 16.82 -7.47 16.11
C ILE A 12 16.18 -6.82 17.34
N THR A 13 15.70 -5.60 17.14
CA THR A 13 15.06 -4.87 18.21
C THR A 13 13.58 -4.65 17.91
N THR A 14 12.76 -4.90 18.91
CA THR A 14 11.32 -4.74 18.76
C THR A 14 11.01 -3.57 17.83
N GLY A 15 10.04 -3.79 16.95
CA GLY A 15 9.64 -2.77 16.01
C GLY A 15 9.58 -3.33 14.59
N TYR A 16 8.38 -3.28 14.01
CA TYR A 16 8.19 -3.78 12.67
C TYR A 16 6.75 -3.52 12.19
N THR A 17 6.47 -3.94 10.97
CA THR A 17 5.16 -3.76 10.38
C THR A 17 4.67 -5.04 9.73
N VAL A 18 3.37 -5.25 9.80
CA VAL A 18 2.78 -6.44 9.21
C VAL A 18 2.68 -6.28 7.70
N LYS A 19 2.74 -7.41 7.00
CA LYS A 19 2.67 -7.39 5.55
C LYS A 19 1.23 -7.62 5.12
N ILE A 20 0.64 -6.58 4.53
CA ILE A 20 -0.73 -6.65 4.07
C ILE A 20 -0.77 -7.40 2.74
N SER A 21 -0.58 -8.71 2.83
CA SER A 21 -0.60 -9.55 1.64
C SER A 21 -2.00 -9.58 1.05
N ASN A 22 -2.99 -9.72 1.92
CA ASN A 22 -4.37 -9.76 1.49
C ASN A 22 -4.98 -8.36 1.60
N TYR A 23 -5.42 -7.84 0.46
CA TYR A 23 -6.02 -6.52 0.41
C TYR A 23 -7.06 -6.42 -0.69
N GLY A 24 -8.17 -5.77 -0.37
CA GLY A 24 -9.25 -5.61 -1.33
C GLY A 24 -9.04 -4.34 -2.17
N TRP A 25 -9.17 -4.51 -3.48
CA TRP A 25 -9.01 -3.40 -4.40
C TRP A 25 -10.16 -3.44 -5.40
N ASP A 26 -10.56 -2.25 -5.84
CA ASP A 26 -11.65 -2.13 -6.79
C ASP A 26 -11.58 -0.76 -7.47
N GLN A 27 -11.72 -0.78 -8.79
CA GLN A 27 -11.68 0.44 -9.56
C GLN A 27 -12.61 0.34 -10.77
N SER A 28 -12.90 1.49 -11.35
CA SER A 28 -13.76 1.54 -12.52
C SER A 28 -13.25 2.59 -13.51
N ASP A 29 -13.87 2.60 -14.68
CA ASP A 29 -13.49 3.54 -15.72
C ASP A 29 -13.67 4.97 -15.21
N LYS A 30 -12.66 5.44 -14.51
CA LYS A 30 -12.71 6.79 -13.96
C LYS A 30 -11.52 6.99 -13.02
N PHE A 31 -11.52 6.22 -11.94
CA PHE A 31 -10.45 6.30 -10.95
C PHE A 31 -10.18 4.93 -10.33
N VAL A 32 -9.10 4.86 -9.57
CA VAL A 32 -8.71 3.62 -8.91
C VAL A 32 -8.70 3.84 -7.40
N LYS A 33 -9.24 2.86 -6.69
CA LYS A 33 -9.29 2.93 -5.24
C LYS A 33 -9.13 1.52 -4.65
N ILE A 34 -8.49 1.47 -3.50
CA ILE A 34 -8.28 0.20 -2.83
C ILE A 34 -8.92 0.23 -1.44
N TYR A 35 -9.36 -0.94 -1.00
CA TYR A 35 -9.99 -1.05 0.30
C TYR A 35 -9.39 -2.21 1.10
N ILE A 36 -8.56 -1.84 2.07
CA ILE A 36 -7.92 -2.84 2.92
C ILE A 36 -8.65 -2.90 4.26
N THR A 37 -8.62 -4.08 4.86
CA THR A 37 -9.26 -4.29 6.15
C THR A 37 -8.25 -4.14 7.28
N LEU A 38 -8.34 -3.00 7.96
CA LEU A 38 -7.44 -2.72 9.06
C LEU A 38 -8.24 -2.12 10.23
N THR A 39 -8.53 -2.96 11.21
CA THR A 39 -9.27 -2.52 12.37
C THR A 39 -8.40 -1.67 13.28
N GLY A 40 -8.85 -0.45 13.52
CA GLY A 40 -8.12 0.47 14.38
C GLY A 40 -7.50 1.61 13.55
N VAL A 41 -7.31 1.33 12.27
CA VAL A 41 -6.73 2.32 11.38
C VAL A 41 -7.58 3.60 11.42
N HIS A 42 -8.85 3.43 11.78
CA HIS A 42 -9.76 4.55 11.86
C HIS A 42 -9.67 5.17 13.25
N GLN A 43 -8.74 4.66 14.04
CA GLN A 43 -8.54 5.16 15.39
C GLN A 43 -7.18 5.85 15.50
N VAL A 44 -6.24 5.38 14.71
CA VAL A 44 -4.90 5.94 14.71
C VAL A 44 -4.93 7.31 14.04
N PRO A 45 -3.92 8.14 14.39
CA PRO A 45 -3.81 9.48 13.83
C PRO A 45 -3.30 9.43 12.39
N THR A 46 -3.37 10.58 11.72
CA THR A 46 -2.93 10.67 10.34
C THR A 46 -1.40 10.74 10.28
N GLU A 47 -0.79 10.77 11.46
CA GLU A 47 0.66 10.83 11.56
C GLU A 47 1.25 9.42 11.57
N ASN A 48 0.40 8.46 11.90
CA ASN A 48 0.82 7.07 11.96
C ASN A 48 0.62 6.43 10.58
N VAL A 49 -0.20 7.08 9.78
CA VAL A 49 -0.48 6.58 8.44
C VAL A 49 0.31 7.40 7.42
N GLN A 50 1.29 6.74 6.82
CA GLN A 50 2.12 7.40 5.82
C GLN A 50 1.98 6.71 4.46
N VAL A 51 1.41 7.44 3.52
CA VAL A 51 1.21 6.92 2.18
C VAL A 51 1.68 7.95 1.16
N HIS A 52 2.43 7.47 0.18
CA HIS A 52 2.95 8.33 -0.86
C HIS A 52 2.51 7.80 -2.24
N PHE A 53 1.98 8.70 -3.05
CA PHE A 53 1.53 8.34 -4.38
C PHE A 53 2.54 8.74 -5.44
N THR A 54 2.59 7.96 -6.50
CA THR A 54 3.52 8.23 -7.59
C THR A 54 2.79 8.18 -8.93
N GLU A 55 3.58 8.09 -10.00
CA GLU A 55 3.02 8.03 -11.34
C GLU A 55 2.52 6.60 -11.64
N ARG A 56 3.27 5.63 -11.14
CA ARG A 56 2.91 4.24 -11.35
C ARG A 56 3.25 3.42 -10.10
N SER A 57 2.60 3.78 -9.01
CA SER A 57 2.83 3.08 -7.74
C SER A 57 2.28 3.91 -6.58
N PHE A 58 2.17 3.26 -5.44
CA PHE A 58 1.66 3.93 -4.24
C PHE A 58 2.01 3.14 -2.98
N ASP A 59 2.61 3.84 -2.03
CA ASP A 59 3.00 3.21 -0.78
C ASP A 59 2.05 3.67 0.33
N LEU A 60 1.78 2.75 1.24
CA LEU A 60 0.89 3.04 2.35
C LEU A 60 1.40 2.34 3.61
N LEU A 61 1.75 3.15 4.60
CA LEU A 61 2.25 2.62 5.86
C LEU A 61 1.24 2.91 6.97
N VAL A 62 1.22 2.01 7.94
CA VAL A 62 0.30 2.15 9.06
C VAL A 62 1.00 1.70 10.35
N LYS A 63 1.40 2.67 11.16
CA LYS A 63 2.07 2.39 12.41
C LYS A 63 1.05 2.44 13.56
N ASN A 64 1.37 1.69 14.61
CA ASN A 64 0.50 1.64 15.77
C ASN A 64 -0.94 1.37 15.31
N LEU A 65 -1.34 0.11 15.47
CA LEU A 65 -2.69 -0.30 15.08
C LEU A 65 -3.24 -1.27 16.12
N ASN A 66 -3.77 -2.38 15.62
CA ASN A 66 -4.34 -3.39 16.50
C ASN A 66 -3.21 -4.09 17.26
N GLY A 67 -2.59 -3.34 18.17
CA GLY A 67 -1.51 -3.88 18.97
C GLY A 67 -0.31 -4.23 18.09
N LYS A 68 -0.30 -3.66 16.90
CA LYS A 68 0.78 -3.91 15.95
C LYS A 68 0.72 -2.87 14.84
N SER A 69 1.56 -3.09 13.82
CA SER A 69 1.61 -2.19 12.68
C SER A 69 1.39 -2.97 11.38
N TYR A 70 0.95 -2.24 10.37
CA TYR A 70 0.71 -2.86 9.07
C TYR A 70 1.25 -1.99 7.93
N SER A 71 2.03 -2.61 7.07
CA SER A 71 2.62 -1.90 5.95
C SER A 71 2.03 -2.44 4.64
N MET A 72 1.85 -1.52 3.70
CA MET A 72 1.31 -1.87 2.40
C MET A 72 1.81 -0.92 1.31
N ILE A 73 2.51 -1.50 0.34
CA ILE A 73 3.05 -0.72 -0.75
C ILE A 73 2.81 -1.46 -2.07
N VAL A 74 2.59 -0.68 -3.12
CA VAL A 74 2.35 -1.25 -4.44
C VAL A 74 3.30 -0.61 -5.45
N ASN A 75 4.07 -1.45 -6.11
CA ASN A 75 5.02 -0.98 -7.10
C ASN A 75 4.67 -1.58 -8.46
N ASN A 76 4.56 -0.70 -9.45
CA ASN A 76 4.22 -1.13 -10.80
C ASN A 76 2.71 -1.30 -10.91
N LEU A 77 2.05 -0.22 -11.30
CA LEU A 77 0.61 -0.23 -11.45
C LEU A 77 0.26 -0.40 -12.92
N LEU A 78 -0.70 -1.29 -13.18
CA LEU A 78 -1.14 -1.55 -14.53
C LEU A 78 -1.14 -0.25 -15.34
N LYS A 79 -1.71 0.77 -14.71
CA LYS A 79 -1.79 2.08 -15.35
C LYS A 79 -1.27 3.14 -14.38
N PRO A 80 -0.92 4.32 -14.96
CA PRO A 80 -0.41 5.42 -14.17
C PRO A 80 -1.53 6.11 -13.39
N ILE A 81 -1.13 6.92 -12.42
CA ILE A 81 -2.09 7.64 -11.59
C ILE A 81 -1.55 9.03 -11.27
N SER A 82 -2.46 9.99 -11.28
CA SER A 82 -2.08 11.36 -11.00
C SER A 82 -1.88 11.56 -9.49
N VAL A 83 -0.64 11.81 -9.13
CA VAL A 83 -0.29 12.01 -7.73
C VAL A 83 -1.10 13.18 -7.18
N GLU A 84 -0.80 14.36 -7.70
CA GLU A 84 -1.49 15.56 -7.26
C GLU A 84 -2.98 15.28 -7.05
N GLY A 85 -3.55 14.55 -7.99
CA GLY A 85 -4.96 14.19 -7.92
C GLY A 85 -5.19 13.06 -6.92
N SER A 86 -4.20 12.17 -6.84
CA SER A 86 -4.29 11.05 -5.93
C SER A 86 -4.62 11.53 -4.52
N SER A 87 -5.21 10.63 -3.75
CA SER A 87 -5.58 10.95 -2.38
C SER A 87 -5.75 9.66 -1.57
N LYS A 88 -5.68 9.81 -0.26
CA LYS A 88 -5.82 8.67 0.64
C LYS A 88 -6.99 8.92 1.58
N LYS A 89 -7.69 7.84 1.90
CA LYS A 89 -8.84 7.93 2.79
C LYS A 89 -8.82 6.74 3.74
N VAL A 90 -9.60 6.87 4.82
CA VAL A 90 -9.68 5.82 5.82
C VAL A 90 -11.14 5.59 6.21
N LYS A 91 -11.52 4.33 6.22
CA LYS A 91 -12.89 3.97 6.56
C LYS A 91 -12.88 3.11 7.83
N THR A 92 -14.08 2.81 8.31
CA THR A 92 -14.23 2.01 9.50
C THR A 92 -13.41 0.72 9.39
N ASP A 93 -12.44 0.59 10.27
CA ASP A 93 -11.58 -0.59 10.28
C ASP A 93 -11.15 -0.91 8.85
N THR A 94 -10.91 0.14 8.09
CA THR A 94 -10.50 -0.02 6.70
C THR A 94 -9.76 1.24 6.23
N VAL A 95 -8.76 1.00 5.38
CA VAL A 95 -7.97 2.10 4.83
C VAL A 95 -8.24 2.22 3.34
N LEU A 96 -8.64 3.42 2.94
CA LEU A 96 -8.93 3.68 1.54
C LEU A 96 -7.70 4.31 0.87
N ILE A 97 -7.50 3.95 -0.38
CA ILE A 97 -6.37 4.46 -1.14
C ILE A 97 -6.85 4.94 -2.51
N LEU A 98 -7.22 6.20 -2.58
CA LEU A 98 -7.70 6.78 -3.82
C LEU A 98 -6.50 7.08 -4.74
N CYS A 99 -6.50 6.43 -5.90
CA CYS A 99 -5.44 6.62 -6.86
C CYS A 99 -6.04 7.18 -8.15
N ARG A 100 -5.82 8.46 -8.36
CA ARG A 100 -6.33 9.12 -9.55
C ARG A 100 -5.84 8.42 -10.81
N LYS A 101 -6.68 8.44 -11.83
CA LYS A 101 -6.34 7.81 -13.10
C LYS A 101 -5.73 8.85 -14.03
N LYS A 102 -4.82 8.38 -14.87
CA LYS A 102 -4.15 9.26 -15.82
C LYS A 102 -4.99 9.35 -17.10
N VAL A 103 -5.76 8.29 -17.34
CA VAL A 103 -6.61 8.24 -18.52
C VAL A 103 -7.82 7.36 -18.23
N GLU A 104 -9.00 7.98 -18.26
CA GLU A 104 -10.23 7.28 -18.01
C GLU A 104 -10.51 6.26 -19.12
N ASN A 105 -11.49 5.41 -18.88
CA ASN A 105 -11.86 4.40 -19.84
C ASN A 105 -10.72 3.41 -20.01
N THR A 106 -10.03 3.15 -18.90
CA THR A 106 -8.92 2.23 -18.90
C THR A 106 -9.08 1.18 -17.81
N ARG A 107 -9.60 0.03 -18.19
CA ARG A 107 -9.82 -1.05 -17.24
C ARG A 107 -8.48 -1.54 -16.68
N TRP A 108 -8.54 -2.10 -15.48
CA TRP A 108 -7.36 -2.61 -14.84
C TRP A 108 -7.52 -4.13 -14.66
N ASP A 109 -6.89 -4.87 -15.56
CA ASP A 109 -6.96 -6.32 -15.51
C ASP A 109 -6.38 -6.81 -14.19
N TYR A 110 -5.45 -6.03 -13.66
CA TYR A 110 -4.81 -6.36 -12.40
C TYR A 110 -4.57 -5.12 -11.55
N LEU A 111 -4.30 -5.36 -10.28
CA LEU A 111 -4.05 -4.26 -9.35
C LEU A 111 -2.69 -3.64 -9.66
N THR A 112 -1.78 -4.47 -10.15
CA THR A 112 -0.45 -4.00 -10.49
C THR A 112 -0.03 -4.57 -11.85
N GLN A 113 0.80 -3.80 -12.55
CA GLN A 113 1.28 -4.20 -13.86
C GLN A 113 2.01 -5.55 -13.75
N VAL A 114 2.75 -5.69 -12.66
CA VAL A 114 3.50 -6.92 -12.43
C VAL A 114 2.60 -8.12 -12.70
N GLU A 115 1.51 -8.19 -11.95
CA GLU A 115 0.56 -9.28 -12.09
C GLU A 115 0.38 -9.63 -13.57
N LYS A 116 0.43 -8.60 -14.40
CA LYS A 116 0.27 -8.79 -15.83
C LYS A 116 1.54 -9.43 -16.40
N GLU A 117 2.66 -8.79 -16.11
CA GLU A 117 3.95 -9.28 -16.59
C GLU A 117 4.26 -10.65 -15.97
N CYS A 118 3.52 -10.96 -14.91
CA CYS A 118 3.70 -12.22 -14.21
C CYS A 118 2.68 -13.22 -14.77
N LYS A 119 1.42 -12.80 -14.77
CA LYS A 119 0.35 -13.64 -15.27
C LYS A 119 0.65 -14.05 -16.71
N GLU A 120 1.14 -13.09 -17.48
CA GLU A 120 1.48 -13.33 -18.87
C GLU A 120 2.95 -13.05 -19.13
N LYS A 121 3.32 -13.10 -20.40
CA LYS A 121 4.70 -12.84 -20.78
C LYS A 121 5.51 -14.14 -20.66
N SER A 122 5.59 -14.64 -19.43
CA SER A 122 6.32 -15.87 -19.16
C SER A 122 5.43 -16.86 -18.44
N GLY A 123 4.59 -17.54 -19.22
CA GLY A 123 3.67 -18.52 -18.68
C GLY A 123 2.65 -18.96 -19.72
N PRO A 124 1.60 -19.66 -19.22
CA PRO A 124 0.53 -20.15 -20.10
C PRO A 124 -0.39 -19.00 -20.52
N SER A 125 -1.27 -19.30 -21.46
CA SER A 125 -2.21 -18.31 -21.95
C SER A 125 -3.61 -18.62 -21.43
N SER A 126 -4.06 -17.81 -20.48
CA SER A 126 -5.37 -17.98 -19.89
C SER A 126 -6.43 -17.32 -20.77
N GLY A 127 -7.07 -18.14 -21.60
CA GLY A 127 -8.11 -17.65 -22.49
C GLY A 127 -9.24 -18.66 -22.62
N GLY A 1 24.73 -30.12 36.28
CA GLY A 1 25.22 -29.80 37.62
C GLY A 1 26.33 -28.74 37.56
N SER A 2 26.11 -27.67 38.32
CA SER A 2 27.08 -26.58 38.36
C SER A 2 26.84 -25.73 39.61
N SER A 3 27.79 -24.84 39.86
CA SER A 3 27.70 -23.96 41.01
C SER A 3 27.96 -22.51 40.58
N GLY A 4 27.44 -21.59 41.39
CA GLY A 4 27.61 -20.17 41.10
C GLY A 4 26.29 -19.42 41.30
N SER A 5 26.35 -18.12 41.04
CA SER A 5 25.18 -17.27 41.18
C SER A 5 25.41 -15.94 40.49
N SER A 6 24.40 -15.51 39.73
CA SER A 6 24.48 -14.26 39.01
C SER A 6 23.08 -13.78 38.63
N GLY A 7 23.03 -12.59 38.04
CA GLY A 7 21.77 -12.02 37.62
C GLY A 7 21.91 -11.30 36.27
N VAL A 8 21.28 -11.87 35.26
CA VAL A 8 21.32 -11.29 33.93
C VAL A 8 19.90 -11.22 33.35
N VAL A 9 19.58 -10.06 32.81
CA VAL A 9 18.27 -9.85 32.22
C VAL A 9 18.43 -9.18 30.86
N ALA A 10 17.54 -9.54 29.94
CA ALA A 10 17.56 -8.99 28.60
C ALA A 10 16.19 -8.40 28.26
N PRO A 11 16.19 -7.08 27.93
CA PRO A 11 14.96 -6.40 27.59
C PRO A 11 14.49 -6.79 26.19
N ILE A 12 13.19 -6.57 25.96
CA ILE A 12 12.61 -6.90 24.67
C ILE A 12 13.19 -5.98 23.60
N THR A 13 13.11 -6.45 22.36
CA THR A 13 13.63 -5.67 21.24
C THR A 13 12.49 -5.29 20.29
N THR A 14 12.47 -4.01 19.94
CA THR A 14 11.44 -3.49 19.04
C THR A 14 11.05 -4.56 18.03
N GLY A 15 9.76 -4.58 17.71
CA GLY A 15 9.23 -5.53 16.75
C GLY A 15 9.40 -5.03 15.32
N TYR A 16 8.26 -4.82 14.66
CA TYR A 16 8.26 -4.34 13.29
C TYR A 16 6.83 -4.12 12.80
N THR A 17 6.74 -3.72 11.53
CA THR A 17 5.45 -3.47 10.92
C THR A 17 4.96 -4.72 10.20
N VAL A 18 3.64 -4.88 10.20
CA VAL A 18 3.02 -6.03 9.55
C VAL A 18 2.99 -5.79 8.04
N LYS A 19 3.03 -6.89 7.30
CA LYS A 19 3.01 -6.82 5.85
C LYS A 19 1.61 -7.20 5.34
N ILE A 20 0.95 -6.23 4.75
CA ILE A 20 -0.39 -6.44 4.22
C ILE A 20 -0.30 -7.26 2.94
N SER A 21 -0.47 -8.57 3.09
CA SER A 21 -0.41 -9.47 1.96
C SER A 21 -1.77 -9.51 1.24
N ASN A 22 -2.80 -9.72 2.03
CA ASN A 22 -4.15 -9.77 1.49
C ASN A 22 -4.79 -8.39 1.58
N TYR A 23 -5.16 -7.88 0.41
CA TYR A 23 -5.78 -6.57 0.34
C TYR A 23 -6.77 -6.48 -0.83
N GLY A 24 -7.93 -5.93 -0.55
CA GLY A 24 -8.97 -5.79 -1.56
C GLY A 24 -8.77 -4.49 -2.36
N TRP A 25 -8.89 -4.63 -3.67
CA TRP A 25 -8.73 -3.49 -4.56
C TRP A 25 -9.82 -3.57 -5.63
N ASP A 26 -10.20 -2.40 -6.13
CA ASP A 26 -11.22 -2.33 -7.16
C ASP A 26 -11.21 -0.93 -7.78
N GLN A 27 -11.27 -0.90 -9.10
CA GLN A 27 -11.26 0.36 -9.83
C GLN A 27 -12.28 0.30 -10.97
N SER A 28 -12.58 1.48 -11.50
CA SER A 28 -13.53 1.59 -12.60
C SER A 28 -13.04 2.64 -13.61
N ASP A 29 -13.72 2.68 -14.75
CA ASP A 29 -13.37 3.63 -15.79
C ASP A 29 -13.60 5.05 -15.27
N LYS A 30 -12.60 5.53 -14.54
CA LYS A 30 -12.66 6.87 -13.98
C LYS A 30 -11.49 7.08 -13.02
N PHE A 31 -11.48 6.26 -11.98
CA PHE A 31 -10.42 6.33 -10.97
C PHE A 31 -10.13 4.96 -10.37
N VAL A 32 -9.05 4.90 -9.60
CA VAL A 32 -8.66 3.65 -8.97
C VAL A 32 -8.72 3.83 -7.45
N LYS A 33 -9.22 2.80 -6.79
CA LYS A 33 -9.34 2.82 -5.34
C LYS A 33 -9.11 1.42 -4.79
N ILE A 34 -8.55 1.37 -3.59
CA ILE A 34 -8.27 0.09 -2.94
C ILE A 34 -8.94 0.07 -1.56
N TYR A 35 -9.23 -1.14 -1.10
CA TYR A 35 -9.86 -1.31 0.20
C TYR A 35 -9.20 -2.44 0.98
N ILE A 36 -8.46 -2.05 2.01
CA ILE A 36 -7.77 -3.03 2.84
C ILE A 36 -8.47 -3.11 4.20
N THR A 37 -8.42 -4.30 4.79
CA THR A 37 -9.04 -4.52 6.07
C THR A 37 -8.03 -4.30 7.20
N LEU A 38 -8.27 -3.25 7.98
CA LEU A 38 -7.39 -2.92 9.09
C LEU A 38 -8.23 -2.35 10.24
N THR A 39 -8.51 -3.21 11.20
CA THR A 39 -9.29 -2.81 12.36
C THR A 39 -8.45 -1.96 13.32
N GLY A 40 -8.81 -0.68 13.39
CA GLY A 40 -8.09 0.24 14.26
C GLY A 40 -7.51 1.41 13.46
N VAL A 41 -7.30 1.15 12.17
CA VAL A 41 -6.75 2.17 11.29
C VAL A 41 -7.65 3.40 11.34
N HIS A 42 -8.90 3.18 11.69
CA HIS A 42 -9.86 4.27 11.78
C HIS A 42 -9.81 4.90 13.18
N GLN A 43 -8.87 4.39 13.98
CA GLN A 43 -8.71 4.90 15.33
C GLN A 43 -7.36 5.60 15.48
N VAL A 44 -6.44 5.26 14.57
CA VAL A 44 -5.12 5.85 14.58
C VAL A 44 -5.17 7.20 13.88
N PRO A 45 -4.22 8.09 14.29
CA PRO A 45 -4.14 9.42 13.69
C PRO A 45 -3.54 9.37 12.30
N THR A 46 -3.62 10.50 11.61
CA THR A 46 -3.08 10.58 10.26
C THR A 46 -1.56 10.65 10.28
N GLU A 47 -1.02 10.68 11.50
CA GLU A 47 0.42 10.74 11.68
C GLU A 47 1.02 9.33 11.62
N ASN A 48 0.18 8.35 11.94
CA ASN A 48 0.61 6.97 11.92
C ASN A 48 0.36 6.37 10.54
N VAL A 49 -0.42 7.09 9.75
CA VAL A 49 -0.74 6.65 8.40
C VAL A 49 0.04 7.50 7.39
N GLN A 50 1.10 6.91 6.87
CA GLN A 50 1.93 7.60 5.90
C GLN A 50 1.85 6.90 4.54
N VAL A 51 1.23 7.59 3.59
CA VAL A 51 1.08 7.05 2.25
C VAL A 51 1.55 8.08 1.23
N HIS A 52 2.35 7.62 0.29
CA HIS A 52 2.87 8.50 -0.75
C HIS A 52 2.47 7.95 -2.12
N PHE A 53 1.87 8.83 -2.93
CA PHE A 53 1.44 8.45 -4.26
C PHE A 53 2.51 8.79 -5.30
N THR A 54 2.50 8.04 -6.39
CA THR A 54 3.45 8.25 -7.46
C THR A 54 2.75 8.24 -8.82
N GLU A 55 3.55 8.17 -9.87
CA GLU A 55 3.01 8.15 -11.22
C GLU A 55 2.52 6.76 -11.58
N ARG A 56 3.24 5.76 -11.08
CA ARG A 56 2.88 4.37 -11.35
C ARG A 56 3.15 3.51 -10.10
N SER A 57 2.51 3.89 -9.01
CA SER A 57 2.67 3.16 -7.76
C SER A 57 2.11 3.99 -6.61
N PHE A 58 2.17 3.40 -5.42
CA PHE A 58 1.68 4.07 -4.22
C PHE A 58 2.05 3.28 -2.96
N ASP A 59 2.65 3.99 -2.02
CA ASP A 59 3.06 3.38 -0.76
C ASP A 59 2.12 3.83 0.35
N LEU A 60 1.83 2.90 1.25
CA LEU A 60 0.94 3.18 2.37
C LEU A 60 1.48 2.52 3.62
N LEU A 61 1.86 3.34 4.58
CA LEU A 61 2.39 2.85 5.84
C LEU A 61 1.36 3.06 6.95
N VAL A 62 1.41 2.17 7.93
CA VAL A 62 0.49 2.25 9.06
C VAL A 62 1.21 1.82 10.33
N LYS A 63 1.32 2.77 11.25
CA LYS A 63 1.99 2.51 12.52
C LYS A 63 0.96 2.56 13.66
N ASN A 64 1.36 2.02 14.80
CA ASN A 64 0.48 2.01 15.96
C ASN A 64 -0.95 1.68 15.52
N LEU A 65 -1.25 0.39 15.54
CA LEU A 65 -2.57 -0.07 15.14
C LEU A 65 -3.15 -0.96 16.24
N ASN A 66 -3.60 -2.14 15.83
CA ASN A 66 -4.18 -3.09 16.77
C ASN A 66 -3.05 -3.81 17.51
N GLY A 67 -2.42 -3.08 18.42
CA GLY A 67 -1.33 -3.64 19.19
C GLY A 67 -0.14 -3.98 18.30
N LYS A 68 -0.12 -3.36 17.13
CA LYS A 68 0.96 -3.59 16.18
C LYS A 68 0.86 -2.56 15.06
N SER A 69 1.71 -2.74 14.06
CA SER A 69 1.74 -1.84 12.93
C SER A 69 1.59 -2.62 11.62
N TYR A 70 1.17 -1.92 10.58
CA TYR A 70 0.97 -2.54 9.28
C TYR A 70 1.57 -1.67 8.17
N SER A 71 2.06 -2.34 7.13
CA SER A 71 2.66 -1.65 6.01
C SER A 71 2.10 -2.21 4.70
N MET A 72 1.90 -1.32 3.75
CA MET A 72 1.38 -1.70 2.45
C MET A 72 1.88 -0.76 1.35
N ILE A 73 2.60 -1.34 0.40
CA ILE A 73 3.14 -0.57 -0.71
C ILE A 73 2.89 -1.32 -2.01
N VAL A 74 2.63 -0.56 -3.07
CA VAL A 74 2.39 -1.14 -4.37
C VAL A 74 3.31 -0.48 -5.41
N ASN A 75 4.09 -1.31 -6.08
CA ASN A 75 5.01 -0.83 -7.09
C ASN A 75 4.66 -1.46 -8.43
N ASN A 76 4.57 -0.61 -9.44
CA ASN A 76 4.24 -1.08 -10.78
C ASN A 76 2.72 -1.23 -10.92
N LEU A 77 2.09 -0.15 -11.35
CA LEU A 77 0.65 -0.15 -11.52
C LEU A 77 0.31 -0.29 -13.00
N LEU A 78 -0.65 -1.17 -13.28
CA LEU A 78 -1.06 -1.40 -14.66
C LEU A 78 -1.08 -0.08 -15.41
N LYS A 79 -1.66 0.92 -14.78
CA LYS A 79 -1.76 2.24 -15.37
C LYS A 79 -1.26 3.28 -14.38
N PRO A 80 -0.89 4.48 -14.93
CA PRO A 80 -0.39 5.56 -14.11
C PRO A 80 -1.52 6.23 -13.33
N ILE A 81 -1.13 7.04 -12.36
CA ILE A 81 -2.11 7.75 -11.53
C ILE A 81 -1.59 9.14 -11.23
N SER A 82 -2.50 10.10 -11.24
CA SER A 82 -2.15 11.48 -10.96
C SER A 82 -1.99 11.69 -9.45
N VAL A 83 -0.73 11.76 -9.02
CA VAL A 83 -0.43 11.95 -7.62
C VAL A 83 -1.21 13.16 -7.10
N GLU A 84 -0.93 14.31 -7.68
CA GLU A 84 -1.60 15.55 -7.29
C GLU A 84 -3.08 15.26 -6.99
N GLY A 85 -3.72 14.63 -7.95
CA GLY A 85 -5.14 14.30 -7.81
C GLY A 85 -5.33 13.14 -6.82
N SER A 86 -4.34 12.27 -6.76
CA SER A 86 -4.39 11.13 -5.87
C SER A 86 -4.73 11.59 -4.45
N SER A 87 -5.33 10.69 -3.69
CA SER A 87 -5.71 10.98 -2.32
C SER A 87 -5.85 9.69 -1.52
N LYS A 88 -5.79 9.84 -0.21
CA LYS A 88 -5.92 8.69 0.67
C LYS A 88 -7.10 8.90 1.62
N LYS A 89 -7.79 7.81 1.91
CA LYS A 89 -8.95 7.86 2.79
C LYS A 89 -8.91 6.66 3.74
N VAL A 90 -9.67 6.78 4.82
CA VAL A 90 -9.73 5.71 5.81
C VAL A 90 -11.18 5.48 6.20
N LYS A 91 -11.57 4.21 6.17
CA LYS A 91 -12.93 3.83 6.52
C LYS A 91 -12.91 3.00 7.81
N THR A 92 -14.09 2.57 8.21
CA THR A 92 -14.23 1.77 9.41
C THR A 92 -13.43 0.47 9.30
N ASP A 93 -12.46 0.31 10.19
CA ASP A 93 -11.62 -0.87 10.18
C ASP A 93 -11.17 -1.16 8.75
N THR A 94 -11.03 -0.09 7.97
CA THR A 94 -10.60 -0.23 6.60
C THR A 94 -9.89 1.04 6.13
N VAL A 95 -8.88 0.84 5.30
CA VAL A 95 -8.11 1.97 4.78
C VAL A 95 -8.38 2.11 3.28
N LEU A 96 -8.67 3.34 2.89
CA LEU A 96 -8.95 3.63 1.48
C LEU A 96 -7.73 4.29 0.85
N ILE A 97 -7.50 3.95 -0.41
CA ILE A 97 -6.37 4.50 -1.13
C ILE A 97 -6.84 4.98 -2.51
N LEU A 98 -7.23 6.24 -2.56
CA LEU A 98 -7.72 6.83 -3.81
C LEU A 98 -6.51 7.13 -4.71
N CYS A 99 -6.51 6.50 -5.88
CA CYS A 99 -5.44 6.68 -6.83
C CYS A 99 -6.04 7.25 -8.12
N ARG A 100 -5.85 8.55 -8.31
CA ARG A 100 -6.37 9.21 -9.49
C ARG A 100 -5.84 8.55 -10.76
N LYS A 101 -6.66 8.57 -11.80
CA LYS A 101 -6.28 7.97 -13.07
C LYS A 101 -5.63 9.03 -13.95
N LYS A 102 -4.78 8.57 -14.86
CA LYS A 102 -4.09 9.47 -15.77
C LYS A 102 -4.91 9.62 -17.04
N VAL A 103 -5.73 8.61 -17.32
CA VAL A 103 -6.57 8.63 -18.49
C VAL A 103 -7.82 7.78 -18.23
N GLU A 104 -8.97 8.44 -18.28
CA GLU A 104 -10.23 7.77 -18.06
C GLU A 104 -10.45 6.69 -19.11
N ASN A 105 -11.51 5.92 -18.92
CA ASN A 105 -11.84 4.84 -19.85
C ASN A 105 -10.64 3.91 -19.99
N THR A 106 -10.12 3.48 -18.85
CA THR A 106 -8.98 2.59 -18.83
C THR A 106 -9.16 1.51 -17.76
N ARG A 107 -9.54 0.32 -18.22
CA ARG A 107 -9.74 -0.79 -17.31
C ARG A 107 -8.41 -1.29 -16.76
N TRP A 108 -8.47 -1.86 -15.56
CA TRP A 108 -7.27 -2.37 -14.92
C TRP A 108 -7.44 -3.89 -14.75
N ASP A 109 -6.83 -4.62 -15.67
CA ASP A 109 -6.90 -6.07 -15.64
C ASP A 109 -6.15 -6.59 -14.42
N TYR A 110 -5.38 -5.69 -13.81
CA TYR A 110 -4.62 -6.05 -12.62
C TYR A 110 -4.18 -4.80 -11.86
N LEU A 111 -3.97 -4.97 -10.57
CA LEU A 111 -3.54 -3.87 -9.72
C LEU A 111 -2.13 -3.44 -10.13
N THR A 112 -1.34 -4.42 -10.51
CA THR A 112 0.04 -4.15 -10.92
C THR A 112 0.39 -4.97 -12.16
N GLN A 113 1.32 -4.44 -12.94
CA GLN A 113 1.75 -5.10 -14.15
C GLN A 113 2.29 -6.50 -13.82
N VAL A 114 3.02 -6.58 -12.72
CA VAL A 114 3.60 -7.84 -12.29
C VAL A 114 2.58 -8.96 -12.52
N GLU A 115 1.44 -8.84 -11.85
CA GLU A 115 0.39 -9.83 -11.97
C GLU A 115 0.10 -10.12 -13.45
N LYS A 116 -0.16 -9.06 -14.18
CA LYS A 116 -0.46 -9.18 -15.60
C LYS A 116 0.63 -10.02 -16.28
N GLU A 117 1.83 -9.45 -16.32
CA GLU A 117 2.96 -10.13 -16.92
C GLU A 117 3.02 -11.59 -16.46
N CYS A 118 2.92 -11.76 -15.15
CA CYS A 118 2.95 -13.10 -14.57
C CYS A 118 1.88 -13.95 -15.25
N LYS A 119 0.64 -13.59 -14.99
CA LYS A 119 -0.49 -14.31 -15.58
C LYS A 119 -0.19 -14.61 -17.05
N GLU A 120 0.26 -13.58 -17.75
CA GLU A 120 0.59 -13.71 -19.15
C GLU A 120 2.03 -14.20 -19.32
N LYS A 121 2.50 -14.14 -20.55
CA LYS A 121 3.85 -14.57 -20.87
C LYS A 121 4.01 -16.05 -20.53
N SER A 122 5.22 -16.55 -20.72
CA SER A 122 5.51 -17.95 -20.44
C SER A 122 4.99 -18.33 -19.06
N GLY A 123 4.15 -19.35 -19.04
CA GLY A 123 3.57 -19.83 -17.80
C GLY A 123 2.64 -21.01 -18.02
N PRO A 124 2.58 -21.92 -17.01
CA PRO A 124 1.74 -23.09 -17.09
C PRO A 124 0.27 -22.73 -16.91
N SER A 125 0.01 -21.93 -15.89
CA SER A 125 -1.34 -21.50 -15.58
C SER A 125 -1.35 -20.62 -14.33
N SER A 126 -2.23 -19.64 -14.34
CA SER A 126 -2.35 -18.72 -13.22
C SER A 126 -2.70 -19.49 -11.95
N GLY A 127 -1.95 -19.22 -10.90
CA GLY A 127 -2.16 -19.89 -9.62
C GLY A 127 -1.46 -21.24 -9.59
N GLY A 1 40.32 -11.70 34.07
CA GLY A 1 39.15 -12.29 34.69
C GLY A 1 37.86 -11.82 34.01
N SER A 2 36.81 -12.59 34.20
CA SER A 2 35.52 -12.26 33.61
C SER A 2 34.42 -13.15 34.21
N SER A 3 33.18 -12.82 33.89
CA SER A 3 32.05 -13.56 34.38
C SER A 3 30.85 -13.39 33.43
N GLY A 4 30.43 -12.15 33.30
CA GLY A 4 29.31 -11.83 32.43
C GLY A 4 28.01 -12.40 33.01
N SER A 5 27.38 -13.26 32.22
CA SER A 5 26.13 -13.87 32.62
C SER A 5 25.01 -12.82 32.66
N SER A 6 23.90 -13.17 32.03
CA SER A 6 22.76 -12.27 31.97
C SER A 6 21.65 -12.87 31.11
N GLY A 7 20.47 -12.30 31.23
CA GLY A 7 19.33 -12.77 30.47
C GLY A 7 18.03 -12.14 30.98
N VAL A 8 17.36 -11.43 30.08
CA VAL A 8 16.12 -10.78 30.44
C VAL A 8 15.06 -11.09 29.37
N VAL A 9 13.81 -11.08 29.79
CA VAL A 9 12.71 -11.37 28.88
C VAL A 9 11.65 -10.27 29.01
N ALA A 10 11.12 -9.85 27.87
CA ALA A 10 10.11 -8.82 27.85
C ALA A 10 8.92 -9.29 27.01
N PRO A 11 7.73 -8.71 27.31
CA PRO A 11 6.52 -9.06 26.60
C PRO A 11 6.51 -8.43 25.21
N ILE A 12 5.48 -8.78 24.45
CA ILE A 12 5.33 -8.25 23.09
C ILE A 12 5.12 -6.75 23.16
N THR A 13 6.18 -6.02 22.86
CA THR A 13 6.12 -4.55 22.87
C THR A 13 6.57 -3.98 21.53
N THR A 14 5.60 -3.46 20.80
CA THR A 14 5.88 -2.88 19.49
C THR A 14 6.76 -3.82 18.66
N GLY A 15 7.48 -3.22 17.72
CA GLY A 15 8.36 -4.00 16.86
C GLY A 15 8.24 -3.54 15.40
N TYR A 16 8.60 -4.45 14.51
CA TYR A 16 8.53 -4.16 13.08
C TYR A 16 7.09 -3.96 12.62
N THR A 17 6.94 -3.63 11.35
CA THR A 17 5.62 -3.41 10.78
C THR A 17 5.14 -4.66 10.05
N VAL A 18 3.83 -4.87 10.09
CA VAL A 18 3.24 -6.02 9.43
C VAL A 18 3.20 -5.78 7.92
N LYS A 19 3.25 -6.88 7.17
CA LYS A 19 3.21 -6.80 5.73
C LYS A 19 1.82 -7.19 5.24
N ILE A 20 1.16 -6.24 4.60
CA ILE A 20 -0.17 -6.47 4.07
C ILE A 20 -0.07 -7.24 2.76
N SER A 21 -0.23 -8.56 2.88
CA SER A 21 -0.16 -9.43 1.72
C SER A 21 -1.54 -9.52 1.05
N ASN A 22 -2.56 -9.63 1.89
CA ASN A 22 -3.92 -9.72 1.39
C ASN A 22 -4.59 -8.35 1.49
N TYR A 23 -5.01 -7.85 0.35
CA TYR A 23 -5.67 -6.56 0.29
C TYR A 23 -6.70 -6.51 -0.84
N GLY A 24 -7.83 -5.89 -0.55
CA GLY A 24 -8.89 -5.77 -1.53
C GLY A 24 -8.77 -4.47 -2.33
N TRP A 25 -8.77 -4.61 -3.64
CA TRP A 25 -8.66 -3.45 -4.52
C TRP A 25 -9.79 -3.53 -5.55
N ASP A 26 -10.28 -2.35 -5.93
CA ASP A 26 -11.36 -2.27 -6.90
C ASP A 26 -11.37 -0.88 -7.52
N GLN A 27 -11.49 -0.85 -8.84
CA GLN A 27 -11.52 0.40 -9.57
C GLN A 27 -12.51 0.32 -10.73
N SER A 28 -12.83 1.48 -11.27
CA SER A 28 -13.76 1.56 -12.38
C SER A 28 -13.27 2.59 -13.40
N ASP A 29 -13.42 2.23 -14.68
CA ASP A 29 -13.00 3.11 -15.75
C ASP A 29 -13.31 4.56 -15.38
N LYS A 30 -12.32 5.20 -14.77
CA LYS A 30 -12.47 6.59 -14.35
C LYS A 30 -11.44 6.90 -13.27
N PHE A 31 -11.37 6.04 -12.28
CA PHE A 31 -10.43 6.22 -11.19
C PHE A 31 -10.02 4.87 -10.59
N VAL A 32 -9.02 4.92 -9.72
CA VAL A 32 -8.53 3.71 -9.07
C VAL A 32 -8.60 3.89 -7.55
N LYS A 33 -9.09 2.85 -6.89
CA LYS A 33 -9.21 2.88 -5.44
C LYS A 33 -8.98 1.47 -4.89
N ILE A 34 -8.47 1.42 -3.67
CA ILE A 34 -8.20 0.16 -3.01
C ILE A 34 -8.86 0.14 -1.63
N TYR A 35 -9.21 -1.05 -1.19
CA TYR A 35 -9.85 -1.21 0.10
C TYR A 35 -9.19 -2.33 0.91
N ILE A 36 -8.38 -1.93 1.88
CA ILE A 36 -7.68 -2.88 2.72
C ILE A 36 -8.42 -3.01 4.06
N THR A 37 -8.36 -4.21 4.61
CA THR A 37 -9.01 -4.49 5.88
C THR A 37 -8.04 -4.27 7.04
N LEU A 38 -8.23 -3.17 7.74
CA LEU A 38 -7.38 -2.84 8.88
C LEU A 38 -8.24 -2.32 10.03
N THR A 39 -8.49 -3.20 10.98
CA THR A 39 -9.30 -2.84 12.14
C THR A 39 -8.48 -1.99 13.11
N GLY A 40 -8.96 -0.77 13.34
CA GLY A 40 -8.29 0.15 14.24
C GLY A 40 -7.68 1.33 13.47
N VAL A 41 -7.44 1.10 12.19
CA VAL A 41 -6.88 2.13 11.35
C VAL A 41 -7.77 3.37 11.38
N HIS A 42 -9.00 3.16 11.82
CA HIS A 42 -9.96 4.25 11.91
C HIS A 42 -9.86 4.90 13.29
N GLN A 43 -8.93 4.40 14.08
CA GLN A 43 -8.72 4.93 15.42
C GLN A 43 -7.35 5.58 15.52
N VAL A 44 -6.47 5.21 14.60
CA VAL A 44 -5.13 5.75 14.58
C VAL A 44 -5.15 7.13 13.91
N PRO A 45 -4.15 7.96 14.29
CA PRO A 45 -4.05 9.30 13.74
C PRO A 45 -3.52 9.27 12.30
N THR A 46 -3.46 10.45 11.70
CA THR A 46 -2.99 10.57 10.33
C THR A 46 -1.45 10.57 10.29
N GLU A 47 -0.87 10.61 11.48
CA GLU A 47 0.59 10.61 11.60
C GLU A 47 1.12 9.18 11.56
N ASN A 48 0.24 8.24 11.87
CA ASN A 48 0.61 6.83 11.87
C ASN A 48 0.38 6.25 10.48
N VAL A 49 -0.41 6.96 9.69
CA VAL A 49 -0.71 6.53 8.34
C VAL A 49 0.02 7.43 7.35
N GLN A 50 1.04 6.87 6.72
CA GLN A 50 1.82 7.60 5.75
C GLN A 50 1.76 6.91 4.38
N VAL A 51 1.09 7.58 3.45
CA VAL A 51 0.95 7.04 2.11
C VAL A 51 1.40 8.09 1.09
N HIS A 52 2.17 7.63 0.12
CA HIS A 52 2.68 8.51 -0.92
C HIS A 52 2.27 7.99 -2.29
N PHE A 53 1.73 8.88 -3.10
CA PHE A 53 1.28 8.51 -4.43
C PHE A 53 2.31 8.96 -5.48
N THR A 54 2.45 8.13 -6.51
CA THR A 54 3.38 8.42 -7.59
C THR A 54 2.68 8.37 -8.94
N GLU A 55 3.48 8.35 -9.99
CA GLU A 55 2.95 8.28 -11.34
C GLU A 55 2.42 6.88 -11.65
N ARG A 56 3.19 5.89 -11.21
CA ARG A 56 2.81 4.50 -11.43
C ARG A 56 3.15 3.67 -10.20
N SER A 57 2.68 4.14 -9.05
CA SER A 57 2.92 3.44 -7.80
C SER A 57 2.30 4.21 -6.64
N PHE A 58 2.31 3.59 -5.47
CA PHE A 58 1.75 4.20 -4.28
C PHE A 58 2.08 3.39 -3.02
N ASP A 59 2.63 4.08 -2.04
CA ASP A 59 3.00 3.43 -0.79
C ASP A 59 2.02 3.85 0.30
N LEU A 60 1.84 2.97 1.27
CA LEU A 60 0.94 3.22 2.37
C LEU A 60 1.49 2.56 3.64
N LEU A 61 1.81 3.39 4.62
CA LEU A 61 2.35 2.91 5.87
C LEU A 61 1.28 3.05 6.97
N VAL A 62 1.35 2.17 7.95
CA VAL A 62 0.40 2.19 9.05
C VAL A 62 1.10 1.72 10.32
N LYS A 63 1.24 2.65 11.25
CA LYS A 63 1.89 2.35 12.52
C LYS A 63 0.85 2.41 13.65
N ASN A 64 1.24 1.87 14.80
CA ASN A 64 0.37 1.87 15.95
C ASN A 64 -1.07 1.54 15.49
N LEU A 65 -1.38 0.26 15.49
CA LEU A 65 -2.70 -0.19 15.08
C LEU A 65 -3.27 -1.11 16.16
N ASN A 66 -3.84 -2.22 15.70
CA ASN A 66 -4.44 -3.19 16.61
C ASN A 66 -3.32 -3.91 17.36
N GLY A 67 -2.68 -3.18 18.25
CA GLY A 67 -1.60 -3.75 19.05
C GLY A 67 -0.41 -4.13 18.16
N LYS A 68 -0.36 -3.50 17.00
CA LYS A 68 0.71 -3.77 16.05
C LYS A 68 0.68 -2.71 14.94
N SER A 69 1.59 -2.86 14.00
CA SER A 69 1.68 -1.93 12.89
C SER A 69 1.60 -2.70 11.56
N TYR A 70 1.10 -2.02 10.55
CA TYR A 70 0.97 -2.61 9.23
C TYR A 70 1.56 -1.70 8.15
N SER A 71 2.08 -2.34 7.11
CA SER A 71 2.68 -1.60 6.01
C SER A 71 2.20 -2.17 4.68
N MET A 72 1.94 -1.27 3.74
CA MET A 72 1.47 -1.66 2.43
C MET A 72 2.00 -0.71 1.35
N ILE A 73 2.65 -1.28 0.36
CA ILE A 73 3.20 -0.50 -0.74
C ILE A 73 2.94 -1.23 -2.07
N VAL A 74 2.64 -0.44 -3.08
CA VAL A 74 2.37 -0.99 -4.40
C VAL A 74 3.25 -0.28 -5.43
N ASN A 75 4.02 -1.09 -6.15
CA ASN A 75 4.91 -0.55 -7.17
C ASN A 75 4.66 -1.28 -8.49
N ASN A 76 4.65 -0.49 -9.56
CA ASN A 76 4.41 -1.06 -10.89
C ASN A 76 2.91 -1.18 -11.13
N LEU A 77 2.25 -0.03 -11.18
CA LEU A 77 0.82 -0.01 -11.42
C LEU A 77 0.54 -0.19 -12.90
N LEU A 78 -0.42 -1.05 -13.19
CA LEU A 78 -0.80 -1.32 -14.57
C LEU A 78 -0.86 -0.02 -15.35
N LYS A 79 -1.54 0.95 -14.76
CA LYS A 79 -1.68 2.26 -15.39
C LYS A 79 -1.18 3.34 -14.43
N PRO A 80 -0.85 4.52 -15.02
CA PRO A 80 -0.36 5.63 -14.22
C PRO A 80 -1.50 6.30 -13.44
N ILE A 81 -1.11 7.04 -12.42
CA ILE A 81 -2.09 7.73 -11.59
C ILE A 81 -1.52 9.09 -11.18
N SER A 82 -2.41 10.08 -11.14
CA SER A 82 -2.01 11.42 -10.77
C SER A 82 -1.75 11.49 -9.27
N VAL A 83 -0.63 12.11 -8.92
CA VAL A 83 -0.24 12.25 -7.52
C VAL A 83 -1.07 13.37 -6.89
N GLU A 84 -0.79 14.59 -7.33
CA GLU A 84 -1.49 15.74 -6.80
C GLU A 84 -3.01 15.49 -6.80
N GLY A 85 -3.44 14.64 -7.72
CA GLY A 85 -4.84 14.30 -7.83
C GLY A 85 -5.20 13.13 -6.92
N SER A 86 -4.23 12.25 -6.72
CA SER A 86 -4.42 11.09 -5.87
C SER A 86 -4.80 11.53 -4.46
N SER A 87 -5.43 10.62 -3.73
CA SER A 87 -5.85 10.90 -2.38
C SER A 87 -6.02 9.59 -1.60
N LYS A 88 -5.94 9.70 -0.29
CA LYS A 88 -6.09 8.54 0.57
C LYS A 88 -7.23 8.78 1.56
N LYS A 89 -7.95 7.70 1.86
CA LYS A 89 -9.06 7.78 2.79
C LYS A 89 -9.01 6.60 3.75
N VAL A 90 -9.78 6.72 4.82
CA VAL A 90 -9.83 5.66 5.83
C VAL A 90 -11.29 5.40 6.20
N LYS A 91 -11.64 4.12 6.19
CA LYS A 91 -13.00 3.72 6.53
C LYS A 91 -12.98 2.91 7.84
N THR A 92 -14.14 2.39 8.19
CA THR A 92 -14.27 1.60 9.40
C THR A 92 -13.45 0.31 9.30
N ASP A 93 -12.36 0.27 10.06
CA ASP A 93 -11.50 -0.89 10.07
C ASP A 93 -11.03 -1.17 8.63
N THR A 94 -10.87 -0.10 7.87
CA THR A 94 -10.44 -0.22 6.50
C THR A 94 -9.76 1.07 6.04
N VAL A 95 -8.74 0.91 5.20
CA VAL A 95 -8.00 2.05 4.69
C VAL A 95 -8.24 2.16 3.18
N LEU A 96 -8.72 3.33 2.78
CA LEU A 96 -9.00 3.58 1.38
C LEU A 96 -7.78 4.26 0.75
N ILE A 97 -7.56 3.93 -0.52
CA ILE A 97 -6.44 4.50 -1.25
C ILE A 97 -6.91 4.95 -2.63
N LEU A 98 -7.33 6.21 -2.72
CA LEU A 98 -7.81 6.77 -3.97
C LEU A 98 -6.61 7.11 -4.85
N CYS A 99 -6.60 6.51 -6.04
CA CYS A 99 -5.52 6.74 -6.98
C CYS A 99 -6.12 7.31 -8.26
N ARG A 100 -5.79 8.56 -8.55
CA ARG A 100 -6.29 9.22 -9.74
C ARG A 100 -5.88 8.44 -10.99
N LYS A 101 -6.73 8.52 -12.00
CA LYS A 101 -6.47 7.84 -13.26
C LYS A 101 -5.92 8.83 -14.28
N LYS A 102 -4.63 8.71 -14.53
CA LYS A 102 -3.97 9.59 -15.48
C LYS A 102 -4.86 9.77 -16.71
N VAL A 103 -5.64 8.74 -16.99
CA VAL A 103 -6.55 8.76 -18.13
C VAL A 103 -7.75 7.88 -17.84
N GLU A 104 -8.91 8.51 -17.75
CA GLU A 104 -10.15 7.80 -17.48
C GLU A 104 -10.45 6.82 -18.61
N ASN A 105 -11.51 6.06 -18.43
CA ASN A 105 -11.93 5.08 -19.42
C ASN A 105 -10.77 4.12 -19.69
N THR A 106 -10.23 3.58 -18.60
CA THR A 106 -9.13 2.64 -18.70
C THR A 106 -9.30 1.52 -17.68
N ARG A 107 -9.65 0.34 -18.17
CA ARG A 107 -9.85 -0.81 -17.32
C ARG A 107 -8.50 -1.30 -16.77
N TRP A 108 -8.55 -1.78 -15.54
CA TRP A 108 -7.34 -2.28 -14.89
C TRP A 108 -7.49 -3.80 -14.75
N ASP A 109 -6.86 -4.51 -15.67
CA ASP A 109 -6.90 -5.96 -15.66
C ASP A 109 -6.11 -6.48 -14.44
N TYR A 110 -5.31 -5.59 -13.89
CA TYR A 110 -4.51 -5.94 -12.73
C TYR A 110 -4.06 -4.69 -11.97
N LEU A 111 -3.84 -4.87 -10.67
CA LEU A 111 -3.42 -3.76 -9.83
C LEU A 111 -2.02 -3.30 -10.27
N THR A 112 -1.14 -4.27 -10.46
CA THR A 112 0.21 -3.99 -10.88
C THR A 112 0.59 -4.84 -12.10
N GLN A 113 1.53 -4.32 -12.87
CA GLN A 113 1.99 -5.02 -14.06
C GLN A 113 2.46 -6.43 -13.70
N VAL A 114 3.11 -6.53 -12.55
CA VAL A 114 3.60 -7.81 -12.08
C VAL A 114 2.54 -8.89 -12.31
N GLU A 115 1.40 -8.69 -11.67
CA GLU A 115 0.30 -9.63 -11.80
C GLU A 115 0.11 -10.02 -13.26
N LYS A 116 -0.16 -9.02 -14.08
CA LYS A 116 -0.37 -9.24 -15.51
C LYS A 116 0.65 -10.26 -16.00
N GLU A 117 1.90 -9.83 -16.08
CA GLU A 117 2.97 -10.68 -16.54
C GLU A 117 2.79 -12.10 -16.00
N CYS A 118 2.90 -12.22 -14.68
CA CYS A 118 2.75 -13.50 -14.04
C CYS A 118 1.51 -14.19 -14.62
N LYS A 119 0.35 -13.58 -14.37
CA LYS A 119 -0.90 -14.12 -14.85
C LYS A 119 -0.72 -14.63 -16.29
N GLU A 120 -0.39 -13.69 -17.16
CA GLU A 120 -0.18 -14.04 -18.56
C GLU A 120 0.74 -15.25 -18.68
N LYS A 121 1.98 -15.06 -18.23
CA LYS A 121 2.96 -16.13 -18.28
C LYS A 121 2.32 -17.43 -17.81
N SER A 122 2.74 -18.53 -18.43
CA SER A 122 2.21 -19.84 -18.09
C SER A 122 2.59 -20.19 -16.64
N GLY A 123 1.68 -20.88 -15.98
CA GLY A 123 1.91 -21.29 -14.61
C GLY A 123 0.64 -21.91 -14.00
N PRO A 124 0.61 -21.94 -12.64
CA PRO A 124 -0.53 -22.49 -11.94
C PRO A 124 -1.72 -21.53 -11.98
N SER A 125 -2.79 -21.99 -12.62
CA SER A 125 -4.00 -21.18 -12.73
C SER A 125 -5.23 -22.06 -12.52
N SER A 126 -6.05 -21.65 -11.56
CA SER A 126 -7.27 -22.37 -11.26
C SER A 126 -8.42 -21.87 -12.13
N GLY A 127 -9.17 -22.83 -12.66
CA GLY A 127 -10.30 -22.49 -13.51
C GLY A 127 -11.62 -22.58 -12.73
N GLY A 1 37.70 -6.29 11.40
CA GLY A 1 38.59 -5.53 12.25
C GLY A 1 37.82 -4.39 12.96
N SER A 2 38.44 -3.87 14.00
CA SER A 2 37.84 -2.79 14.77
C SER A 2 38.93 -1.91 15.39
N SER A 3 38.80 -0.61 15.16
CA SER A 3 39.77 0.34 15.70
C SER A 3 39.11 1.22 16.75
N GLY A 4 39.69 1.21 17.94
CA GLY A 4 39.17 2.00 19.03
C GLY A 4 38.44 1.12 20.05
N SER A 5 37.35 0.53 19.59
CA SER A 5 36.55 -0.33 20.44
C SER A 5 35.71 0.51 21.41
N SER A 6 34.42 0.61 21.09
CA SER A 6 33.51 1.37 21.91
C SER A 6 32.31 0.51 22.29
N GLY A 7 32.17 0.29 23.60
CA GLY A 7 31.07 -0.51 24.10
C GLY A 7 29.78 0.31 24.17
N VAL A 8 29.26 0.62 22.98
CA VAL A 8 28.03 1.39 22.89
C VAL A 8 27.07 0.71 21.92
N VAL A 9 26.04 0.10 22.50
CA VAL A 9 25.05 -0.59 21.69
C VAL A 9 23.65 -0.17 22.13
N ALA A 10 22.75 -0.12 21.15
CA ALA A 10 21.38 0.28 21.43
C ALA A 10 20.42 -0.79 20.89
N PRO A 11 19.94 -1.65 21.82
CA PRO A 11 19.02 -2.72 21.45
C PRO A 11 17.62 -2.18 21.17
N ILE A 12 17.10 -2.53 20.01
CA ILE A 12 15.78 -2.09 19.61
C ILE A 12 14.73 -2.67 20.57
N THR A 13 13.58 -2.04 20.60
CA THR A 13 12.49 -2.48 21.46
C THR A 13 11.24 -2.76 20.64
N THR A 14 11.10 -4.01 20.23
CA THR A 14 9.95 -4.43 19.43
C THR A 14 9.58 -3.33 18.43
N GLY A 15 10.18 -3.40 17.26
CA GLY A 15 9.92 -2.43 16.22
C GLY A 15 9.82 -3.11 14.85
N TYR A 16 8.60 -3.14 14.33
CA TYR A 16 8.37 -3.77 13.03
C TYR A 16 6.95 -3.45 12.53
N THR A 17 6.71 -3.82 11.27
CA THR A 17 5.41 -3.58 10.67
C THR A 17 4.94 -4.83 9.93
N VAL A 18 3.64 -5.04 9.95
CA VAL A 18 3.05 -6.18 9.28
C VAL A 18 2.99 -5.92 7.77
N LYS A 19 2.98 -7.01 7.01
CA LYS A 19 2.92 -6.91 5.57
C LYS A 19 1.52 -7.27 5.08
N ILE A 20 0.81 -6.26 4.59
CA ILE A 20 -0.54 -6.45 4.10
C ILE A 20 -0.49 -7.28 2.81
N SER A 21 -0.80 -8.56 2.95
CA SER A 21 -0.80 -9.47 1.82
C SER A 21 -2.15 -9.44 1.12
N ASN A 22 -3.19 -9.74 1.88
CA ASN A 22 -4.54 -9.75 1.35
C ASN A 22 -5.14 -8.35 1.47
N TYR A 23 -5.49 -7.79 0.32
CA TYR A 23 -6.07 -6.46 0.28
C TYR A 23 -7.05 -6.33 -0.87
N GLY A 24 -8.20 -5.72 -0.57
CA GLY A 24 -9.23 -5.53 -1.57
C GLY A 24 -8.95 -4.28 -2.41
N TRP A 25 -9.08 -4.45 -3.72
CA TRP A 25 -8.84 -3.35 -4.64
C TRP A 25 -9.96 -3.35 -5.68
N ASP A 26 -10.27 -2.16 -6.17
CA ASP A 26 -11.32 -2.00 -7.16
C ASP A 26 -10.98 -0.83 -8.09
N GLN A 27 -11.27 -1.03 -9.37
CA GLN A 27 -10.99 0.00 -10.36
C GLN A 27 -12.28 0.37 -11.09
N SER A 28 -12.35 1.64 -11.48
CA SER A 28 -13.52 2.14 -12.19
C SER A 28 -13.07 3.03 -13.35
N ASP A 29 -13.87 3.00 -14.42
CA ASP A 29 -13.57 3.82 -15.59
C ASP A 29 -13.65 5.30 -15.22
N LYS A 30 -12.60 5.76 -14.56
CA LYS A 30 -12.54 7.15 -14.14
C LYS A 30 -11.44 7.31 -13.09
N PHE A 31 -11.43 6.40 -12.13
CA PHE A 31 -10.45 6.43 -11.06
C PHE A 31 -10.24 5.04 -10.47
N VAL A 32 -9.21 4.93 -9.65
CA VAL A 32 -8.89 3.66 -9.01
C VAL A 32 -8.82 3.87 -7.49
N LYS A 33 -9.32 2.88 -6.77
CA LYS A 33 -9.32 2.94 -5.31
C LYS A 33 -9.12 1.52 -4.75
N ILE A 34 -8.50 1.48 -3.58
CA ILE A 34 -8.25 0.20 -2.93
C ILE A 34 -8.90 0.21 -1.54
N TYR A 35 -9.38 -0.96 -1.14
CA TYR A 35 -10.03 -1.09 0.15
C TYR A 35 -9.43 -2.27 0.93
N ILE A 36 -8.60 -1.93 1.91
CA ILE A 36 -7.98 -2.94 2.73
C ILE A 36 -8.71 -3.05 4.07
N THR A 37 -8.80 -4.27 4.57
CA THR A 37 -9.48 -4.51 5.83
C THR A 37 -8.50 -4.39 7.00
N LEU A 38 -8.60 -3.28 7.72
CA LEU A 38 -7.73 -3.04 8.85
C LEU A 38 -8.56 -2.45 10.00
N THR A 39 -8.85 -3.29 10.96
CA THR A 39 -9.63 -2.87 12.12
C THR A 39 -8.75 -2.10 13.10
N GLY A 40 -9.11 -0.84 13.32
CA GLY A 40 -8.37 0.00 14.23
C GLY A 40 -7.65 1.12 13.48
N VAL A 41 -7.43 0.88 12.19
CA VAL A 41 -6.76 1.86 11.35
C VAL A 41 -7.52 3.19 11.41
N HIS A 42 -8.78 3.09 11.82
CA HIS A 42 -9.62 4.27 11.93
C HIS A 42 -9.48 4.88 13.33
N GLN A 43 -8.58 4.29 14.11
CA GLN A 43 -8.34 4.76 15.46
C GLN A 43 -6.93 5.33 15.58
N VAL A 44 -6.11 5.02 14.59
CA VAL A 44 -4.74 5.51 14.57
C VAL A 44 -4.71 6.95 14.05
N PRO A 45 -3.65 7.68 14.45
CA PRO A 45 -3.50 9.08 14.03
C PRO A 45 -3.06 9.16 12.57
N THR A 46 -3.10 10.37 12.04
CA THR A 46 -2.71 10.60 10.67
C THR A 46 -1.19 10.60 10.54
N GLU A 47 -0.53 10.46 11.68
CA GLU A 47 0.93 10.43 11.71
C GLU A 47 1.44 9.00 11.51
N ASN A 48 0.54 8.06 11.79
CA ASN A 48 0.90 6.65 11.65
C ASN A 48 0.51 6.16 10.26
N VAL A 49 -0.42 6.88 9.65
CA VAL A 49 -0.88 6.54 8.32
C VAL A 49 -0.17 7.42 7.29
N GLN A 50 0.96 6.90 6.80
CA GLN A 50 1.75 7.62 5.81
C GLN A 50 1.67 6.92 4.46
N VAL A 51 1.04 7.59 3.52
CA VAL A 51 0.89 7.05 2.17
C VAL A 51 1.30 8.11 1.15
N HIS A 52 2.08 7.66 0.18
CA HIS A 52 2.55 8.56 -0.87
C HIS A 52 2.11 8.03 -2.24
N PHE A 53 1.63 8.94 -3.06
CA PHE A 53 1.18 8.57 -4.39
C PHE A 53 2.19 9.01 -5.45
N THR A 54 2.31 8.19 -6.48
CA THR A 54 3.23 8.48 -7.57
C THR A 54 2.52 8.39 -8.92
N GLU A 55 3.32 8.29 -9.97
CA GLU A 55 2.78 8.19 -11.32
C GLU A 55 2.34 6.76 -11.60
N ARG A 56 3.14 5.83 -11.12
CA ARG A 56 2.84 4.42 -11.33
C ARG A 56 3.20 3.60 -10.08
N SER A 57 2.54 3.95 -8.98
CA SER A 57 2.79 3.27 -7.72
C SER A 57 2.20 4.08 -6.56
N PHE A 58 2.16 3.45 -5.40
CA PHE A 58 1.62 4.11 -4.22
C PHE A 58 2.02 3.35 -2.95
N ASP A 59 2.58 4.08 -2.01
CA ASP A 59 3.01 3.49 -0.75
C ASP A 59 2.01 3.86 0.35
N LEU A 60 1.85 2.95 1.30
CA LEU A 60 0.93 3.18 2.40
C LEU A 60 1.48 2.51 3.66
N LEU A 61 1.80 3.35 4.64
CA LEU A 61 2.34 2.85 5.90
C LEU A 61 1.29 3.02 7.00
N VAL A 62 1.33 2.09 7.96
CA VAL A 62 0.39 2.13 9.06
C VAL A 62 1.08 1.60 10.32
N LYS A 63 1.47 2.52 11.18
CA LYS A 63 2.14 2.16 12.42
C LYS A 63 1.13 2.23 13.57
N ASN A 64 1.52 1.62 14.68
CA ASN A 64 0.67 1.61 15.86
C ASN A 64 -0.79 1.41 15.44
N LEU A 65 -1.18 0.15 15.37
CA LEU A 65 -2.54 -0.19 14.97
C LEU A 65 -3.21 -0.99 16.09
N ASN A 66 -3.51 -2.25 15.77
CA ASN A 66 -4.15 -3.13 16.74
C ASN A 66 -3.07 -3.98 17.43
N GLY A 67 -2.41 -3.35 18.39
CA GLY A 67 -1.36 -4.03 19.15
C GLY A 67 -0.19 -4.40 18.23
N LYS A 68 -0.17 -3.77 17.07
CA LYS A 68 0.89 -4.02 16.10
C LYS A 68 0.87 -2.93 15.03
N SER A 69 1.65 -3.16 13.98
CA SER A 69 1.72 -2.21 12.89
C SER A 69 1.56 -2.93 11.55
N TYR A 70 1.05 -2.20 10.57
CA TYR A 70 0.84 -2.75 9.24
C TYR A 70 1.44 -1.84 8.17
N SER A 71 1.96 -2.48 7.13
CA SER A 71 2.57 -1.76 6.04
C SER A 71 2.07 -2.30 4.70
N MET A 72 1.88 -1.39 3.75
CA MET A 72 1.40 -1.78 2.43
C MET A 72 1.97 -0.84 1.36
N ILE A 73 2.69 -1.43 0.42
CA ILE A 73 3.28 -0.66 -0.66
C ILE A 73 3.01 -1.37 -1.99
N VAL A 74 2.81 -0.57 -3.03
CA VAL A 74 2.55 -1.11 -4.35
C VAL A 74 3.47 -0.42 -5.37
N ASN A 75 4.30 -1.23 -6.01
CA ASN A 75 5.23 -0.73 -6.99
C ASN A 75 4.87 -1.31 -8.37
N ASN A 76 4.71 -0.42 -9.33
CA ASN A 76 4.37 -0.83 -10.68
C ASN A 76 2.86 -1.06 -10.78
N LEU A 77 2.17 -0.03 -11.25
CA LEU A 77 0.73 -0.10 -11.40
C LEU A 77 0.38 -0.31 -12.87
N LEU A 78 -0.52 -1.25 -13.11
CA LEU A 78 -0.96 -1.55 -14.47
C LEU A 78 -1.02 -0.25 -15.27
N LYS A 79 -1.64 0.76 -14.67
CA LYS A 79 -1.77 2.05 -15.32
C LYS A 79 -1.24 3.14 -14.39
N PRO A 80 -0.93 4.32 -15.00
CA PRO A 80 -0.41 5.45 -14.24
C PRO A 80 -1.52 6.12 -13.44
N ILE A 81 -1.11 6.94 -12.48
CA ILE A 81 -2.06 7.64 -11.64
C ILE A 81 -1.51 9.03 -11.32
N SER A 82 -2.41 10.00 -11.28
CA SER A 82 -2.03 11.37 -10.99
C SER A 82 -1.84 11.54 -9.48
N VAL A 83 -0.68 12.10 -9.13
CA VAL A 83 -0.37 12.32 -7.73
C VAL A 83 -1.23 13.48 -7.19
N GLU A 84 -0.92 14.67 -7.69
CA GLU A 84 -1.65 15.85 -7.28
C GLU A 84 -3.16 15.57 -7.27
N GLY A 85 -3.56 14.62 -8.10
CA GLY A 85 -4.96 14.25 -8.19
C GLY A 85 -5.29 13.12 -7.22
N SER A 86 -4.30 12.27 -6.98
CA SER A 86 -4.47 11.14 -6.08
C SER A 86 -4.84 11.64 -4.69
N SER A 87 -5.23 10.69 -3.84
CA SER A 87 -5.62 11.02 -2.48
C SER A 87 -5.73 9.74 -1.65
N LYS A 88 -5.65 9.91 -0.34
CA LYS A 88 -5.74 8.78 0.57
C LYS A 88 -6.92 8.99 1.52
N LYS A 89 -7.60 7.90 1.80
CA LYS A 89 -8.76 7.94 2.68
C LYS A 89 -8.74 6.71 3.60
N VAL A 90 -9.47 6.82 4.70
CA VAL A 90 -9.55 5.74 5.65
C VAL A 90 -11.01 5.54 6.07
N LYS A 91 -11.44 4.28 6.04
CA LYS A 91 -12.81 3.95 6.42
C LYS A 91 -12.80 3.24 7.77
N THR A 92 -13.98 2.81 8.19
CA THR A 92 -14.13 2.12 9.45
C THR A 92 -13.48 0.73 9.38
N ASP A 93 -12.37 0.59 10.09
CA ASP A 93 -11.65 -0.66 10.12
C ASP A 93 -11.20 -1.02 8.70
N THR A 94 -10.93 0.02 7.92
CA THR A 94 -10.50 -0.16 6.55
C THR A 94 -9.77 1.08 6.04
N VAL A 95 -8.70 0.85 5.29
CA VAL A 95 -7.92 1.95 4.75
C VAL A 95 -8.21 2.08 3.25
N LEU A 96 -8.49 3.31 2.84
CA LEU A 96 -8.80 3.58 1.45
C LEU A 96 -7.56 4.19 0.78
N ILE A 97 -7.44 3.91 -0.51
CA ILE A 97 -6.31 4.42 -1.28
C ILE A 97 -6.81 4.89 -2.65
N LEU A 98 -7.17 6.15 -2.72
CA LEU A 98 -7.67 6.73 -3.96
C LEU A 98 -6.49 7.03 -4.89
N CYS A 99 -6.52 6.40 -6.05
CA CYS A 99 -5.47 6.58 -7.03
C CYS A 99 -6.08 7.16 -8.30
N ARG A 100 -5.80 8.44 -8.53
CA ARG A 100 -6.32 9.12 -9.70
C ARG A 100 -5.88 8.40 -10.98
N LYS A 101 -6.74 8.46 -11.99
CA LYS A 101 -6.46 7.82 -13.25
C LYS A 101 -5.85 8.84 -14.22
N LYS A 102 -4.83 8.41 -14.93
CA LYS A 102 -4.16 9.28 -15.89
C LYS A 102 -5.02 9.38 -17.16
N VAL A 103 -5.81 8.34 -17.39
CA VAL A 103 -6.67 8.30 -18.56
C VAL A 103 -7.92 7.49 -18.23
N GLU A 104 -9.06 8.17 -18.31
CA GLU A 104 -10.34 7.53 -18.02
C GLU A 104 -10.57 6.37 -18.99
N ASN A 105 -11.76 5.80 -18.91
CA ASN A 105 -12.13 4.69 -19.77
C ASN A 105 -10.93 3.75 -19.91
N THR A 106 -10.49 3.23 -18.78
CA THR A 106 -9.35 2.32 -18.76
C THR A 106 -9.62 1.15 -17.81
N ARG A 107 -9.26 -0.04 -18.28
CA ARG A 107 -9.46 -1.24 -17.49
C ARG A 107 -8.14 -1.68 -16.85
N TRP A 108 -8.26 -2.18 -15.63
CA TRP A 108 -7.09 -2.63 -14.89
C TRP A 108 -7.20 -4.15 -14.72
N ASP A 109 -6.57 -4.86 -15.65
CA ASP A 109 -6.60 -6.32 -15.60
C ASP A 109 -5.98 -6.80 -14.29
N TYR A 110 -5.22 -5.92 -13.67
CA TYR A 110 -4.57 -6.23 -12.40
C TYR A 110 -4.21 -4.96 -11.64
N LEU A 111 -4.42 -5.01 -10.33
CA LEU A 111 -4.12 -3.88 -9.47
C LEU A 111 -2.76 -3.30 -9.86
N THR A 112 -1.80 -4.19 -10.02
CA THR A 112 -0.45 -3.78 -10.39
C THR A 112 -0.08 -4.35 -11.76
N GLN A 113 1.00 -3.81 -12.32
CA GLN A 113 1.48 -4.27 -13.61
C GLN A 113 2.21 -5.60 -13.46
N VAL A 114 2.58 -5.91 -12.23
CA VAL A 114 3.29 -7.14 -11.95
C VAL A 114 2.37 -8.34 -12.25
N GLU A 115 1.28 -8.39 -11.52
CA GLU A 115 0.31 -9.46 -11.70
C GLU A 115 0.18 -9.83 -13.18
N LYS A 116 0.01 -8.80 -14.00
CA LYS A 116 -0.12 -9.00 -15.44
C LYS A 116 1.00 -9.93 -15.92
N GLU A 117 2.19 -9.37 -16.00
CA GLU A 117 3.35 -10.14 -16.45
C GLU A 117 3.33 -11.53 -15.83
N CYS A 118 3.46 -11.58 -14.51
CA CYS A 118 3.46 -12.84 -13.80
C CYS A 118 2.36 -13.72 -14.38
N LYS A 119 1.12 -13.28 -14.20
CA LYS A 119 -0.02 -14.00 -14.70
C LYS A 119 0.26 -14.46 -16.14
N GLU A 120 0.44 -13.49 -17.01
CA GLU A 120 0.72 -13.78 -18.41
C GLU A 120 2.20 -14.10 -18.60
N LYS A 121 2.54 -15.37 -18.39
CA LYS A 121 3.91 -15.81 -18.54
C LYS A 121 4.50 -15.21 -19.81
N SER A 122 3.93 -15.60 -20.94
CA SER A 122 4.39 -15.12 -22.23
C SER A 122 3.93 -13.68 -22.45
N GLY A 123 2.61 -13.51 -22.51
CA GLY A 123 2.03 -12.20 -22.70
C GLY A 123 2.13 -11.76 -24.17
N PRO A 124 1.43 -10.63 -24.49
CA PRO A 124 1.43 -10.11 -25.84
C PRO A 124 2.76 -9.43 -26.17
N SER A 125 3.09 -9.41 -27.45
CA SER A 125 4.32 -8.81 -27.91
C SER A 125 4.27 -8.57 -29.42
N SER A 126 4.17 -7.30 -29.78
CA SER A 126 4.10 -6.92 -31.18
C SER A 126 5.49 -6.50 -31.68
N GLY A 127 5.79 -6.89 -32.90
CA GLY A 127 7.08 -6.56 -33.50
C GLY A 127 6.94 -5.40 -34.49
N GLY A 1 18.25 -3.20 57.05
CA GLY A 1 18.08 -2.48 55.81
C GLY A 1 19.39 -2.40 55.03
N SER A 2 19.34 -2.87 53.79
CA SER A 2 20.51 -2.87 52.93
C SER A 2 20.19 -3.52 51.59
N SER A 3 19.66 -2.71 50.68
CA SER A 3 19.31 -3.20 49.36
C SER A 3 18.68 -2.07 48.53
N GLY A 4 18.51 -2.34 47.25
CA GLY A 4 17.93 -1.36 46.35
C GLY A 4 17.38 -2.03 45.09
N SER A 5 16.54 -1.30 44.38
CA SER A 5 15.95 -1.80 43.16
C SER A 5 15.06 -0.72 42.52
N SER A 6 14.79 -0.93 41.23
CA SER A 6 13.96 0.02 40.49
C SER A 6 13.32 -0.68 39.29
N GLY A 7 12.38 0.02 38.68
CA GLY A 7 11.67 -0.51 37.53
C GLY A 7 10.99 0.60 36.74
N VAL A 8 11.07 0.48 35.42
CA VAL A 8 10.46 1.46 34.54
C VAL A 8 9.59 0.75 33.50
N VAL A 9 8.57 1.46 33.05
CA VAL A 9 7.66 0.91 32.06
C VAL A 9 8.26 1.07 30.66
N ALA A 10 7.86 0.19 29.76
CA ALA A 10 8.35 0.24 28.40
C ALA A 10 7.22 0.70 27.47
N PRO A 11 7.31 1.99 27.06
CA PRO A 11 6.32 2.57 26.19
C PRO A 11 6.50 2.08 24.76
N ILE A 12 5.66 2.59 23.87
CA ILE A 12 5.71 2.22 22.47
C ILE A 12 7.01 2.75 21.85
N THR A 13 7.92 1.83 21.59
CA THR A 13 9.21 2.19 21.00
C THR A 13 9.46 1.38 19.73
N THR A 14 9.43 2.10 18.61
CA THR A 14 9.66 1.46 17.32
C THR A 14 8.79 0.20 17.19
N GLY A 15 9.27 -0.73 16.38
CA GLY A 15 8.56 -1.97 16.15
C GLY A 15 8.32 -2.20 14.66
N TYR A 16 8.62 -3.42 14.22
CA TYR A 16 8.44 -3.78 12.83
C TYR A 16 7.00 -3.52 12.38
N THR A 17 6.77 -3.74 11.09
CA THR A 17 5.45 -3.53 10.51
C THR A 17 5.00 -4.78 9.76
N VAL A 18 3.69 -5.01 9.80
CA VAL A 18 3.12 -6.15 9.12
C VAL A 18 3.03 -5.88 7.62
N LYS A 19 3.05 -6.96 6.85
CA LYS A 19 2.98 -6.84 5.40
C LYS A 19 1.56 -7.20 4.93
N ILE A 20 0.86 -6.19 4.45
CA ILE A 20 -0.50 -6.38 3.97
C ILE A 20 -0.46 -7.23 2.69
N SER A 21 -0.60 -8.53 2.87
CA SER A 21 -0.58 -9.45 1.75
C SER A 21 -1.93 -9.41 1.04
N ASN A 22 -2.98 -9.75 1.78
CA ASN A 22 -4.32 -9.77 1.23
C ASN A 22 -4.92 -8.37 1.34
N TYR A 23 -5.27 -7.81 0.18
CA TYR A 23 -5.85 -6.48 0.13
C TYR A 23 -6.80 -6.35 -1.05
N GLY A 24 -7.99 -5.84 -0.75
CA GLY A 24 -9.01 -5.65 -1.78
C GLY A 24 -8.77 -4.35 -2.56
N TRP A 25 -8.86 -4.46 -3.87
CA TRP A 25 -8.67 -3.30 -4.73
C TRP A 25 -9.73 -3.36 -5.84
N ASP A 26 -10.11 -2.18 -6.29
CA ASP A 26 -11.11 -2.07 -7.35
C ASP A 26 -10.79 -0.86 -8.22
N GLN A 27 -11.09 -1.00 -9.51
CA GLN A 27 -10.84 0.06 -10.46
C GLN A 27 -12.13 0.47 -11.16
N SER A 28 -12.20 1.74 -11.53
CA SER A 28 -13.38 2.27 -12.20
C SER A 28 -12.95 3.24 -13.31
N ASP A 29 -13.74 3.24 -14.38
CA ASP A 29 -13.47 4.10 -15.51
C ASP A 29 -13.61 5.56 -15.08
N LYS A 30 -12.61 6.03 -14.37
CA LYS A 30 -12.61 7.41 -13.88
C LYS A 30 -11.54 7.57 -12.81
N PHE A 31 -11.58 6.69 -11.83
CA PHE A 31 -10.62 6.72 -10.73
C PHE A 31 -10.47 5.34 -10.09
N VAL A 32 -9.24 5.05 -9.68
CA VAL A 32 -8.96 3.77 -9.05
C VAL A 32 -8.95 3.95 -7.53
N LYS A 33 -9.41 2.92 -6.84
CA LYS A 33 -9.47 2.95 -5.39
C LYS A 33 -9.23 1.55 -4.84
N ILE A 34 -8.58 1.49 -3.69
CA ILE A 34 -8.27 0.22 -3.05
C ILE A 34 -8.93 0.18 -1.67
N TYR A 35 -9.21 -1.04 -1.22
CA TYR A 35 -9.85 -1.22 0.07
C TYR A 35 -9.18 -2.38 0.84
N ILE A 36 -8.47 -2.00 1.90
CA ILE A 36 -7.79 -2.99 2.72
C ILE A 36 -8.50 -3.11 4.06
N THR A 37 -8.42 -4.30 4.64
CA THR A 37 -9.05 -4.55 5.93
C THR A 37 -8.04 -4.34 7.07
N LEU A 38 -8.22 -3.24 7.77
CA LEU A 38 -7.34 -2.91 8.88
C LEU A 38 -8.17 -2.36 10.04
N THR A 39 -8.35 -3.20 11.05
CA THR A 39 -9.13 -2.82 12.22
C THR A 39 -8.28 -1.94 13.15
N GLY A 40 -8.75 -0.72 13.36
CA GLY A 40 -8.05 0.22 14.22
C GLY A 40 -7.48 1.39 13.42
N VAL A 41 -7.27 1.12 12.14
CA VAL A 41 -6.73 2.14 11.24
C VAL A 41 -7.62 3.38 11.29
N HIS A 42 -8.88 3.15 11.65
CA HIS A 42 -9.84 4.24 11.74
C HIS A 42 -9.76 4.89 13.12
N GLN A 43 -8.82 4.40 13.91
CA GLN A 43 -8.62 4.92 15.25
C GLN A 43 -7.27 5.62 15.36
N VAL A 44 -6.32 5.14 14.57
CA VAL A 44 -4.98 5.70 14.56
C VAL A 44 -5.02 7.07 13.87
N PRO A 45 -4.04 7.93 14.25
CA PRO A 45 -3.95 9.27 13.67
C PRO A 45 -3.38 9.21 12.25
N THR A 46 -3.38 10.37 11.61
CA THR A 46 -2.87 10.46 10.25
C THR A 46 -1.33 10.45 10.25
N GLU A 47 -0.78 10.48 11.46
CA GLU A 47 0.67 10.47 11.62
C GLU A 47 1.20 9.03 11.49
N ASN A 48 0.39 8.09 11.95
CA ASN A 48 0.76 6.69 11.90
C ASN A 48 0.49 6.14 10.49
N VAL A 49 -0.35 6.86 9.77
CA VAL A 49 -0.71 6.46 8.41
C VAL A 49 0.02 7.37 7.42
N GLN A 50 1.03 6.80 6.77
CA GLN A 50 1.80 7.54 5.79
C GLN A 50 1.72 6.86 4.41
N VAL A 51 1.10 7.57 3.48
CA VAL A 51 0.93 7.06 2.13
C VAL A 51 1.37 8.13 1.12
N HIS A 52 2.09 7.69 0.11
CA HIS A 52 2.57 8.59 -0.92
C HIS A 52 2.15 8.07 -2.29
N PHE A 53 1.63 8.98 -3.09
CA PHE A 53 1.18 8.62 -4.44
C PHE A 53 2.21 9.06 -5.48
N THR A 54 2.34 8.24 -6.52
CA THR A 54 3.28 8.51 -7.59
C THR A 54 2.56 8.48 -8.94
N GLU A 55 3.36 8.37 -9.99
CA GLU A 55 2.82 8.32 -11.35
C GLU A 55 2.30 6.91 -11.66
N ARG A 56 3.05 5.92 -11.21
CA ARG A 56 2.68 4.54 -11.43
C ARG A 56 3.02 3.69 -10.20
N SER A 57 2.53 4.15 -9.06
CA SER A 57 2.77 3.44 -7.81
C SER A 57 2.15 4.23 -6.65
N PHE A 58 2.18 3.60 -5.48
CA PHE A 58 1.64 4.23 -4.28
C PHE A 58 2.00 3.43 -3.03
N ASP A 59 2.57 4.13 -2.06
CA ASP A 59 2.96 3.49 -0.81
C ASP A 59 1.98 3.89 0.29
N LEU A 60 1.80 2.97 1.23
CA LEU A 60 0.88 3.20 2.34
C LEU A 60 1.43 2.51 3.58
N LEU A 61 1.74 3.31 4.59
CA LEU A 61 2.26 2.80 5.84
C LEU A 61 1.20 2.96 6.94
N VAL A 62 1.24 2.04 7.89
CA VAL A 62 0.30 2.07 8.99
C VAL A 62 0.98 1.53 10.25
N LYS A 63 1.35 2.47 11.12
CA LYS A 63 2.01 2.10 12.37
C LYS A 63 1.01 2.17 13.52
N ASN A 64 1.40 1.61 14.65
CA ASN A 64 0.55 1.60 15.82
C ASN A 64 -0.90 1.34 15.39
N LEU A 65 -1.25 0.06 15.36
CA LEU A 65 -2.59 -0.34 14.97
C LEU A 65 -3.19 -1.24 16.05
N ASN A 66 -3.69 -2.38 15.62
CA ASN A 66 -4.29 -3.34 16.53
C ASN A 66 -3.18 -4.09 17.27
N GLY A 67 -2.54 -3.37 18.18
CA GLY A 67 -1.46 -3.96 18.97
C GLY A 67 -0.29 -4.36 18.07
N LYS A 68 -0.24 -3.75 16.91
CA LYS A 68 0.81 -4.04 15.95
C LYS A 68 0.85 -2.93 14.89
N SER A 69 1.61 -3.19 13.84
CA SER A 69 1.75 -2.24 12.75
C SER A 69 1.60 -2.96 11.40
N TYR A 70 1.15 -2.20 10.41
CA TYR A 70 0.96 -2.75 9.09
C TYR A 70 1.55 -1.82 8.02
N SER A 71 2.00 -2.44 6.94
CA SER A 71 2.59 -1.68 5.84
C SER A 71 2.08 -2.21 4.50
N MET A 72 1.86 -1.30 3.58
CA MET A 72 1.38 -1.66 2.26
C MET A 72 1.92 -0.70 1.19
N ILE A 73 2.60 -1.28 0.22
CA ILE A 73 3.17 -0.49 -0.87
C ILE A 73 2.95 -1.22 -2.19
N VAL A 74 2.72 -0.44 -3.24
CA VAL A 74 2.50 -1.00 -4.56
C VAL A 74 3.44 -0.32 -5.56
N ASN A 75 4.22 -1.15 -6.23
CA ASN A 75 5.17 -0.64 -7.22
C ASN A 75 4.83 -1.23 -8.59
N ASN A 76 4.70 -0.34 -9.57
CA ASN A 76 4.38 -0.76 -10.92
C ASN A 76 2.86 -0.95 -11.05
N LEU A 77 2.20 0.12 -11.46
CA LEU A 77 0.76 0.09 -11.63
C LEU A 77 0.42 -0.07 -13.11
N LEU A 78 -0.51 -0.98 -13.37
CA LEU A 78 -0.92 -1.24 -14.75
C LEU A 78 -0.98 0.08 -15.52
N LYS A 79 -1.65 1.04 -14.91
CA LYS A 79 -1.79 2.35 -15.53
C LYS A 79 -1.29 3.43 -14.56
N PRO A 80 -0.94 4.61 -15.13
CA PRO A 80 -0.46 5.72 -14.33
C PRO A 80 -1.61 6.38 -13.56
N ILE A 81 -1.23 7.26 -12.64
CA ILE A 81 -2.21 7.97 -11.84
C ILE A 81 -1.63 9.31 -11.39
N SER A 82 -2.50 10.30 -11.28
CA SER A 82 -2.09 11.62 -10.87
C SER A 82 -1.70 11.61 -9.38
N VAL A 83 -0.55 12.19 -9.11
CA VAL A 83 -0.05 12.27 -7.75
C VAL A 83 -0.86 13.30 -6.97
N GLU A 84 -0.64 14.56 -7.32
CA GLU A 84 -1.34 15.65 -6.66
C GLU A 84 -2.85 15.50 -6.83
N GLY A 85 -3.22 14.62 -7.75
CA GLY A 85 -4.63 14.36 -8.02
C GLY A 85 -5.14 13.18 -7.19
N SER A 86 -4.20 12.41 -6.68
CA SER A 86 -4.54 11.25 -5.87
C SER A 86 -4.79 11.67 -4.42
N SER A 87 -5.40 10.76 -3.67
CA SER A 87 -5.72 11.03 -2.28
C SER A 87 -5.89 9.71 -1.52
N LYS A 88 -5.78 9.81 -0.20
CA LYS A 88 -5.93 8.63 0.64
C LYS A 88 -7.15 8.81 1.55
N LYS A 89 -7.83 7.71 1.78
CA LYS A 89 -9.02 7.74 2.64
C LYS A 89 -8.97 6.55 3.60
N VAL A 90 -9.75 6.66 4.67
CA VAL A 90 -9.81 5.61 5.66
C VAL A 90 -11.28 5.35 6.03
N LYS A 91 -11.60 4.06 6.12
CA LYS A 91 -12.96 3.66 6.45
C LYS A 91 -12.93 2.79 7.71
N THR A 92 -14.12 2.45 8.18
CA THR A 92 -14.24 1.62 9.37
C THR A 92 -13.44 0.33 9.20
N ASP A 93 -12.47 0.14 10.09
CA ASP A 93 -11.63 -1.04 10.05
C ASP A 93 -11.19 -1.31 8.61
N THR A 94 -10.99 -0.22 7.88
CA THR A 94 -10.58 -0.32 6.49
C THR A 94 -9.87 0.96 6.05
N VAL A 95 -8.88 0.77 5.18
CA VAL A 95 -8.11 1.90 4.68
C VAL A 95 -8.36 2.05 3.18
N LEU A 96 -8.76 3.25 2.79
CA LEU A 96 -9.03 3.53 1.38
C LEU A 96 -7.80 4.17 0.75
N ILE A 97 -7.61 3.89 -0.53
CA ILE A 97 -6.48 4.42 -1.26
C ILE A 97 -6.93 4.81 -2.68
N LEU A 98 -7.34 6.06 -2.81
CA LEU A 98 -7.79 6.57 -4.08
C LEU A 98 -6.59 6.86 -4.98
N CYS A 99 -6.67 6.39 -6.21
CA CYS A 99 -5.59 6.58 -7.16
C CYS A 99 -6.13 7.39 -8.34
N ARG A 100 -5.73 8.66 -8.38
CA ARG A 100 -6.15 9.55 -9.45
C ARG A 100 -5.77 8.98 -10.81
N LYS A 101 -6.76 8.44 -11.50
CA LYS A 101 -6.52 7.86 -12.81
C LYS A 101 -5.99 8.95 -13.76
N LYS A 102 -4.96 8.58 -14.49
CA LYS A 102 -4.34 9.50 -15.42
C LYS A 102 -5.28 9.72 -16.62
N VAL A 103 -5.96 8.64 -16.99
CA VAL A 103 -6.89 8.70 -18.11
C VAL A 103 -8.08 7.78 -17.83
N GLU A 104 -9.26 8.37 -17.81
CA GLU A 104 -10.48 7.63 -17.55
C GLU A 104 -10.76 6.66 -18.71
N ASN A 105 -11.78 5.83 -18.51
CA ASN A 105 -12.16 4.87 -19.53
C ASN A 105 -10.99 3.91 -19.78
N THR A 106 -10.45 3.38 -18.69
CA THR A 106 -9.33 2.45 -18.78
C THR A 106 -9.50 1.33 -17.76
N ARG A 107 -9.41 0.10 -18.25
CA ARG A 107 -9.54 -1.06 -17.40
C ARG A 107 -8.19 -1.42 -16.77
N TRP A 108 -8.25 -2.07 -15.62
CA TRP A 108 -7.05 -2.47 -14.92
C TRP A 108 -7.10 -3.99 -14.72
N ASP A 109 -6.54 -4.70 -15.70
CA ASP A 109 -6.52 -6.15 -15.64
C ASP A 109 -5.88 -6.60 -14.33
N TYR A 110 -5.10 -5.69 -13.75
CA TYR A 110 -4.42 -5.98 -12.50
C TYR A 110 -3.96 -4.70 -11.81
N LEU A 111 -3.81 -4.79 -10.50
CA LEU A 111 -3.38 -3.63 -9.72
C LEU A 111 -2.00 -3.18 -10.20
N THR A 112 -1.16 -4.16 -10.49
CA THR A 112 0.19 -3.88 -10.96
C THR A 112 0.49 -4.68 -12.24
N GLN A 113 1.62 -4.35 -12.84
CA GLN A 113 2.03 -5.03 -14.06
C GLN A 113 2.63 -6.40 -13.73
N VAL A 114 3.03 -6.55 -12.49
CA VAL A 114 3.62 -7.80 -12.02
C VAL A 114 2.56 -8.91 -12.10
N GLU A 115 1.50 -8.72 -11.33
CA GLU A 115 0.43 -9.69 -11.29
C GLU A 115 0.09 -10.17 -12.72
N LYS A 116 0.25 -9.25 -13.66
CA LYS A 116 -0.03 -9.56 -15.05
C LYS A 116 1.05 -10.50 -15.58
N GLU A 117 2.30 -10.11 -15.35
CA GLU A 117 3.43 -10.91 -15.81
C GLU A 117 3.54 -12.19 -14.98
N CYS A 118 2.89 -12.17 -13.82
CA CYS A 118 2.91 -13.32 -12.94
C CYS A 118 1.79 -14.27 -13.35
N LYS A 119 0.56 -13.80 -13.20
CA LYS A 119 -0.60 -14.60 -13.57
C LYS A 119 -0.37 -15.22 -14.95
N GLU A 120 -0.23 -14.35 -15.93
CA GLU A 120 -0.02 -14.79 -17.30
C GLU A 120 1.18 -14.05 -17.92
N LYS A 121 1.13 -13.92 -19.23
CA LYS A 121 2.19 -13.24 -19.95
C LYS A 121 3.53 -13.89 -19.60
N SER A 122 3.94 -14.82 -20.45
CA SER A 122 5.20 -15.51 -20.24
C SER A 122 6.00 -15.56 -21.54
N GLY A 123 5.38 -16.11 -22.57
CA GLY A 123 6.02 -16.21 -23.86
C GLY A 123 5.42 -17.36 -24.69
N PRO A 124 5.56 -17.23 -26.03
CA PRO A 124 5.03 -18.23 -26.94
C PRO A 124 5.92 -19.49 -26.93
N SER A 125 6.02 -20.10 -25.76
CA SER A 125 6.83 -21.30 -25.61
C SER A 125 6.14 -22.48 -26.29
N SER A 126 6.23 -22.48 -27.62
CA SER A 126 5.62 -23.55 -28.39
C SER A 126 6.58 -24.74 -28.49
N GLY A 127 6.21 -25.82 -27.81
CA GLY A 127 7.03 -27.02 -27.82
C GLY A 127 6.39 -28.12 -26.98
N GLY A 1 47.13 -7.66 34.52
CA GLY A 1 46.12 -6.97 33.73
C GLY A 1 44.76 -7.00 34.42
N SER A 2 43.86 -7.80 33.86
CA SER A 2 42.53 -7.93 34.41
C SER A 2 41.69 -6.71 34.03
N SER A 3 42.06 -5.57 34.62
CA SER A 3 41.36 -4.32 34.36
C SER A 3 39.92 -4.44 34.85
N GLY A 4 39.26 -3.29 34.91
CA GLY A 4 37.88 -3.23 35.36
C GLY A 4 37.05 -2.30 34.47
N SER A 5 35.92 -2.82 34.01
CA SER A 5 35.03 -2.05 33.16
C SER A 5 33.63 -2.65 33.18
N SER A 6 32.68 -1.89 32.66
CA SER A 6 31.30 -2.33 32.61
C SER A 6 30.69 -1.98 31.25
N GLY A 7 29.68 -2.76 30.88
CA GLY A 7 29.00 -2.55 29.62
C GLY A 7 28.05 -3.72 29.30
N VAL A 8 26.84 -3.36 28.91
CA VAL A 8 25.84 -4.37 28.58
C VAL A 8 25.21 -4.02 27.23
N VAL A 9 25.45 -4.90 26.26
CA VAL A 9 24.91 -4.70 24.92
C VAL A 9 23.48 -5.23 24.87
N ALA A 10 22.63 -4.49 24.17
CA ALA A 10 21.23 -4.87 24.03
C ALA A 10 20.83 -4.80 22.56
N PRO A 11 20.82 -5.99 21.90
CA PRO A 11 20.45 -6.07 20.50
C PRO A 11 18.95 -5.91 20.31
N ILE A 12 18.57 -5.58 19.08
CA ILE A 12 17.16 -5.40 18.76
C ILE A 12 16.42 -6.74 18.93
N THR A 13 15.24 -6.65 19.50
CA THR A 13 14.42 -7.83 19.72
C THR A 13 13.05 -7.66 19.08
N THR A 14 12.80 -8.46 18.05
CA THR A 14 11.53 -8.40 17.34
C THR A 14 11.18 -6.96 16.99
N GLY A 15 9.88 -6.71 16.86
CA GLY A 15 9.40 -5.38 16.52
C GLY A 15 9.50 -5.14 15.01
N TYR A 16 8.33 -5.02 14.40
CA TYR A 16 8.27 -4.79 12.96
C TYR A 16 6.82 -4.56 12.50
N THR A 17 6.69 -3.99 11.33
CA THR A 17 5.37 -3.71 10.77
C THR A 17 4.84 -4.96 10.04
N VAL A 18 3.53 -5.11 10.10
CA VAL A 18 2.87 -6.24 9.46
C VAL A 18 2.81 -6.00 7.95
N LYS A 19 2.73 -7.09 7.20
CA LYS A 19 2.66 -7.01 5.75
C LYS A 19 1.25 -7.34 5.30
N ILE A 20 0.60 -6.35 4.71
CA ILE A 20 -0.77 -6.52 4.22
C ILE A 20 -0.74 -7.37 2.94
N SER A 21 -0.94 -8.67 3.12
CA SER A 21 -0.94 -9.58 2.00
C SER A 21 -2.29 -9.52 1.27
N ASN A 22 -3.34 -9.83 2.02
CA ASN A 22 -4.68 -9.81 1.46
C ASN A 22 -5.26 -8.39 1.57
N TYR A 23 -5.61 -7.84 0.43
CA TYR A 23 -6.17 -6.51 0.38
C TYR A 23 -7.16 -6.36 -0.78
N GLY A 24 -8.34 -5.84 -0.45
CA GLY A 24 -9.37 -5.65 -1.46
C GLY A 24 -9.15 -4.36 -2.24
N TRP A 25 -9.16 -4.49 -3.56
CA TRP A 25 -8.96 -3.35 -4.43
C TRP A 25 -10.05 -3.37 -5.49
N ASP A 26 -10.16 -2.25 -6.20
CA ASP A 26 -11.17 -2.12 -7.24
C ASP A 26 -10.71 -1.07 -8.25
N GLN A 27 -11.50 -0.93 -9.31
CA GLN A 27 -11.19 0.05 -10.35
C GLN A 27 -12.47 0.45 -11.09
N SER A 28 -12.51 1.71 -11.49
CA SER A 28 -13.65 2.23 -12.22
C SER A 28 -13.20 3.17 -13.32
N ASP A 29 -13.96 3.18 -14.40
CA ASP A 29 -13.65 4.03 -15.54
C ASP A 29 -13.72 5.50 -15.12
N LYS A 30 -12.67 5.93 -14.42
CA LYS A 30 -12.61 7.30 -13.95
C LYS A 30 -11.50 7.42 -12.89
N PHE A 31 -11.57 6.53 -11.92
CA PHE A 31 -10.59 6.53 -10.84
C PHE A 31 -10.50 5.14 -10.20
N VAL A 32 -9.36 4.90 -9.56
CA VAL A 32 -9.12 3.62 -8.90
C VAL A 32 -9.07 3.85 -7.39
N LYS A 33 -9.51 2.83 -6.66
CA LYS A 33 -9.52 2.90 -5.21
C LYS A 33 -9.26 1.50 -4.64
N ILE A 34 -8.66 1.48 -3.45
CA ILE A 34 -8.35 0.23 -2.79
C ILE A 34 -8.99 0.23 -1.39
N TYR A 35 -9.35 -0.97 -0.95
CA TYR A 35 -9.97 -1.13 0.36
C TYR A 35 -9.31 -2.27 1.13
N ILE A 36 -8.58 -1.89 2.17
CA ILE A 36 -7.90 -2.87 3.01
C ILE A 36 -8.60 -2.94 4.37
N THR A 37 -8.53 -4.13 4.97
CA THR A 37 -9.14 -4.33 6.26
C THR A 37 -8.12 -4.11 7.39
N LEU A 38 -8.30 -3.02 8.10
CA LEU A 38 -7.40 -2.67 9.19
C LEU A 38 -8.22 -2.07 10.34
N THR A 39 -8.45 -2.89 11.36
CA THR A 39 -9.21 -2.45 12.52
C THR A 39 -8.34 -1.57 13.42
N GLY A 40 -8.76 -0.33 13.56
CA GLY A 40 -8.03 0.62 14.39
C GLY A 40 -7.45 1.76 13.54
N VAL A 41 -7.26 1.46 12.27
CA VAL A 41 -6.71 2.45 11.34
C VAL A 41 -7.59 3.70 11.37
N HIS A 42 -8.84 3.51 11.77
CA HIS A 42 -9.78 4.61 11.83
C HIS A 42 -9.66 5.30 13.20
N GLN A 43 -8.76 4.77 14.01
CA GLN A 43 -8.54 5.33 15.34
C GLN A 43 -7.18 6.02 15.41
N VAL A 44 -6.25 5.48 14.63
CA VAL A 44 -4.90 6.03 14.60
C VAL A 44 -4.92 7.37 13.86
N PRO A 45 -3.93 8.24 14.21
CA PRO A 45 -3.82 9.54 13.59
C PRO A 45 -3.28 9.43 12.17
N THR A 46 -3.27 10.57 11.48
CA THR A 46 -2.78 10.62 10.12
C THR A 46 -1.24 10.57 10.09
N GLU A 47 -0.66 10.67 11.28
CA GLU A 47 0.78 10.63 11.41
C GLU A 47 1.29 9.19 11.36
N ASN A 48 0.47 8.29 11.88
CA ASN A 48 0.83 6.88 11.90
C ASN A 48 0.54 6.27 10.52
N VAL A 49 -0.20 7.02 9.72
CA VAL A 49 -0.54 6.57 8.38
C VAL A 49 0.22 7.41 7.35
N GLN A 50 1.24 6.79 6.78
CA GLN A 50 2.05 7.48 5.78
C GLN A 50 1.92 6.77 4.43
N VAL A 51 1.36 7.49 3.47
CA VAL A 51 1.17 6.95 2.13
C VAL A 51 1.63 7.98 1.10
N HIS A 52 2.30 7.49 0.08
CA HIS A 52 2.79 8.35 -0.98
C HIS A 52 2.34 7.82 -2.34
N PHE A 53 1.82 8.73 -3.15
CA PHE A 53 1.35 8.36 -4.47
C PHE A 53 2.36 8.75 -5.55
N THR A 54 2.44 7.91 -6.57
CA THR A 54 3.37 8.16 -7.67
C THR A 54 2.63 8.10 -9.01
N GLU A 55 3.41 7.99 -10.07
CA GLU A 55 2.85 7.93 -11.41
C GLU A 55 2.34 6.52 -11.71
N ARG A 56 3.07 5.54 -11.20
CA ARG A 56 2.71 4.16 -11.41
C ARG A 56 3.04 3.32 -10.17
N SER A 57 2.46 3.74 -9.04
CA SER A 57 2.69 3.06 -7.79
C SER A 57 2.14 3.89 -6.62
N PHE A 58 2.17 3.30 -5.45
CA PHE A 58 1.69 3.98 -4.25
C PHE A 58 2.03 3.18 -2.99
N ASP A 59 2.66 3.87 -2.05
CA ASP A 59 3.06 3.25 -0.80
C ASP A 59 2.10 3.69 0.31
N LEU A 60 1.88 2.80 1.26
CA LEU A 60 0.99 3.08 2.37
C LEU A 60 1.52 2.39 3.63
N LEU A 61 1.88 3.19 4.61
CA LEU A 61 2.39 2.67 5.86
C LEU A 61 1.37 2.91 6.97
N VAL A 62 1.38 2.00 7.94
CA VAL A 62 0.46 2.09 9.05
C VAL A 62 1.16 1.64 10.34
N LYS A 63 1.38 2.58 11.23
CA LYS A 63 2.03 2.30 12.50
C LYS A 63 1.01 2.38 13.62
N ASN A 64 1.39 1.81 14.77
CA ASN A 64 0.53 1.82 15.93
C ASN A 64 -0.93 1.57 15.48
N LEU A 65 -1.29 0.30 15.48
CA LEU A 65 -2.64 -0.09 15.08
C LEU A 65 -3.25 -0.99 16.17
N ASN A 66 -3.77 -2.13 15.72
CA ASN A 66 -4.38 -3.08 16.63
C ASN A 66 -3.29 -3.81 17.41
N GLY A 67 -2.67 -3.07 18.32
CA GLY A 67 -1.61 -3.64 19.13
C GLY A 67 -0.42 -4.06 18.27
N LYS A 68 -0.36 -3.50 17.08
CA LYS A 68 0.71 -3.81 16.15
C LYS A 68 0.74 -2.75 15.04
N SER A 69 1.55 -3.03 14.03
CA SER A 69 1.67 -2.12 12.90
C SER A 69 1.51 -2.88 11.59
N TYR A 70 1.05 -2.15 10.58
CA TYR A 70 0.84 -2.74 9.27
C TYR A 70 1.46 -1.88 8.17
N SER A 71 1.92 -2.55 7.13
CA SER A 71 2.54 -1.86 6.01
C SER A 71 1.95 -2.37 4.68
N MET A 72 1.81 -1.45 3.75
CA MET A 72 1.26 -1.78 2.45
C MET A 72 1.83 -0.86 1.36
N ILE A 73 2.51 -1.48 0.40
CA ILE A 73 3.10 -0.72 -0.69
C ILE A 73 2.83 -1.46 -2.01
N VAL A 74 2.58 -0.66 -3.04
CA VAL A 74 2.31 -1.22 -4.36
C VAL A 74 3.22 -0.56 -5.39
N ASN A 75 4.03 -1.38 -6.03
CA ASN A 75 4.97 -0.89 -7.04
C ASN A 75 4.61 -1.51 -8.39
N ASN A 76 4.55 -0.65 -9.39
CA ASN A 76 4.23 -1.10 -10.75
C ASN A 76 2.71 -1.28 -10.86
N LEU A 77 2.06 -0.21 -11.28
CA LEU A 77 0.61 -0.24 -11.44
C LEU A 77 0.27 -0.45 -12.92
N LEU A 78 -0.65 -1.38 -13.16
CA LEU A 78 -1.07 -1.68 -14.51
C LEU A 78 -1.13 -0.39 -15.32
N LYS A 79 -1.76 0.62 -14.73
CA LYS A 79 -1.88 1.91 -15.38
C LYS A 79 -1.35 3.01 -14.46
N PRO A 80 -1.04 4.18 -15.07
CA PRO A 80 -0.53 5.31 -14.31
C PRO A 80 -1.64 5.98 -13.51
N ILE A 81 -1.23 6.93 -12.68
CA ILE A 81 -2.19 7.65 -11.85
C ILE A 81 -1.60 9.02 -11.49
N SER A 82 -2.49 9.98 -11.28
CA SER A 82 -2.07 11.32 -10.92
C SER A 82 -1.73 11.38 -9.42
N VAL A 83 -0.53 11.88 -9.15
CA VAL A 83 -0.08 12.01 -7.77
C VAL A 83 -0.88 13.09 -7.07
N GLU A 84 -0.64 14.33 -7.48
CA GLU A 84 -1.34 15.46 -6.89
C GLU A 84 -2.85 15.30 -7.07
N GLY A 85 -3.23 14.40 -7.96
CA GLY A 85 -4.62 14.14 -8.22
C GLY A 85 -5.15 12.98 -7.37
N SER A 86 -4.21 12.23 -6.81
CA SER A 86 -4.57 11.10 -5.97
C SER A 86 -4.85 11.58 -4.55
N SER A 87 -5.43 10.68 -3.77
CA SER A 87 -5.75 10.99 -2.38
C SER A 87 -5.93 9.71 -1.58
N LYS A 88 -5.78 9.84 -0.27
CA LYS A 88 -5.92 8.69 0.62
C LYS A 88 -7.10 8.93 1.56
N LYS A 89 -7.80 7.84 1.86
CA LYS A 89 -8.94 7.91 2.74
C LYS A 89 -8.91 6.72 3.72
N VAL A 90 -9.68 6.86 4.78
CA VAL A 90 -9.76 5.80 5.79
C VAL A 90 -11.21 5.56 6.16
N LYS A 91 -11.57 4.29 6.27
CA LYS A 91 -12.93 3.92 6.63
C LYS A 91 -12.90 3.06 7.90
N THR A 92 -14.09 2.79 8.41
CA THR A 92 -14.22 2.00 9.62
C THR A 92 -13.42 0.69 9.49
N ASP A 93 -12.44 0.55 10.37
CA ASP A 93 -11.60 -0.63 10.36
C ASP A 93 -11.19 -0.96 8.92
N THR A 94 -10.94 0.10 8.16
CA THR A 94 -10.54 -0.05 6.77
C THR A 94 -9.81 1.20 6.29
N VAL A 95 -8.82 0.97 5.43
CA VAL A 95 -8.05 2.07 4.88
C VAL A 95 -8.31 2.18 3.38
N LEU A 96 -8.71 3.38 2.97
CA LEU A 96 -9.00 3.62 1.56
C LEU A 96 -7.77 4.25 0.90
N ILE A 97 -7.59 3.91 -0.37
CA ILE A 97 -6.47 4.43 -1.13
C ILE A 97 -6.93 4.79 -2.54
N LEU A 98 -7.35 6.03 -2.70
CA LEU A 98 -7.82 6.51 -3.99
C LEU A 98 -6.62 6.76 -4.90
N CYS A 99 -6.73 6.27 -6.12
CA CYS A 99 -5.66 6.42 -7.10
C CYS A 99 -6.21 7.21 -8.29
N ARG A 100 -5.72 8.43 -8.43
CA ARG A 100 -6.14 9.29 -9.51
C ARG A 100 -5.75 8.69 -10.87
N LYS A 101 -6.73 8.09 -11.53
CA LYS A 101 -6.49 7.47 -12.82
C LYS A 101 -5.86 8.50 -13.76
N LYS A 102 -4.82 8.06 -14.46
CA LYS A 102 -4.13 8.93 -15.39
C LYS A 102 -4.96 9.08 -16.67
N VAL A 103 -5.68 8.01 -16.99
CA VAL A 103 -6.53 8.01 -18.18
C VAL A 103 -7.84 7.30 -17.86
N GLU A 104 -8.93 7.96 -18.22
CA GLU A 104 -10.25 7.41 -17.98
C GLU A 104 -10.55 6.30 -19.00
N ASN A 105 -11.65 5.60 -18.75
CA ASN A 105 -12.06 4.52 -19.63
C ASN A 105 -10.91 3.52 -19.78
N THR A 106 -10.33 3.16 -18.64
CA THR A 106 -9.22 2.22 -18.63
C THR A 106 -9.48 1.10 -17.62
N ARG A 107 -9.46 -0.13 -18.12
CA ARG A 107 -9.69 -1.28 -17.28
C ARG A 107 -8.37 -1.75 -16.65
N TRP A 108 -8.48 -2.34 -15.47
CA TRP A 108 -7.31 -2.83 -14.76
C TRP A 108 -7.48 -4.34 -14.58
N ASP A 109 -6.81 -5.08 -15.44
CA ASP A 109 -6.86 -6.54 -15.38
C ASP A 109 -6.16 -7.03 -14.11
N TYR A 110 -5.32 -6.15 -13.57
CA TYR A 110 -4.58 -6.48 -12.37
C TYR A 110 -4.29 -5.22 -11.55
N LEU A 111 -4.21 -5.42 -10.24
CA LEU A 111 -3.94 -4.31 -9.33
C LEU A 111 -2.61 -3.67 -9.71
N THR A 112 -1.67 -4.51 -10.10
CA THR A 112 -0.34 -4.04 -10.49
C THR A 112 0.02 -4.56 -11.88
N GLN A 113 0.95 -3.86 -12.51
CA GLN A 113 1.40 -4.24 -13.84
C GLN A 113 2.13 -5.58 -13.80
N VAL A 114 2.90 -5.76 -12.73
CA VAL A 114 3.66 -6.99 -12.56
C VAL A 114 2.79 -8.18 -12.93
N GLU A 115 1.69 -8.32 -12.20
CA GLU A 115 0.76 -9.41 -12.43
C GLU A 115 0.63 -9.67 -13.94
N LYS A 116 0.53 -8.59 -14.70
CA LYS A 116 0.40 -8.69 -16.13
C LYS A 116 1.65 -9.35 -16.71
N GLU A 117 2.79 -8.73 -16.44
CA GLU A 117 4.05 -9.26 -16.93
C GLU A 117 4.35 -10.62 -16.30
N CYS A 118 3.57 -10.94 -15.27
CA CYS A 118 3.73 -12.20 -14.57
C CYS A 118 2.86 -13.25 -15.28
N LYS A 119 1.57 -12.95 -15.34
CA LYS A 119 0.63 -13.86 -15.98
C LYS A 119 0.98 -14.00 -17.46
N GLU A 120 1.24 -12.86 -18.08
CA GLU A 120 1.59 -12.84 -19.49
C GLU A 120 3.11 -12.89 -19.66
N LYS A 121 3.63 -14.10 -19.69
CA LYS A 121 5.07 -14.30 -19.84
C LYS A 121 5.49 -13.83 -21.24
N SER A 122 6.77 -14.05 -21.52
CA SER A 122 7.32 -13.66 -22.82
C SER A 122 6.99 -12.19 -23.10
N GLY A 123 7.76 -11.32 -22.46
CA GLY A 123 7.57 -9.89 -22.63
C GLY A 123 7.84 -9.14 -21.33
N PRO A 124 9.08 -8.59 -21.22
CA PRO A 124 9.48 -7.85 -20.04
C PRO A 124 8.83 -6.46 -20.02
N SER A 125 7.56 -6.45 -19.65
CA SER A 125 6.82 -5.20 -19.58
C SER A 125 6.70 -4.59 -20.97
N SER A 126 5.79 -5.15 -21.76
CA SER A 126 5.57 -4.65 -23.11
C SER A 126 4.22 -3.95 -23.20
N GLY A 127 4.22 -2.83 -23.91
CA GLY A 127 3.00 -2.06 -24.09
C GLY A 127 2.71 -1.21 -22.84
N GLY A 1 25.67 -33.98 16.99
CA GLY A 1 27.09 -33.98 17.29
C GLY A 1 27.56 -32.57 17.65
N SER A 2 28.39 -32.51 18.68
CA SER A 2 28.93 -31.23 19.13
C SER A 2 29.75 -30.58 18.02
N SER A 3 29.76 -29.25 18.03
CA SER A 3 30.49 -28.50 17.03
C SER A 3 30.96 -27.17 17.63
N GLY A 4 32.19 -26.80 17.27
CA GLY A 4 32.76 -25.57 17.76
C GLY A 4 32.12 -24.36 17.08
N SER A 5 32.98 -23.48 16.56
CA SER A 5 32.51 -22.28 15.89
C SER A 5 31.83 -21.34 16.90
N SER A 6 32.30 -20.11 16.90
CA SER A 6 31.76 -19.10 17.80
C SER A 6 31.76 -17.73 17.13
N GLY A 7 31.02 -16.81 17.73
CA GLY A 7 30.92 -15.46 17.20
C GLY A 7 30.32 -14.50 18.23
N VAL A 8 29.68 -13.46 17.73
CA VAL A 8 29.06 -12.48 18.59
C VAL A 8 27.61 -12.24 18.14
N VAL A 9 26.75 -12.00 19.12
CA VAL A 9 25.36 -11.75 18.84
C VAL A 9 24.88 -10.56 19.66
N ALA A 10 23.86 -9.89 19.13
CA ALA A 10 23.30 -8.72 19.80
C ALA A 10 21.80 -8.93 20.02
N PRO A 11 21.33 -8.50 21.21
CA PRO A 11 19.92 -8.64 21.56
C PRO A 11 19.07 -7.62 20.81
N ILE A 12 18.30 -8.13 19.85
CA ILE A 12 17.43 -7.29 19.05
C ILE A 12 16.36 -6.66 19.95
N THR A 13 15.79 -5.56 19.46
CA THR A 13 14.77 -4.87 20.22
C THR A 13 13.48 -4.75 19.37
N THR A 14 12.37 -5.09 20.01
CA THR A 14 11.09 -5.03 19.34
C THR A 14 11.04 -3.85 18.37
N GLY A 15 10.31 -4.05 17.28
CA GLY A 15 10.20 -3.02 16.26
C GLY A 15 10.03 -3.62 14.87
N TYR A 16 8.84 -3.45 14.31
CA TYR A 16 8.54 -3.97 12.99
C TYR A 16 7.13 -3.58 12.55
N THR A 17 6.79 -4.00 11.34
CA THR A 17 5.48 -3.70 10.79
C THR A 17 4.92 -4.91 10.06
N VAL A 18 3.60 -5.05 10.13
CA VAL A 18 2.93 -6.17 9.48
C VAL A 18 2.84 -5.90 7.98
N LYS A 19 2.93 -6.98 7.22
CA LYS A 19 2.86 -6.87 5.77
C LYS A 19 1.44 -7.20 5.30
N ILE A 20 0.84 -6.26 4.58
CA ILE A 20 -0.50 -6.45 4.08
C ILE A 20 -0.45 -7.29 2.80
N SER A 21 -0.66 -8.59 2.98
CA SER A 21 -0.64 -9.52 1.86
C SER A 21 -1.98 -9.46 1.11
N ASN A 22 -3.03 -9.80 1.83
CA ASN A 22 -4.37 -9.80 1.25
C ASN A 22 -4.96 -8.39 1.37
N TYR A 23 -5.28 -7.83 0.20
CA TYR A 23 -5.85 -6.49 0.15
C TYR A 23 -6.81 -6.35 -1.03
N GLY A 24 -7.98 -5.81 -0.74
CA GLY A 24 -8.98 -5.62 -1.77
C GLY A 24 -8.72 -4.33 -2.56
N TRP A 25 -8.84 -4.44 -3.87
CA TRP A 25 -8.62 -3.30 -4.74
C TRP A 25 -9.70 -3.33 -5.83
N ASP A 26 -10.20 -2.14 -6.15
CA ASP A 26 -11.22 -2.01 -7.17
C ASP A 26 -10.89 -0.82 -8.07
N GLN A 27 -11.18 -0.99 -9.35
CA GLN A 27 -10.91 0.07 -10.32
C GLN A 27 -12.21 0.46 -11.04
N SER A 28 -12.27 1.72 -11.44
CA SER A 28 -13.43 2.23 -12.13
C SER A 28 -13.01 3.16 -13.27
N ASP A 29 -13.80 3.14 -14.33
CA ASP A 29 -13.51 3.97 -15.50
C ASP A 29 -13.64 5.44 -15.11
N LYS A 30 -12.64 5.91 -14.36
CA LYS A 30 -12.63 7.30 -13.93
C LYS A 30 -11.57 7.47 -12.83
N PHE A 31 -11.61 6.57 -11.86
CA PHE A 31 -10.67 6.60 -10.76
C PHE A 31 -10.52 5.23 -10.12
N VAL A 32 -9.32 4.97 -9.61
CA VAL A 32 -9.03 3.70 -8.98
C VAL A 32 -8.97 3.89 -7.46
N LYS A 33 -9.41 2.87 -6.74
CA LYS A 33 -9.42 2.92 -5.29
C LYS A 33 -9.16 1.51 -4.74
N ILE A 34 -8.49 1.47 -3.60
CA ILE A 34 -8.18 0.21 -2.96
C ILE A 34 -8.81 0.17 -1.57
N TYR A 35 -9.21 -1.03 -1.16
CA TYR A 35 -9.83 -1.22 0.14
C TYR A 35 -9.17 -2.35 0.91
N ILE A 36 -8.42 -1.98 1.94
CA ILE A 36 -7.72 -2.95 2.75
C ILE A 36 -8.44 -3.07 4.11
N THR A 37 -8.41 -4.28 4.64
CA THR A 37 -9.05 -4.55 5.91
C THR A 37 -8.06 -4.32 7.07
N LEU A 38 -8.27 -3.23 7.78
CA LEU A 38 -7.41 -2.89 8.90
C LEU A 38 -8.26 -2.35 10.04
N THR A 39 -8.50 -3.21 11.02
CA THR A 39 -9.29 -2.83 12.17
C THR A 39 -8.46 -1.99 13.15
N GLY A 40 -8.88 -0.75 13.30
CA GLY A 40 -8.19 0.18 14.19
C GLY A 40 -7.59 1.35 13.42
N VAL A 41 -7.37 1.12 12.13
CA VAL A 41 -6.81 2.14 11.27
C VAL A 41 -7.70 3.39 11.32
N HIS A 42 -8.93 3.17 11.74
CA HIS A 42 -9.90 4.26 11.83
C HIS A 42 -9.82 4.89 13.22
N GLN A 43 -8.88 4.40 14.01
CA GLN A 43 -8.68 4.90 15.36
C GLN A 43 -7.31 5.58 15.48
N VAL A 44 -6.45 5.28 14.52
CA VAL A 44 -5.12 5.86 14.51
C VAL A 44 -5.15 7.21 13.79
N PRO A 45 -4.20 8.09 14.18
CA PRO A 45 -4.11 9.41 13.59
C PRO A 45 -3.50 9.33 12.18
N THR A 46 -3.58 10.45 11.48
CA THR A 46 -3.04 10.53 10.13
C THR A 46 -1.52 10.58 10.16
N GLU A 47 -0.98 10.61 11.37
CA GLU A 47 0.46 10.66 11.56
C GLU A 47 1.04 9.24 11.53
N ASN A 48 0.19 8.28 11.86
CA ASN A 48 0.60 6.89 11.87
C ASN A 48 0.39 6.27 10.49
N VAL A 49 -0.42 6.97 9.69
CA VAL A 49 -0.72 6.51 8.35
C VAL A 49 0.05 7.36 7.33
N GLN A 50 1.15 6.80 6.85
CA GLN A 50 1.98 7.49 5.88
C GLN A 50 1.88 6.83 4.51
N VAL A 51 1.23 7.53 3.59
CA VAL A 51 1.06 7.01 2.24
C VAL A 51 1.51 8.07 1.24
N HIS A 52 2.19 7.60 0.19
CA HIS A 52 2.68 8.49 -0.84
C HIS A 52 2.28 7.95 -2.21
N PHE A 53 1.70 8.83 -3.02
CA PHE A 53 1.27 8.46 -4.36
C PHE A 53 2.31 8.87 -5.40
N THR A 54 2.42 8.04 -6.44
CA THR A 54 3.37 8.31 -7.50
C THR A 54 2.67 8.25 -8.86
N GLU A 55 3.47 8.28 -9.91
CA GLU A 55 2.95 8.23 -11.26
C GLU A 55 2.51 6.81 -11.61
N ARG A 56 3.25 5.84 -11.08
CA ARG A 56 2.95 4.44 -11.33
C ARG A 56 3.26 3.60 -10.08
N SER A 57 2.60 3.95 -9.00
CA SER A 57 2.79 3.25 -7.74
C SER A 57 2.20 4.06 -6.59
N PHE A 58 2.27 3.46 -5.40
CA PHE A 58 1.74 4.12 -4.20
C PHE A 58 2.10 3.33 -2.95
N ASP A 59 2.69 4.04 -1.99
CA ASP A 59 3.09 3.42 -0.74
C ASP A 59 2.11 3.82 0.35
N LEU A 60 1.87 2.89 1.27
CA LEU A 60 0.96 3.14 2.37
C LEU A 60 1.50 2.47 3.64
N LEU A 61 1.83 3.30 4.61
CA LEU A 61 2.36 2.81 5.87
C LEU A 61 1.32 3.00 6.97
N VAL A 62 1.33 2.09 7.92
CA VAL A 62 0.39 2.15 9.04
C VAL A 62 1.09 1.70 10.31
N LYS A 63 1.27 2.66 11.22
CA LYS A 63 1.93 2.38 12.49
C LYS A 63 0.90 2.44 13.62
N ASN A 64 1.28 1.92 14.76
CA ASN A 64 0.40 1.91 15.92
C ASN A 64 -1.02 1.58 15.47
N LEU A 65 -1.33 0.30 15.49
CA LEU A 65 -2.65 -0.16 15.08
C LEU A 65 -3.23 -1.06 16.18
N ASN A 66 -3.72 -2.22 15.74
CA ASN A 66 -4.29 -3.18 16.67
C ASN A 66 -3.17 -3.90 17.42
N GLY A 67 -2.53 -3.16 18.32
CA GLY A 67 -1.44 -3.71 19.10
C GLY A 67 -0.24 -4.07 18.22
N LYS A 68 -0.22 -3.45 17.04
CA LYS A 68 0.86 -3.70 16.09
C LYS A 68 0.80 -2.64 14.98
N SER A 69 1.64 -2.85 13.98
CA SER A 69 1.70 -1.94 12.85
C SER A 69 1.57 -2.71 11.54
N TYR A 70 1.14 -2.01 10.51
CA TYR A 70 0.97 -2.62 9.20
C TYR A 70 1.59 -1.74 8.11
N SER A 71 2.05 -2.39 7.04
CA SER A 71 2.66 -1.69 5.93
C SER A 71 2.12 -2.25 4.61
N MET A 72 1.96 -1.34 3.65
CA MET A 72 1.46 -1.72 2.34
C MET A 72 1.96 -0.76 1.26
N ILE A 73 2.69 -1.32 0.31
CA ILE A 73 3.23 -0.53 -0.78
C ILE A 73 3.01 -1.27 -2.10
N VAL A 74 2.77 -0.49 -3.15
CA VAL A 74 2.53 -1.05 -4.46
C VAL A 74 3.46 -0.38 -5.47
N ASN A 75 4.28 -1.18 -6.12
CA ASN A 75 5.22 -0.67 -7.11
C ASN A 75 4.86 -1.25 -8.48
N ASN A 76 4.71 -0.35 -9.43
CA ASN A 76 4.38 -0.75 -10.80
C ASN A 76 2.87 -0.94 -10.90
N LEU A 77 2.20 0.08 -11.42
CA LEU A 77 0.76 0.04 -11.58
C LEU A 77 0.42 -0.11 -13.07
N LEU A 78 -0.50 -1.02 -13.34
CA LEU A 78 -0.92 -1.27 -14.71
C LEU A 78 -0.98 0.05 -15.48
N LYS A 79 -1.64 1.03 -14.84
CA LYS A 79 -1.77 2.34 -15.45
C LYS A 79 -1.32 3.41 -14.45
N PRO A 80 -0.91 4.58 -15.01
CA PRO A 80 -0.45 5.68 -14.18
C PRO A 80 -1.62 6.37 -13.48
N ILE A 81 -1.26 7.25 -12.55
CA ILE A 81 -2.27 7.99 -11.80
C ILE A 81 -1.72 9.35 -11.41
N SER A 82 -2.61 10.33 -11.35
CA SER A 82 -2.22 11.69 -10.98
C SER A 82 -1.85 11.74 -9.51
N VAL A 83 -0.57 11.98 -9.25
CA VAL A 83 -0.08 12.06 -7.90
C VAL A 83 -0.85 13.14 -7.13
N GLU A 84 -0.60 14.38 -7.51
CA GLU A 84 -1.27 15.50 -6.89
C GLU A 84 -2.79 15.35 -6.99
N GLY A 85 -3.20 14.46 -7.88
CA GLY A 85 -4.61 14.20 -8.08
C GLY A 85 -5.11 13.06 -7.20
N SER A 86 -4.15 12.27 -6.73
CA SER A 86 -4.45 11.14 -5.87
C SER A 86 -4.82 11.63 -4.47
N SER A 87 -5.34 10.72 -3.67
CA SER A 87 -5.74 11.03 -2.31
C SER A 87 -5.87 9.75 -1.48
N LYS A 88 -5.77 9.92 -0.17
CA LYS A 88 -5.88 8.79 0.73
C LYS A 88 -7.13 8.94 1.58
N LYS A 89 -7.79 7.81 1.82
CA LYS A 89 -9.00 7.80 2.62
C LYS A 89 -8.97 6.60 3.58
N VAL A 90 -9.75 6.71 4.63
CA VAL A 90 -9.83 5.66 5.63
C VAL A 90 -11.29 5.40 5.99
N LYS A 91 -11.63 4.13 6.12
CA LYS A 91 -12.98 3.74 6.47
C LYS A 91 -12.97 3.03 7.83
N THR A 92 -14.10 2.39 8.13
CA THR A 92 -14.23 1.68 9.39
C THR A 92 -13.43 0.36 9.34
N ASP A 93 -12.34 0.34 10.07
CA ASP A 93 -11.49 -0.83 10.13
C ASP A 93 -10.99 -1.16 8.72
N THR A 94 -10.87 -0.12 7.90
CA THR A 94 -10.42 -0.28 6.53
C THR A 94 -9.75 0.99 6.04
N VAL A 95 -8.66 0.79 5.30
CA VAL A 95 -7.91 1.92 4.77
C VAL A 95 -8.19 2.05 3.27
N LEU A 96 -8.54 3.26 2.87
CA LEU A 96 -8.84 3.53 1.47
C LEU A 96 -7.63 4.17 0.81
N ILE A 97 -7.44 3.85 -0.47
CA ILE A 97 -6.33 4.39 -1.22
C ILE A 97 -6.79 4.75 -2.63
N LEU A 98 -7.23 5.99 -2.78
CA LEU A 98 -7.71 6.47 -4.06
C LEU A 98 -6.51 6.76 -4.97
N CYS A 99 -6.63 6.30 -6.20
CA CYS A 99 -5.57 6.49 -7.18
C CYS A 99 -6.14 7.30 -8.35
N ARG A 100 -5.75 8.57 -8.39
CA ARG A 100 -6.22 9.46 -9.44
C ARG A 100 -5.83 8.89 -10.82
N LYS A 101 -6.82 8.34 -11.49
CA LYS A 101 -6.60 7.76 -12.81
C LYS A 101 -6.05 8.84 -13.74
N LYS A 102 -4.98 8.48 -14.46
CA LYS A 102 -4.35 9.41 -15.39
C LYS A 102 -5.29 9.65 -16.57
N VAL A 103 -5.95 8.58 -16.99
CA VAL A 103 -6.86 8.65 -18.11
C VAL A 103 -8.10 7.80 -17.81
N GLU A 104 -9.24 8.46 -17.76
CA GLU A 104 -10.50 7.77 -17.49
C GLU A 104 -10.81 6.78 -18.61
N ASN A 105 -11.80 5.93 -18.35
CA ASN A 105 -12.21 4.94 -19.32
C ASN A 105 -11.04 3.98 -19.59
N THR A 106 -10.52 3.43 -18.50
CA THR A 106 -9.40 2.51 -18.60
C THR A 106 -9.59 1.34 -17.63
N ARG A 107 -9.48 0.13 -18.18
CA ARG A 107 -9.64 -1.07 -17.38
C ARG A 107 -8.29 -1.53 -16.84
N TRP A 108 -8.32 -2.13 -15.66
CA TRP A 108 -7.11 -2.62 -15.03
C TRP A 108 -7.23 -4.13 -14.89
N ASP A 109 -6.53 -4.83 -15.78
CA ASP A 109 -6.55 -6.29 -15.77
C ASP A 109 -5.90 -6.79 -14.48
N TYR A 110 -5.14 -5.90 -13.84
CA TYR A 110 -4.47 -6.24 -12.61
C TYR A 110 -4.04 -4.98 -11.85
N LEU A 111 -4.03 -5.09 -10.53
CA LEU A 111 -3.65 -3.97 -9.69
C LEU A 111 -2.28 -3.44 -10.15
N THR A 112 -1.36 -4.36 -10.36
CA THR A 112 -0.02 -4.00 -10.81
C THR A 112 0.34 -4.76 -12.08
N GLN A 113 1.49 -4.40 -12.64
CA GLN A 113 1.96 -5.04 -13.85
C GLN A 113 2.47 -6.46 -13.54
N VAL A 114 2.96 -6.62 -12.32
CA VAL A 114 3.47 -7.91 -11.89
C VAL A 114 2.44 -9.00 -12.21
N GLU A 115 1.31 -8.91 -11.52
CA GLU A 115 0.24 -9.88 -11.71
C GLU A 115 0.09 -10.21 -13.19
N LYS A 116 0.01 -9.15 -14.00
CA LYS A 116 -0.14 -9.32 -15.43
C LYS A 116 0.92 -10.28 -15.95
N GLU A 117 2.16 -9.79 -15.99
CA GLU A 117 3.27 -10.60 -16.45
C GLU A 117 3.13 -12.03 -15.96
N CYS A 118 3.25 -12.19 -14.65
CA CYS A 118 3.14 -13.51 -14.04
C CYS A 118 1.94 -14.22 -14.65
N LYS A 119 0.76 -13.62 -14.45
CA LYS A 119 -0.47 -14.18 -14.98
C LYS A 119 -0.21 -14.72 -16.39
N GLU A 120 0.22 -13.82 -17.27
CA GLU A 120 0.50 -14.18 -18.64
C GLU A 120 1.99 -14.48 -18.82
N LYS A 121 2.33 -15.74 -18.67
CA LYS A 121 3.72 -16.17 -18.81
C LYS A 121 4.20 -15.83 -20.23
N SER A 122 3.63 -16.52 -21.20
CA SER A 122 3.99 -16.30 -22.59
C SER A 122 3.44 -14.96 -23.07
N GLY A 123 4.27 -14.24 -23.82
CA GLY A 123 3.88 -12.94 -24.34
C GLY A 123 4.38 -12.76 -25.78
N PRO A 124 4.74 -11.49 -26.10
CA PRO A 124 5.23 -11.17 -27.42
C PRO A 124 6.67 -11.66 -27.61
N SER A 125 6.81 -12.74 -28.38
CA SER A 125 8.12 -13.31 -28.64
C SER A 125 8.73 -13.82 -27.33
N SER A 126 8.74 -15.13 -27.20
CA SER A 126 9.30 -15.76 -26.01
C SER A 126 10.74 -16.22 -26.28
N GLY A 127 11.67 -15.35 -25.94
CA GLY A 127 13.08 -15.65 -26.14
C GLY A 127 13.87 -15.47 -24.84
N GLY A 1 23.45 -27.16 25.81
CA GLY A 1 23.39 -28.46 26.45
C GLY A 1 24.44 -28.57 27.56
N SER A 2 25.39 -29.46 27.33
CA SER A 2 26.45 -29.68 28.29
C SER A 2 27.81 -29.74 27.58
N SER A 3 28.65 -28.77 27.90
CA SER A 3 29.97 -28.70 27.29
C SER A 3 30.79 -27.58 27.94
N GLY A 4 30.24 -26.37 27.87
CA GLY A 4 30.90 -25.22 28.46
C GLY A 4 29.98 -24.01 28.49
N SER A 5 30.50 -22.88 28.02
CA SER A 5 29.72 -21.65 27.99
C SER A 5 29.87 -20.99 26.63
N SER A 6 28.81 -21.10 25.83
CA SER A 6 28.80 -20.51 24.50
C SER A 6 27.37 -20.25 24.05
N GLY A 7 27.13 -19.01 23.65
CA GLY A 7 25.80 -18.62 23.20
C GLY A 7 25.54 -17.14 23.50
N VAL A 8 24.60 -16.58 22.75
CA VAL A 8 24.24 -15.17 22.92
C VAL A 8 22.73 -15.05 23.07
N VAL A 9 22.31 -14.06 23.84
CA VAL A 9 20.90 -13.83 24.08
C VAL A 9 20.36 -12.89 23.00
N ALA A 10 19.07 -13.00 22.75
CA ALA A 10 18.41 -12.17 21.75
C ALA A 10 17.40 -11.25 22.44
N PRO A 11 17.84 -9.97 22.62
CA PRO A 11 16.98 -8.98 23.27
C PRO A 11 15.87 -8.51 22.32
N ILE A 12 14.71 -9.11 22.47
CA ILE A 12 13.56 -8.76 21.64
C ILE A 12 13.17 -7.30 21.91
N THR A 13 13.19 -6.51 20.84
CA THR A 13 12.83 -5.11 20.95
C THR A 13 11.68 -4.78 20.00
N THR A 14 10.56 -4.38 20.59
CA THR A 14 9.39 -4.04 19.81
C THR A 14 9.15 -5.07 18.70
N GLY A 15 8.52 -4.61 17.63
CA GLY A 15 8.23 -5.48 16.51
C GLY A 15 8.09 -4.68 15.22
N TYR A 16 8.54 -5.29 14.13
CA TYR A 16 8.47 -4.64 12.83
C TYR A 16 7.02 -4.41 12.40
N THR A 17 6.86 -3.94 11.18
CA THR A 17 5.53 -3.67 10.64
C THR A 17 4.99 -4.90 9.91
N VAL A 18 3.68 -5.06 9.96
CA VAL A 18 3.04 -6.18 9.30
C VAL A 18 2.96 -5.91 7.80
N LYS A 19 2.88 -6.99 7.04
CA LYS A 19 2.80 -6.87 5.59
C LYS A 19 1.38 -7.22 5.14
N ILE A 20 0.70 -6.22 4.59
CA ILE A 20 -0.65 -6.40 4.12
C ILE A 20 -0.63 -7.24 2.83
N SER A 21 -0.73 -8.54 3.01
CA SER A 21 -0.72 -9.45 1.88
C SER A 21 -2.08 -9.41 1.17
N ASN A 22 -3.11 -9.78 1.91
CA ASN A 22 -4.46 -9.80 1.37
C ASN A 22 -5.05 -8.39 1.46
N TYR A 23 -5.41 -7.85 0.31
CA TYR A 23 -5.99 -6.51 0.25
C TYR A 23 -6.95 -6.40 -0.93
N GLY A 24 -8.13 -5.86 -0.63
CA GLY A 24 -9.15 -5.68 -1.65
C GLY A 24 -8.90 -4.40 -2.45
N TRP A 25 -9.05 -4.52 -3.76
CA TRP A 25 -8.86 -3.39 -4.65
C TRP A 25 -9.88 -3.48 -5.78
N ASP A 26 -10.34 -2.32 -6.21
CA ASP A 26 -11.33 -2.26 -7.28
C ASP A 26 -10.89 -1.22 -8.31
N GLN A 27 -11.79 -0.93 -9.23
CA GLN A 27 -11.51 0.04 -10.27
C GLN A 27 -12.81 0.54 -10.91
N SER A 28 -12.80 1.80 -11.32
CA SER A 28 -13.97 2.39 -11.94
C SER A 28 -13.54 3.31 -13.08
N ASP A 29 -14.37 3.37 -14.11
CA ASP A 29 -14.10 4.20 -15.26
C ASP A 29 -14.07 5.68 -14.82
N LYS A 30 -12.96 6.06 -14.20
CA LYS A 30 -12.79 7.42 -13.73
C LYS A 30 -11.55 7.50 -12.84
N PHE A 31 -11.51 6.60 -11.86
CA PHE A 31 -10.38 6.56 -10.95
C PHE A 31 -10.24 5.17 -10.32
N VAL A 32 -9.09 4.95 -9.68
CA VAL A 32 -8.82 3.68 -9.04
C VAL A 32 -8.85 3.86 -7.53
N LYS A 33 -9.35 2.84 -6.85
CA LYS A 33 -9.44 2.88 -5.39
C LYS A 33 -9.22 1.47 -4.84
N ILE A 34 -8.62 1.42 -3.66
CA ILE A 34 -8.34 0.15 -3.01
C ILE A 34 -8.95 0.15 -1.61
N TYR A 35 -9.31 -1.04 -1.15
CA TYR A 35 -9.90 -1.18 0.17
C TYR A 35 -9.21 -2.30 0.96
N ILE A 36 -8.56 -1.90 2.05
CA ILE A 36 -7.87 -2.85 2.90
C ILE A 36 -8.57 -2.93 4.25
N THR A 37 -8.56 -4.13 4.81
CA THR A 37 -9.19 -4.36 6.10
C THR A 37 -8.18 -4.19 7.23
N LEU A 38 -8.27 -3.07 7.93
CA LEU A 38 -7.38 -2.78 9.02
C LEU A 38 -8.17 -2.20 10.19
N THR A 39 -8.47 -3.06 11.15
CA THR A 39 -9.22 -2.64 12.32
C THR A 39 -8.35 -1.80 13.25
N GLY A 40 -8.75 -0.55 13.43
CA GLY A 40 -8.02 0.36 14.28
C GLY A 40 -7.43 1.51 13.48
N VAL A 41 -7.24 1.27 12.19
CA VAL A 41 -6.69 2.28 11.30
C VAL A 41 -7.59 3.52 11.33
N HIS A 42 -8.82 3.31 11.75
CA HIS A 42 -9.78 4.39 11.84
C HIS A 42 -9.67 5.08 13.20
N GLN A 43 -8.93 4.43 14.08
CA GLN A 43 -8.73 4.97 15.42
C GLN A 43 -7.38 5.68 15.52
N VAL A 44 -6.44 5.18 14.73
CA VAL A 44 -5.09 5.76 14.71
C VAL A 44 -5.13 7.12 14.01
N PRO A 45 -4.16 7.99 14.38
CA PRO A 45 -4.08 9.32 13.80
C PRO A 45 -3.54 9.25 12.37
N THR A 46 -3.63 10.38 11.69
CA THR A 46 -3.15 10.47 10.32
C THR A 46 -1.63 10.55 10.29
N GLU A 47 -1.04 10.58 11.48
CA GLU A 47 0.40 10.66 11.60
C GLU A 47 1.00 9.24 11.60
N ASN A 48 0.19 8.29 12.01
CA ASN A 48 0.62 6.91 12.07
C ASN A 48 0.45 6.27 10.68
N VAL A 49 -0.39 6.91 9.87
CA VAL A 49 -0.66 6.42 8.54
C VAL A 49 0.02 7.34 7.52
N GLN A 50 1.03 6.79 6.85
CA GLN A 50 1.77 7.54 5.86
C GLN A 50 1.68 6.85 4.50
N VAL A 51 1.04 7.53 3.56
CA VAL A 51 0.88 7.00 2.22
C VAL A 51 1.30 8.06 1.20
N HIS A 52 2.09 7.62 0.23
CA HIS A 52 2.57 8.52 -0.81
C HIS A 52 2.15 7.99 -2.17
N PHE A 53 1.71 8.91 -3.02
CA PHE A 53 1.29 8.55 -4.36
C PHE A 53 2.31 8.99 -5.41
N THR A 54 2.39 8.22 -6.48
CA THR A 54 3.32 8.52 -7.56
C THR A 54 2.61 8.44 -8.91
N GLU A 55 3.42 8.37 -9.95
CA GLU A 55 2.88 8.29 -11.31
C GLU A 55 2.41 6.87 -11.61
N ARG A 56 3.18 5.91 -11.11
CA ARG A 56 2.84 4.51 -11.33
C ARG A 56 3.20 3.68 -10.08
N SER A 57 2.50 3.98 -9.00
CA SER A 57 2.73 3.27 -7.75
C SER A 57 2.16 4.09 -6.58
N PHE A 58 2.02 3.41 -5.45
CA PHE A 58 1.49 4.06 -4.25
C PHE A 58 1.88 3.28 -3.00
N ASP A 59 2.46 4.00 -2.04
CA ASP A 59 2.87 3.40 -0.79
C ASP A 59 1.92 3.82 0.31
N LEU A 60 1.66 2.88 1.22
CA LEU A 60 0.77 3.14 2.34
C LEU A 60 1.32 2.48 3.59
N LEU A 61 1.66 3.31 4.57
CA LEU A 61 2.20 2.83 5.82
C LEU A 61 1.16 2.99 6.93
N VAL A 62 1.23 2.11 7.91
CA VAL A 62 0.30 2.14 9.02
C VAL A 62 1.02 1.68 10.30
N LYS A 63 1.27 2.64 11.17
CA LYS A 63 1.95 2.35 12.42
C LYS A 63 0.93 2.38 13.57
N ASN A 64 1.33 1.79 14.69
CA ASN A 64 0.46 1.75 15.85
C ASN A 64 -0.97 1.46 15.41
N LEU A 65 -1.31 0.18 15.39
CA LEU A 65 -2.64 -0.25 14.99
C LEU A 65 -3.21 -1.18 16.06
N ASN A 66 -3.75 -2.30 15.59
CA ASN A 66 -4.33 -3.28 16.50
C ASN A 66 -3.22 -3.99 17.27
N GLY A 67 -2.62 -3.24 18.18
CA GLY A 67 -1.54 -3.78 19.00
C GLY A 67 -0.35 -4.19 18.12
N LYS A 68 -0.30 -3.61 16.94
CA LYS A 68 0.78 -3.89 16.00
C LYS A 68 0.79 -2.83 14.90
N SER A 69 1.68 -3.03 13.94
CA SER A 69 1.80 -2.10 12.83
C SER A 69 1.62 -2.84 11.50
N TYR A 70 1.14 -2.11 10.51
CA TYR A 70 0.93 -2.69 9.19
C TYR A 70 1.53 -1.81 8.10
N SER A 71 1.98 -2.46 7.03
CA SER A 71 2.58 -1.74 5.92
C SER A 71 2.03 -2.28 4.59
N MET A 72 1.83 -1.37 3.66
CA MET A 72 1.31 -1.74 2.35
C MET A 72 1.81 -0.78 1.27
N ILE A 73 2.50 -1.35 0.29
CA ILE A 73 3.03 -0.56 -0.80
C ILE A 73 2.81 -1.30 -2.12
N VAL A 74 2.54 -0.53 -3.17
CA VAL A 74 2.31 -1.11 -4.48
C VAL A 74 3.22 -0.41 -5.50
N ASN A 75 4.04 -1.21 -6.15
CA ASN A 75 4.95 -0.69 -7.16
C ASN A 75 4.68 -1.36 -8.50
N ASN A 76 4.58 -0.54 -9.53
CA ASN A 76 4.32 -1.04 -10.87
C ASN A 76 2.81 -1.19 -11.07
N LEU A 77 2.18 -0.06 -11.38
CA LEU A 77 0.74 -0.05 -11.60
C LEU A 77 0.46 -0.18 -13.09
N LEU A 78 -0.46 -1.08 -13.42
CA LEU A 78 -0.83 -1.30 -14.80
C LEU A 78 -0.84 0.04 -15.55
N LYS A 79 -1.55 0.99 -14.96
CA LYS A 79 -1.66 2.32 -15.55
C LYS A 79 -1.17 3.35 -14.55
N PRO A 80 -0.84 4.56 -15.10
CA PRO A 80 -0.36 5.65 -14.26
C PRO A 80 -1.49 6.27 -13.45
N ILE A 81 -1.11 7.10 -12.50
CA ILE A 81 -2.08 7.77 -11.65
C ILE A 81 -1.55 9.15 -11.26
N SER A 82 -2.46 10.12 -11.24
CA SER A 82 -2.10 11.48 -10.89
C SER A 82 -1.78 11.57 -9.40
N VAL A 83 -0.61 12.13 -9.11
CA VAL A 83 -0.18 12.28 -7.73
C VAL A 83 -0.96 13.42 -7.07
N GLU A 84 -0.68 14.63 -7.54
CA GLU A 84 -1.35 15.81 -7.00
C GLU A 84 -2.86 15.58 -6.96
N GLY A 85 -3.32 14.66 -7.79
CA GLY A 85 -4.73 14.34 -7.84
C GLY A 85 -5.07 13.17 -6.91
N SER A 86 -4.10 12.30 -6.74
CA SER A 86 -4.28 11.14 -5.87
C SER A 86 -4.62 11.60 -4.45
N SER A 87 -5.19 10.67 -3.69
CA SER A 87 -5.57 10.96 -2.32
C SER A 87 -5.72 9.66 -1.52
N LYS A 88 -5.61 9.78 -0.21
CA LYS A 88 -5.73 8.63 0.67
C LYS A 88 -6.92 8.84 1.60
N LYS A 89 -7.73 7.79 1.71
CA LYS A 89 -8.91 7.85 2.57
C LYS A 89 -8.84 6.72 3.60
N VAL A 90 -9.53 6.93 4.70
CA VAL A 90 -9.55 5.94 5.77
C VAL A 90 -11.00 5.72 6.24
N LYS A 91 -11.41 4.47 6.21
CA LYS A 91 -12.76 4.11 6.62
C LYS A 91 -12.70 3.38 7.97
N THR A 92 -13.85 2.81 8.35
CA THR A 92 -13.93 2.08 9.60
C THR A 92 -13.19 0.74 9.49
N ASP A 93 -12.15 0.63 10.29
CA ASP A 93 -11.34 -0.58 10.29
C ASP A 93 -10.88 -0.89 8.87
N THR A 94 -10.90 0.13 8.03
CA THR A 94 -10.50 -0.02 6.65
C THR A 94 -9.81 1.26 6.16
N VAL A 95 -8.84 1.08 5.28
CA VAL A 95 -8.10 2.20 4.73
C VAL A 95 -8.33 2.26 3.22
N LEU A 96 -8.74 3.44 2.76
CA LEU A 96 -9.00 3.65 1.35
C LEU A 96 -7.77 4.27 0.69
N ILE A 97 -7.54 3.89 -0.56
CA ILE A 97 -6.41 4.40 -1.30
C ILE A 97 -6.89 4.94 -2.65
N LEU A 98 -7.27 6.22 -2.64
CA LEU A 98 -7.75 6.86 -3.85
C LEU A 98 -6.57 7.18 -4.76
N CYS A 99 -6.58 6.55 -5.93
CA CYS A 99 -5.51 6.75 -6.90
C CYS A 99 -6.13 7.32 -8.17
N ARG A 100 -5.76 8.56 -8.46
CA ARG A 100 -6.27 9.23 -9.65
C ARG A 100 -5.85 8.46 -10.91
N LYS A 101 -6.69 8.57 -11.93
CA LYS A 101 -6.43 7.90 -13.19
C LYS A 101 -5.92 8.91 -14.21
N LYS A 102 -4.82 8.57 -14.86
CA LYS A 102 -4.22 9.44 -15.85
C LYS A 102 -5.12 9.48 -17.08
N VAL A 103 -5.95 8.45 -17.21
CA VAL A 103 -6.87 8.37 -18.34
C VAL A 103 -8.09 7.56 -17.93
N GLU A 104 -9.24 8.21 -17.96
CA GLU A 104 -10.49 7.56 -17.59
C GLU A 104 -10.93 6.60 -18.70
N ASN A 105 -11.88 5.75 -18.35
CA ASN A 105 -12.40 4.77 -19.30
C ASN A 105 -11.32 3.71 -19.57
N THR A 106 -10.75 3.22 -18.49
CA THR A 106 -9.71 2.20 -18.60
C THR A 106 -9.89 1.14 -17.51
N ARG A 107 -9.56 -0.10 -17.87
CA ARG A 107 -9.68 -1.20 -16.95
C ARG A 107 -8.30 -1.76 -16.60
N TRP A 108 -8.10 -2.02 -15.33
CA TRP A 108 -6.82 -2.56 -14.86
C TRP A 108 -6.98 -4.07 -14.71
N ASP A 109 -6.42 -4.79 -15.67
CA ASP A 109 -6.48 -6.24 -15.66
C ASP A 109 -5.75 -6.77 -14.43
N TYR A 110 -4.87 -5.93 -13.89
CA TYR A 110 -4.10 -6.30 -12.72
C TYR A 110 -3.60 -5.06 -11.97
N LEU A 111 -3.88 -5.03 -10.68
CA LEU A 111 -3.47 -3.92 -9.84
C LEU A 111 -2.08 -3.45 -10.28
N THR A 112 -1.21 -4.41 -10.55
CA THR A 112 0.14 -4.10 -10.98
C THR A 112 0.51 -4.94 -12.20
N GLN A 113 1.55 -4.49 -12.90
CA GLN A 113 2.02 -5.19 -14.08
C GLN A 113 2.57 -6.57 -13.70
N VAL A 114 3.25 -6.60 -12.56
CA VAL A 114 3.84 -7.84 -12.08
C VAL A 114 2.85 -8.99 -12.30
N GLU A 115 1.69 -8.86 -11.68
CA GLU A 115 0.66 -9.87 -11.80
C GLU A 115 0.47 -10.26 -13.26
N LYS A 116 0.36 -9.24 -14.11
CA LYS A 116 0.18 -9.48 -15.53
C LYS A 116 1.32 -10.35 -16.05
N GLU A 117 2.49 -9.76 -16.13
CA GLU A 117 3.66 -10.48 -16.62
C GLU A 117 3.64 -11.92 -16.12
N CYS A 118 3.66 -12.06 -14.80
CA CYS A 118 3.65 -13.38 -14.19
C CYS A 118 2.46 -14.15 -14.75
N LYS A 119 1.27 -13.62 -14.49
CA LYS A 119 0.05 -14.25 -14.96
C LYS A 119 0.27 -14.78 -16.37
N GLU A 120 0.72 -13.90 -17.25
CA GLU A 120 0.97 -14.27 -18.62
C GLU A 120 2.46 -14.57 -18.83
N LYS A 121 2.91 -14.34 -20.05
CA LYS A 121 4.31 -14.57 -20.39
C LYS A 121 4.61 -16.07 -20.29
N SER A 122 5.61 -16.49 -21.05
CA SER A 122 6.01 -17.89 -21.06
C SER A 122 6.60 -18.27 -19.69
N GLY A 123 5.72 -18.70 -18.80
CA GLY A 123 6.14 -19.10 -17.47
C GLY A 123 5.01 -19.83 -16.74
N PRO A 124 4.77 -19.40 -15.47
CA PRO A 124 3.73 -20.01 -14.65
C PRO A 124 2.35 -19.55 -15.11
N SER A 125 1.62 -20.48 -15.71
CA SER A 125 0.28 -20.19 -16.20
C SER A 125 -0.76 -20.76 -15.22
N SER A 126 -1.07 -19.96 -14.22
CA SER A 126 -2.04 -20.36 -13.22
C SER A 126 -3.38 -19.67 -13.48
N GLY A 127 -4.43 -20.48 -13.53
CA GLY A 127 -5.77 -19.96 -13.78
C GLY A 127 -6.15 -20.12 -15.25
N GLY A 1 24.48 16.27 17.93
CA GLY A 1 25.87 16.48 17.57
C GLY A 1 26.14 16.05 16.12
N SER A 2 27.36 16.31 15.68
CA SER A 2 27.75 15.96 14.33
C SER A 2 28.19 14.50 14.27
N SER A 3 29.21 14.20 15.07
CA SER A 3 29.74 12.84 15.12
C SER A 3 30.05 12.46 16.57
N GLY A 4 29.49 11.34 16.98
CA GLY A 4 29.70 10.86 18.34
C GLY A 4 28.43 10.23 18.91
N SER A 5 28.62 9.30 19.82
CA SER A 5 27.50 8.62 20.45
C SER A 5 28.00 7.61 21.48
N SER A 6 27.15 7.33 22.46
CA SER A 6 27.50 6.38 23.50
C SER A 6 26.40 5.32 23.64
N GLY A 7 25.21 5.80 23.96
CA GLY A 7 24.07 4.92 24.14
C GLY A 7 22.94 5.61 24.90
N VAL A 8 21.73 5.40 24.42
CA VAL A 8 20.56 6.00 25.06
C VAL A 8 19.50 4.92 25.28
N VAL A 9 18.72 5.10 26.34
CA VAL A 9 17.68 4.16 26.68
C VAL A 9 16.32 4.74 26.26
N ALA A 10 15.62 3.99 25.44
CA ALA A 10 14.31 4.41 24.96
C ALA A 10 13.30 3.26 25.15
N PRO A 11 12.01 3.66 25.26
CA PRO A 11 10.95 2.69 25.44
C PRO A 11 10.65 1.94 24.13
N ILE A 12 9.69 1.03 24.21
CA ILE A 12 9.31 0.25 23.04
C ILE A 12 8.69 1.18 22.00
N THR A 13 9.49 1.48 20.98
CA THR A 13 9.03 2.36 19.91
C THR A 13 9.16 1.65 18.55
N THR A 14 8.01 1.37 17.97
CA THR A 14 7.98 0.71 16.67
C THR A 14 8.95 -0.47 16.65
N GLY A 15 9.44 -0.78 15.46
CA GLY A 15 10.38 -1.88 15.30
C GLY A 15 10.09 -2.66 14.01
N TYR A 16 8.93 -3.31 14.00
CA TYR A 16 8.52 -4.09 12.85
C TYR A 16 7.08 -3.76 12.44
N THR A 17 6.82 -3.93 11.15
CA THR A 17 5.50 -3.64 10.62
C THR A 17 4.96 -4.87 9.87
N VAL A 18 3.64 -5.01 9.94
CA VAL A 18 2.98 -6.13 9.29
C VAL A 18 2.90 -5.86 7.78
N LYS A 19 2.91 -6.96 7.02
CA LYS A 19 2.84 -6.85 5.57
C LYS A 19 1.42 -7.17 5.11
N ILE A 20 0.77 -6.16 4.55
CA ILE A 20 -0.59 -6.31 4.06
C ILE A 20 -0.56 -7.13 2.77
N SER A 21 -0.55 -8.44 2.93
CA SER A 21 -0.52 -9.34 1.79
C SER A 21 -1.92 -9.40 1.15
N ASN A 22 -2.92 -9.51 1.99
CA ASN A 22 -4.30 -9.57 1.52
C ASN A 22 -4.91 -8.18 1.57
N TYR A 23 -5.33 -7.70 0.42
CA TYR A 23 -5.94 -6.39 0.31
C TYR A 23 -6.95 -6.33 -0.83
N GLY A 24 -8.08 -5.70 -0.55
CA GLY A 24 -9.14 -5.57 -1.54
C GLY A 24 -9.00 -4.27 -2.33
N TRP A 25 -8.97 -4.41 -3.64
CA TRP A 25 -8.84 -3.26 -4.52
C TRP A 25 -9.95 -3.34 -5.57
N ASP A 26 -10.37 -2.17 -6.03
CA ASP A 26 -11.41 -2.09 -7.04
C ASP A 26 -11.41 -0.71 -7.68
N GLN A 27 -11.41 -0.69 -9.00
CA GLN A 27 -11.41 0.55 -9.74
C GLN A 27 -12.27 0.43 -11.00
N SER A 28 -12.60 1.58 -11.57
CA SER A 28 -13.42 1.61 -12.77
C SER A 28 -12.91 2.70 -13.72
N ASP A 29 -13.47 2.70 -14.92
CA ASP A 29 -13.08 3.68 -15.93
C ASP A 29 -13.40 5.08 -15.42
N LYS A 30 -12.48 5.61 -14.62
CA LYS A 30 -12.65 6.94 -14.06
C LYS A 30 -11.53 7.22 -13.05
N PHE A 31 -11.47 6.36 -12.04
CA PHE A 31 -10.46 6.50 -11.01
C PHE A 31 -10.12 5.14 -10.39
N VAL A 32 -9.06 5.13 -9.59
CA VAL A 32 -8.63 3.91 -8.94
C VAL A 32 -8.72 4.09 -7.42
N LYS A 33 -9.25 3.06 -6.77
CA LYS A 33 -9.39 3.09 -5.33
C LYS A 33 -9.20 1.67 -4.77
N ILE A 34 -8.53 1.62 -3.63
CA ILE A 34 -8.26 0.34 -2.98
C ILE A 34 -8.91 0.33 -1.60
N TYR A 35 -9.34 -0.85 -1.18
CA TYR A 35 -9.97 -1.01 0.12
C TYR A 35 -9.33 -2.15 0.91
N ILE A 36 -8.56 -1.78 1.91
CA ILE A 36 -7.89 -2.77 2.74
C ILE A 36 -8.63 -2.87 4.08
N THR A 37 -8.60 -4.08 4.64
CA THR A 37 -9.26 -4.33 5.91
C THR A 37 -8.26 -4.19 7.06
N LEU A 38 -8.37 -3.07 7.75
CA LEU A 38 -7.49 -2.79 8.87
C LEU A 38 -8.31 -2.27 10.05
N THR A 39 -8.54 -3.17 11.00
CA THR A 39 -9.31 -2.81 12.19
C THR A 39 -8.46 -2.00 13.17
N GLY A 40 -8.84 -0.74 13.33
CA GLY A 40 -8.11 0.14 14.23
C GLY A 40 -7.52 1.33 13.47
N VAL A 41 -7.35 1.13 12.17
CA VAL A 41 -6.80 2.19 11.33
C VAL A 41 -7.64 3.45 11.47
N HIS A 42 -8.92 3.25 11.76
CA HIS A 42 -9.84 4.36 11.93
C HIS A 42 -9.73 4.91 13.35
N GLN A 43 -8.79 4.34 14.10
CA GLN A 43 -8.57 4.76 15.47
C GLN A 43 -7.22 5.47 15.60
N VAL A 44 -6.32 5.14 14.69
CA VAL A 44 -5.00 5.74 14.68
C VAL A 44 -5.05 7.09 13.95
N PRO A 45 -4.13 8.00 14.36
CA PRO A 45 -4.07 9.32 13.76
C PRO A 45 -3.44 9.25 12.36
N THR A 46 -3.45 10.39 11.69
CA THR A 46 -2.87 10.48 10.36
C THR A 46 -1.35 10.51 10.43
N GLU A 47 -0.84 10.54 11.65
CA GLU A 47 0.58 10.58 11.87
C GLU A 47 1.18 9.17 11.80
N ASN A 48 0.32 8.20 12.05
CA ASN A 48 0.74 6.80 12.00
C ASN A 48 0.49 6.24 10.61
N VAL A 49 -0.24 7.01 9.82
CA VAL A 49 -0.56 6.58 8.46
C VAL A 49 0.21 7.46 7.48
N GLN A 50 1.18 6.84 6.80
CA GLN A 50 1.99 7.54 5.83
C GLN A 50 1.87 6.88 4.46
N VAL A 51 1.15 7.56 3.57
CA VAL A 51 0.96 7.05 2.22
C VAL A 51 1.42 8.10 1.21
N HIS A 52 2.19 7.64 0.23
CA HIS A 52 2.70 8.52 -0.80
C HIS A 52 2.30 7.98 -2.17
N PHE A 53 1.71 8.87 -2.98
CA PHE A 53 1.29 8.48 -4.32
C PHE A 53 2.32 8.93 -5.36
N THR A 54 2.42 8.13 -6.41
CA THR A 54 3.36 8.42 -7.48
C THR A 54 2.65 8.37 -8.84
N GLU A 55 3.46 8.31 -9.89
CA GLU A 55 2.93 8.25 -11.24
C GLU A 55 2.39 6.85 -11.54
N ARG A 56 3.13 5.85 -11.08
CA ARG A 56 2.74 4.47 -11.29
C ARG A 56 3.07 3.63 -10.06
N SER A 57 2.56 4.09 -8.92
CA SER A 57 2.79 3.39 -7.66
C SER A 57 2.19 4.19 -6.51
N PHE A 58 2.22 3.57 -5.34
CA PHE A 58 1.68 4.21 -4.14
C PHE A 58 2.00 3.41 -2.89
N ASP A 59 2.58 4.09 -1.91
CA ASP A 59 2.94 3.45 -0.67
C ASP A 59 1.96 3.87 0.43
N LEU A 60 1.81 2.99 1.41
CA LEU A 60 0.91 3.25 2.52
C LEU A 60 1.49 2.64 3.79
N LEU A 61 1.83 3.52 4.73
CA LEU A 61 2.39 3.08 6.00
C LEU A 61 1.29 3.10 7.07
N VAL A 62 1.41 2.18 8.01
CA VAL A 62 0.45 2.09 9.10
C VAL A 62 1.15 1.62 10.37
N LYS A 63 1.41 2.57 11.24
CA LYS A 63 2.08 2.27 12.50
C LYS A 63 1.07 2.32 13.64
N ASN A 64 1.46 1.73 14.76
CA ASN A 64 0.59 1.70 15.93
C ASN A 64 -0.85 1.43 15.49
N LEU A 65 -1.19 0.15 15.46
CA LEU A 65 -2.52 -0.26 15.05
C LEU A 65 -3.12 -1.18 16.12
N ASN A 66 -3.56 -2.35 15.66
CA ASN A 66 -4.15 -3.32 16.56
C ASN A 66 -3.03 -4.06 17.31
N GLY A 67 -2.42 -3.36 18.25
CA GLY A 67 -1.34 -3.93 19.05
C GLY A 67 -0.15 -4.28 18.16
N LYS A 68 -0.12 -3.64 16.99
CA LYS A 68 0.96 -3.88 16.05
C LYS A 68 0.94 -2.81 14.96
N SER A 69 1.78 -2.99 13.96
CA SER A 69 1.86 -2.05 12.85
C SER A 69 1.67 -2.79 11.53
N TYR A 70 1.23 -2.05 10.52
CA TYR A 70 1.01 -2.62 9.20
C TYR A 70 1.63 -1.75 8.12
N SER A 71 2.02 -2.40 7.04
CA SER A 71 2.63 -1.70 5.92
C SER A 71 2.08 -2.22 4.60
N MET A 72 1.84 -1.29 3.67
CA MET A 72 1.31 -1.65 2.38
C MET A 72 1.84 -0.70 1.29
N ILE A 73 2.55 -1.29 0.34
CA ILE A 73 3.12 -0.52 -0.76
C ILE A 73 2.88 -1.26 -2.07
N VAL A 74 2.67 -0.48 -3.12
CA VAL A 74 2.43 -1.04 -4.44
C VAL A 74 3.39 -0.41 -5.45
N ASN A 75 4.17 -1.26 -6.09
CA ASN A 75 5.12 -0.79 -7.08
C ASN A 75 4.79 -1.41 -8.44
N ASN A 76 4.71 -0.55 -9.44
CA ASN A 76 4.40 -1.00 -10.79
C ASN A 76 2.89 -1.15 -10.95
N LEU A 77 2.25 -0.06 -11.34
CA LEU A 77 0.81 -0.05 -11.53
C LEU A 77 0.49 -0.23 -13.01
N LEU A 78 -0.43 -1.15 -13.27
CA LEU A 78 -0.83 -1.43 -14.64
C LEU A 78 -0.89 -0.12 -15.43
N LYS A 79 -1.51 0.88 -14.82
CA LYS A 79 -1.64 2.19 -15.45
C LYS A 79 -1.17 3.27 -14.48
N PRO A 80 -0.84 4.45 -15.05
CA PRO A 80 -0.37 5.57 -14.25
C PRO A 80 -1.53 6.22 -13.49
N ILE A 81 -1.17 7.05 -12.52
CA ILE A 81 -2.16 7.74 -11.72
C ILE A 81 -1.70 9.17 -11.44
N SER A 82 -2.65 10.09 -11.45
CA SER A 82 -2.35 11.48 -11.20
C SER A 82 -2.13 11.72 -9.70
N VAL A 83 -0.86 11.76 -9.32
CA VAL A 83 -0.51 11.97 -7.93
C VAL A 83 -1.41 13.05 -7.34
N GLU A 84 -1.43 14.19 -8.01
CA GLU A 84 -2.24 15.31 -7.56
C GLU A 84 -3.59 14.82 -7.03
N GLY A 85 -4.25 14.02 -7.85
CA GLY A 85 -5.54 13.47 -7.49
C GLY A 85 -5.39 12.33 -6.48
N SER A 86 -4.29 11.60 -6.61
CA SER A 86 -4.01 10.50 -5.72
C SER A 86 -4.20 10.93 -4.27
N SER A 87 -5.22 10.38 -3.64
CA SER A 87 -5.52 10.70 -2.25
C SER A 87 -5.68 9.42 -1.44
N LYS A 88 -5.75 9.59 -0.13
CA LYS A 88 -5.90 8.46 0.77
C LYS A 88 -7.06 8.72 1.74
N LYS A 89 -7.81 7.66 2.01
CA LYS A 89 -8.94 7.77 2.91
C LYS A 89 -8.91 6.61 3.90
N VAL A 90 -9.70 6.75 4.97
CA VAL A 90 -9.76 5.72 5.99
C VAL A 90 -11.23 5.48 6.36
N LYS A 91 -11.64 4.22 6.22
CA LYS A 91 -13.01 3.84 6.54
C LYS A 91 -13.00 2.90 7.75
N THR A 92 -14.20 2.69 8.30
CA THR A 92 -14.34 1.82 9.45
C THR A 92 -13.53 0.54 9.26
N ASP A 93 -12.55 0.37 10.13
CA ASP A 93 -11.70 -0.82 10.07
C ASP A 93 -11.28 -1.07 8.62
N THR A 94 -11.01 0.02 7.91
CA THR A 94 -10.60 -0.07 6.53
C THR A 94 -9.85 1.20 6.10
N VAL A 95 -8.91 1.02 5.19
CA VAL A 95 -8.12 2.14 4.70
C VAL A 95 -8.33 2.28 3.19
N LEU A 96 -8.83 3.45 2.81
CA LEU A 96 -9.08 3.73 1.41
C LEU A 96 -7.86 4.43 0.80
N ILE A 97 -7.59 4.06 -0.45
CA ILE A 97 -6.46 4.64 -1.15
C ILE A 97 -6.91 5.09 -2.54
N LEU A 98 -7.33 6.35 -2.62
CA LEU A 98 -7.78 6.91 -3.87
C LEU A 98 -6.57 7.20 -4.76
N CYS A 99 -6.61 6.62 -5.95
CA CYS A 99 -5.52 6.81 -6.90
C CYS A 99 -6.10 7.43 -8.18
N ARG A 100 -5.73 8.68 -8.42
CA ARG A 100 -6.20 9.39 -9.59
C ARG A 100 -5.83 8.63 -10.86
N LYS A 101 -6.70 8.72 -11.85
CA LYS A 101 -6.48 8.06 -13.12
C LYS A 101 -5.90 9.05 -14.12
N LYS A 102 -4.78 8.65 -14.72
CA LYS A 102 -4.11 9.50 -15.70
C LYS A 102 -5.00 9.63 -16.94
N VAL A 103 -5.73 8.56 -17.22
CA VAL A 103 -6.62 8.54 -18.37
C VAL A 103 -7.78 7.58 -18.10
N GLU A 104 -8.98 8.15 -18.09
CA GLU A 104 -10.18 7.35 -17.84
C GLU A 104 -10.38 6.35 -18.97
N ASN A 105 -11.46 5.58 -18.85
CA ASN A 105 -11.78 4.58 -19.85
C ASN A 105 -10.59 3.61 -20.01
N THR A 106 -9.98 3.28 -18.88
CA THR A 106 -8.85 2.38 -18.89
C THR A 106 -9.02 1.31 -17.80
N ARG A 107 -9.44 0.13 -18.23
CA ARG A 107 -9.64 -0.98 -17.31
C ARG A 107 -8.30 -1.43 -16.73
N TRP A 108 -8.37 -1.97 -15.52
CA TRP A 108 -7.18 -2.45 -14.85
C TRP A 108 -7.33 -3.96 -14.63
N ASP A 109 -6.73 -4.72 -15.54
CA ASP A 109 -6.79 -6.17 -15.47
C ASP A 109 -5.99 -6.64 -14.25
N TYR A 110 -5.23 -5.72 -13.68
CA TYR A 110 -4.42 -6.02 -12.53
C TYR A 110 -3.99 -4.74 -11.80
N LEU A 111 -3.77 -4.89 -10.50
CA LEU A 111 -3.36 -3.77 -9.67
C LEU A 111 -1.96 -3.32 -10.08
N THR A 112 -1.14 -4.31 -10.45
CA THR A 112 0.22 -4.04 -10.87
C THR A 112 0.59 -4.89 -12.08
N GLN A 113 1.55 -4.39 -12.85
CA GLN A 113 1.99 -5.09 -14.04
C GLN A 113 2.50 -6.49 -13.67
N VAL A 114 3.25 -6.55 -12.57
CA VAL A 114 3.80 -7.81 -12.10
C VAL A 114 2.76 -8.91 -12.30
N GLU A 115 1.62 -8.76 -11.63
CA GLU A 115 0.55 -9.73 -11.73
C GLU A 115 0.29 -10.08 -13.19
N LYS A 116 0.07 -9.05 -13.99
CA LYS A 116 -0.20 -9.23 -15.40
C LYS A 116 0.89 -10.12 -16.01
N GLU A 117 2.09 -9.58 -16.07
CA GLU A 117 3.22 -10.31 -16.61
C GLU A 117 3.23 -11.75 -16.09
N CYS A 118 2.83 -11.88 -14.83
CA CYS A 118 2.79 -13.20 -14.20
C CYS A 118 1.65 -13.99 -14.83
N LYS A 119 0.43 -13.55 -14.55
CA LYS A 119 -0.74 -14.22 -15.09
C LYS A 119 -0.48 -14.62 -16.54
N GLU A 120 -0.07 -13.64 -17.33
CA GLU A 120 0.21 -13.88 -18.74
C GLU A 120 1.70 -14.23 -18.92
N LYS A 121 2.11 -14.25 -20.17
CA LYS A 121 3.49 -14.56 -20.51
C LYS A 121 4.42 -13.59 -19.77
N SER A 122 5.48 -14.15 -19.21
CA SER A 122 6.45 -13.35 -18.48
C SER A 122 7.67 -13.07 -19.36
N GLY A 123 8.15 -11.85 -19.27
CA GLY A 123 9.31 -11.44 -20.05
C GLY A 123 9.06 -10.10 -20.75
N PRO A 124 9.71 -9.04 -20.20
CA PRO A 124 9.57 -7.70 -20.75
C PRO A 124 10.35 -7.56 -22.05
N SER A 125 9.62 -7.39 -23.14
CA SER A 125 10.25 -7.24 -24.45
C SER A 125 11.03 -8.50 -24.81
N SER A 126 10.28 -9.55 -25.14
CA SER A 126 10.88 -10.82 -25.49
C SER A 126 11.41 -10.75 -26.93
N GLY A 127 12.73 -10.87 -27.04
CA GLY A 127 13.38 -10.82 -28.33
C GLY A 127 14.26 -9.57 -28.47
#